data_8RMP
#
_entry.id   8RMP
#
_cell.length_a   1.00
_cell.length_b   1.00
_cell.length_c   1.00
_cell.angle_alpha   90.00
_cell.angle_beta   90.00
_cell.angle_gamma   90.00
#
_symmetry.space_group_name_H-M   'P 1'
#
loop_
_entity.id
_entity.type
_entity.pdbx_description
1 polymer 'Polymerase acidic protein'
2 polymer 'RNA-directed RNA polymerase catalytic subunit'
3 polymer 'Polymerase basic protein 2'
4 non-polymer 'MAGNESIUM ION'
#
loop_
_entity_poly.entity_id
_entity_poly.type
_entity_poly.pdbx_seq_one_letter_code
_entity_poly.pdbx_strand_id
1 'polypeptide(L)'
;MEDFVRQCFNPMIVELAEKAMKEYGEDPKIETNKFASICTHLEVCFMYSDFHFIDERGESTIIESGDPNVLLKHRFEIIE
GRDRTMAWTVVNSICNTTGVEKPKFLPDLYDYKENRFIEIGVTRREVHIYYLEKANKIKSEKTHIHIFSFTGEEMATKAD
YTLDEESRARIKTRLFTIRQEMASRGLWDSFRQSERGEETIEERFEITGTMRRLADQSLPPNFSSLENFRAYVDGFEPNG
CIEGKLSQMSKEVNARIEPFLRTTPRPLRLPDGPPCSQRSKFLLMDALKLSIEDPSHEGEGIPLYDAIKCMKTFFGWKEP
NIIKPHEKGINPNYLLTWKQVLAELQDIKNEEKIPRTKNMKKTSQLKWALGENMAPEKVDFEDCKDVNDLKQYDSDEPEP
RSLACWIQSEFNKACELTDSSWVELDEIGEDVAPIEHIASMRRNYFTAEVSHCRATEYIMKGVYINTALLNASCAAMDDF
QLIPMISKCITKEGRRKTNLYGFIIKGRSHLRNDTDVVNFVSMEFSLTDPRLEPHKWEKYCVLEIGDMLLRTAVGQVSRP
MFLYVRTNGTSKIKMKWGMEMRRCLLQSLQQIESMIEAESSVKEKDLTKEFFENKSETWPIGESPKGVEEGSIGKVCRTL
LAKSVFNSLYASPQLEGFSAESRKLLLIVQALRDNLEPGTFDLEGLYEAIEECLINDPWVLLNASWFNSFLTHALR
;
A
2 'polypeptide(L)'
;MDVNPTLLFLKVPVQNAISTTFPYTGDPPYSHGTGTGYTMDTVNRTHKYSEKGKWTTNTETGAPQLNPIDGPLPEDNEPS
GYAQTDCVLEAMAFLEESHPGIFENSCLETMEIVQQTRVDKLTQGRQTYDWTLNRNQPAATALANTIEVFRSNGLTANES
GRLIDFLKDVMDSMDKEEMEITTHFQRKRRVRDNMTKKMVTQRTIGKKKQRLNKRSYLIRALTLNTMTKDAERGKLKRRA
IATPGMQIRGFVYFVEALARSICEKLEQSGLPVGGNEKKAKLANVVRKMMTNSQDTELSFTITGDNTKWNENQNPRMFLA
MITYITRNQPEWFRNVLSIAPIMFSNKMARLGKGYMFESKSMKLRTQVPAEMLANIDLKYFNKSTREKIEKIRPLLIDGT
ASLSPGMMMGMFNMLSTVLGVSILNLGQKKYTKTTYWWDGLQSSDDFALIVNAPNHEGIQAGVDRFYRTCKLVGINMSKK
KSYINRTGTFEFTSFFYRYGFVANFSMELPSFGVSGINESADMSVGVTVIKNNMINNDLGPATAQMALQLFIKDYRYTYR
CHRGDTQIQTRRAFELGKLWEQTRSKAGLLVSDGGPNLYNIRNLHIPEVCLKWELMDEDYQGRLCNPMNPFVSHKEIDSV
NNAVVMPAHGPAKSMEYDAVATTHSWIPKRNRSILNTSQRGILEDEQMYQKCCNLFEKFFPSSSYRRPVGISSMVEAMVS
RARIDARIDFESGRIKKEEFAEIMKICSTIEELRRQK
;
B
3 'polypeptide(L)'
;MERIKELRDLMSQSRTREILTKTTVDHMAIIKKYTSGRQEKNPALRMKWMMAMKYPITADKRIMEMIPERNEQRQTLWSK
TNDAGSDRVMVSPLAVTWWNRNGPTTSTVHYPKVYKTYFEKVERLKHGTFGPVHFRNQVKIRRRVDINPGHADLSAKEAQ
DVIMEVVFPNEVGARILTSESQLTITKEKKKELQDCKIAPLMVAYMLERELVRKTRFLPVAGGTSSVYIEVLHLTQGTCW
EQMYTPGGEVRNDDVDQSLIIAARNIVRRATVSADPLASLLEMCHSTQIGGVRMVDILRQNPTEEQAVDICKAAMGLRIS
SSFSFGGFTFKRTSGSSVKREEEVLTGNLQTLKIRVHEGYEEFTMVGRRATAILRKATRRLIQLIVSGKDEQSIAEAIIV
AMVFSQEDCMIKAVRGDLNFVNRANQRLNPMHQLLRHFQKDAKVLFQNWGIEPIDNVMGMIGILPDMTPSTEMSLRGVRV
SKMGVDEYSSTERVVVSIDRFLRVRDQRGNVLLSPEEVSETQGTEKLTITYSSSMMWEINGPESVLVNTYQWIIRNWENV
KIQWSQDPTMLYNKMEFEPFQSLVPKAARGQYSGFVRVLFQQMRDVLGTFDTVQIIKLLPFAAAPPEQSRMQFSSLTVNV
RGSGMRIVVRGNSPVFNYNKATKRLTVLGKDAGALMEDPDEGTAGVESAVLRGFLILGKENKRYGPALSINELSNLAKGE
KANVLIGQGDVVLVMKRKRDSSILTDSQTATKRIRMAINGWSHPQFEKGGGSGGGSGGSAWSHPQFEK
;
C
#
loop_
_chem_comp.id
_chem_comp.type
_chem_comp.name
_chem_comp.formula
MG non-polymer 'MAGNESIUM ION' 'Mg 2'
#
# COMPACT_ATOMS: atom_id res chain seq x y z
N MET A 1 -26.28 1.34 -11.27
CA MET A 1 -27.26 2.16 -12.01
C MET A 1 -28.68 1.73 -11.66
N GLU A 2 -28.92 0.42 -11.74
CA GLU A 2 -30.26 -0.11 -11.48
C GLU A 2 -30.70 0.22 -10.05
N ASP A 3 -29.79 0.11 -9.10
CA ASP A 3 -30.13 0.45 -7.71
C ASP A 3 -30.55 1.91 -7.60
N PHE A 4 -29.84 2.81 -8.28
CA PHE A 4 -30.21 4.22 -8.24
C PHE A 4 -31.59 4.45 -8.82
N VAL A 5 -31.90 3.79 -9.95
CA VAL A 5 -33.20 3.95 -10.57
C VAL A 5 -34.29 3.46 -9.63
N ARG A 6 -34.08 2.30 -9.01
CA ARG A 6 -35.10 1.74 -8.12
C ARG A 6 -35.30 2.62 -6.89
N GLN A 7 -34.21 3.15 -6.33
CA GLN A 7 -34.30 3.92 -5.09
C GLN A 7 -34.69 5.37 -5.32
N CYS A 8 -34.65 5.86 -6.56
CA CYS A 8 -34.96 7.25 -6.85
C CYS A 8 -36.40 7.44 -7.31
N PHE A 9 -36.88 6.56 -8.18
CA PHE A 9 -38.18 6.75 -8.81
C PHE A 9 -39.30 6.20 -7.93
N ASN A 10 -40.48 6.77 -8.11
CA ASN A 10 -41.66 6.33 -7.36
C ASN A 10 -41.92 4.86 -7.67
N PRO A 11 -42.19 4.02 -6.66
CA PRO A 11 -42.33 2.58 -6.93
C PRO A 11 -43.35 2.26 -8.00
N MET A 12 -44.48 2.98 -8.05
CA MET A 12 -45.46 2.72 -9.09
C MET A 12 -44.87 3.02 -10.47
N ILE A 13 -44.08 4.10 -10.58
CA ILE A 13 -43.43 4.42 -11.84
C ILE A 13 -42.44 3.32 -12.21
N VAL A 14 -41.72 2.78 -11.23
CA VAL A 14 -40.80 1.69 -11.49
C VAL A 14 -41.56 0.49 -12.03
N GLU A 15 -42.72 0.19 -11.44
CA GLU A 15 -43.52 -0.94 -11.91
C GLU A 15 -44.03 -0.69 -13.33
N LEU A 16 -44.46 0.53 -13.63
CA LEU A 16 -44.93 0.84 -14.98
C LEU A 16 -43.80 0.64 -15.98
N ALA A 17 -42.61 1.13 -15.66
CA ALA A 17 -41.48 0.96 -16.57
C ALA A 17 -41.13 -0.52 -16.73
N GLU A 18 -41.15 -1.27 -15.62
CA GLU A 18 -40.87 -2.70 -15.68
C GLU A 18 -41.83 -3.40 -16.61
N LYS A 19 -43.13 -3.15 -16.46
CA LYS A 19 -44.13 -3.79 -17.30
C LYS A 19 -43.99 -3.36 -18.76
N ALA A 20 -43.73 -2.06 -18.99
CA ALA A 20 -43.60 -1.58 -20.36
C ALA A 20 -42.41 -2.22 -21.05
N MET A 21 -41.29 -2.38 -20.34
CA MET A 21 -40.13 -2.99 -20.96
C MET A 21 -40.30 -4.50 -21.09
N LYS A 22 -41.04 -5.12 -20.18
CA LYS A 22 -41.36 -6.54 -20.32
C LYS A 22 -42.24 -6.79 -21.53
N GLU A 23 -43.09 -5.81 -21.88
CA GLU A 23 -43.91 -5.93 -23.07
C GLU A 23 -43.05 -6.19 -24.31
N TYR A 24 -41.83 -5.65 -24.33
CA TYR A 24 -40.90 -5.88 -25.42
C TYR A 24 -39.90 -7.00 -25.12
N GLY A 25 -40.03 -7.67 -23.98
CA GLY A 25 -39.14 -8.75 -23.64
C GLY A 25 -37.71 -8.32 -23.44
N GLU A 26 -37.50 -7.23 -22.70
CA GLU A 26 -36.17 -6.71 -22.41
C GLU A 26 -35.91 -6.80 -20.92
N ASP A 27 -34.66 -7.12 -20.55
CA ASP A 27 -34.30 -7.36 -19.16
C ASP A 27 -33.72 -6.09 -18.56
N PRO A 28 -34.38 -5.46 -17.58
CA PRO A 28 -33.76 -4.30 -16.92
C PRO A 28 -32.39 -4.59 -16.32
N LYS A 29 -32.23 -5.76 -15.70
CA LYS A 29 -30.95 -6.08 -15.07
C LYS A 29 -29.81 -6.11 -16.07
N ILE A 30 -30.10 -6.34 -17.35
CA ILE A 30 -29.06 -6.41 -18.37
C ILE A 30 -29.02 -5.16 -19.24
N GLU A 31 -30.11 -4.40 -19.33
CA GLU A 31 -30.16 -3.15 -20.08
C GLU A 31 -30.73 -2.09 -19.15
N THR A 32 -29.87 -1.46 -18.35
CA THR A 32 -30.32 -0.48 -17.37
C THR A 32 -30.49 0.91 -17.95
N ASN A 33 -29.75 1.24 -19.02
CA ASN A 33 -29.90 2.55 -19.65
C ASN A 33 -31.31 2.74 -20.18
N LYS A 34 -31.83 1.73 -20.88
CA LYS A 34 -33.20 1.80 -21.39
C LYS A 34 -34.20 1.89 -20.24
N PHE A 35 -33.95 1.15 -19.16
CA PHE A 35 -34.84 1.19 -18.01
C PHE A 35 -34.91 2.60 -17.44
N ALA A 36 -33.75 3.24 -17.26
CA ALA A 36 -33.72 4.59 -16.72
C ALA A 36 -34.37 5.58 -17.68
N SER A 37 -34.14 5.41 -18.99
CA SER A 37 -34.77 6.30 -19.96
C SER A 37 -36.29 6.21 -19.88
N ILE A 38 -36.83 4.99 -19.83
CA ILE A 38 -38.28 4.83 -19.75
C ILE A 38 -38.80 5.39 -18.43
N CYS A 39 -38.08 5.16 -17.34
CA CYS A 39 -38.52 5.69 -16.04
C CYS A 39 -38.58 7.21 -16.07
N THR A 40 -37.54 7.86 -16.62
CA THR A 40 -37.55 9.31 -16.70
C THR A 40 -38.69 9.81 -17.57
N HIS A 41 -38.91 9.16 -18.71
CA HIS A 41 -40.00 9.58 -19.60
C HIS A 41 -41.35 9.46 -18.89
N LEU A 42 -41.58 8.35 -18.20
CA LEU A 42 -42.85 8.17 -17.51
C LEU A 42 -43.02 9.17 -16.37
N GLU A 43 -41.95 9.44 -15.62
CA GLU A 43 -42.05 10.42 -14.54
C GLU A 43 -42.36 11.81 -15.10
N VAL A 44 -41.71 12.18 -16.20
CA VAL A 44 -42.00 13.47 -16.81
C VAL A 44 -43.45 13.51 -17.29
N CYS A 45 -43.93 12.41 -17.87
CA CYS A 45 -45.33 12.34 -18.27
C CYS A 45 -46.26 12.60 -17.08
N PHE A 46 -46.02 11.90 -15.97
CA PHE A 46 -46.89 12.05 -14.81
C PHE A 46 -46.85 13.48 -14.27
N MET A 47 -45.65 14.04 -14.14
CA MET A 47 -45.55 15.41 -13.63
C MET A 47 -46.21 16.41 -14.56
N TYR A 48 -46.12 16.18 -15.87
CA TYR A 48 -46.84 17.00 -16.83
C TYR A 48 -48.34 16.93 -16.60
N SER A 49 -48.88 15.71 -16.44
CA SER A 49 -50.31 15.56 -16.24
C SER A 49 -50.73 15.92 -14.82
N ASP A 50 -49.85 15.72 -13.84
CA ASP A 50 -50.22 15.88 -12.44
C ASP A 50 -50.53 17.34 -12.12
N PHE A 51 -51.34 17.54 -11.09
CA PHE A 51 -51.66 18.87 -10.58
C PHE A 51 -52.32 19.74 -11.66
N HIS A 52 -53.34 19.19 -12.30
CA HIS A 52 -54.10 19.93 -13.31
C HIS A 52 -55.53 19.42 -13.33
N PHE A 53 -56.47 20.34 -13.56
CA PHE A 53 -57.88 20.01 -13.58
C PHE A 53 -58.61 20.97 -14.50
N ILE A 54 -59.87 20.65 -14.79
CA ILE A 54 -60.73 21.47 -15.64
C ILE A 54 -61.94 21.89 -14.80
N ASP A 55 -62.22 23.19 -14.79
CA ASP A 55 -63.34 23.73 -14.02
C ASP A 55 -64.65 23.56 -14.79
N GLU A 56 -65.74 24.05 -14.18
CA GLU A 56 -67.05 23.88 -14.77
C GLU A 56 -67.25 24.73 -16.02
N ARG A 57 -66.43 25.77 -16.20
CA ARG A 57 -66.52 26.64 -17.37
C ARG A 57 -65.56 26.24 -18.49
N GLY A 58 -64.84 25.13 -18.32
CA GLY A 58 -63.86 24.70 -19.29
C GLY A 58 -62.48 25.31 -19.12
N GLU A 59 -62.31 26.23 -18.17
CA GLU A 59 -61.01 26.83 -17.92
C GLU A 59 -60.11 25.85 -17.18
N SER A 60 -58.82 26.17 -17.15
CA SER A 60 -57.83 25.34 -16.48
C SER A 60 -57.63 25.84 -15.06
N THR A 61 -57.85 24.95 -14.09
CA THR A 61 -57.70 25.28 -12.67
C THR A 61 -56.75 24.29 -12.02
N ILE A 62 -55.88 24.80 -11.17
CA ILE A 62 -54.88 23.99 -10.47
C ILE A 62 -55.37 23.74 -9.05
N ILE A 63 -55.53 22.47 -8.70
CA ILE A 63 -56.02 22.10 -7.38
C ILE A 63 -54.87 21.53 -6.55
N LYS A 73 -62.26 16.67 -13.53
CA LYS A 73 -61.73 16.27 -14.83
C LYS A 73 -60.26 16.66 -14.96
N HIS A 74 -59.40 15.66 -15.21
CA HIS A 74 -57.99 15.95 -15.42
C HIS A 74 -57.81 16.68 -16.76
N ARG A 75 -57.05 17.77 -16.72
CA ARG A 75 -56.81 18.53 -17.95
C ARG A 75 -56.13 17.67 -19.00
N PHE A 76 -55.13 16.89 -18.59
CA PHE A 76 -54.37 16.04 -19.49
C PHE A 76 -54.79 14.59 -19.32
N GLU A 77 -54.91 13.88 -20.43
CA GLU A 77 -55.17 12.44 -20.44
C GLU A 77 -53.91 11.72 -20.87
N ILE A 78 -53.47 10.76 -20.06
CA ILE A 78 -52.22 10.05 -20.31
C ILE A 78 -52.45 8.98 -21.39
N ILE A 79 -51.48 8.85 -22.30
CA ILE A 79 -51.56 7.87 -23.36
C ILE A 79 -50.36 6.94 -23.40
N GLU A 80 -49.22 7.31 -22.80
CA GLU A 80 -48.02 6.49 -22.83
C GLU A 80 -47.89 5.58 -21.62
N GLY A 81 -48.83 5.61 -20.69
CA GLY A 81 -48.75 4.79 -19.49
C GLY A 81 -49.63 3.55 -19.55
N ARG A 82 -50.04 3.15 -20.75
CA ARG A 82 -50.96 2.03 -20.93
C ARG A 82 -50.48 1.16 -22.08
N ASP A 83 -51.10 -0.01 -22.20
CA ASP A 83 -50.76 -0.94 -23.26
C ASP A 83 -51.02 -0.32 -24.62
N ARG A 84 -50.49 -0.99 -25.66
CA ARG A 84 -50.75 -0.54 -27.02
C ARG A 84 -52.24 -0.58 -27.33
N THR A 85 -52.91 -1.66 -26.96
CA THR A 85 -54.35 -1.78 -27.23
C THR A 85 -55.13 -0.69 -26.52
N MET A 86 -54.88 -0.50 -25.22
CA MET A 86 -55.62 0.52 -24.47
C MET A 86 -55.27 1.92 -24.96
N ALA A 87 -54.00 2.17 -25.27
CA ALA A 87 -53.61 3.49 -25.77
C ALA A 87 -54.31 3.80 -27.09
N TRP A 88 -54.33 2.82 -28.00
CA TRP A 88 -55.02 3.03 -29.27
C TRP A 88 -56.51 3.23 -29.05
N THR A 89 -57.12 2.46 -28.15
CA THR A 89 -58.54 2.62 -27.88
C THR A 89 -58.85 4.01 -27.35
N VAL A 90 -58.04 4.50 -26.40
CA VAL A 90 -58.32 5.81 -25.81
C VAL A 90 -58.08 6.92 -26.81
N VAL A 91 -57.03 6.82 -27.62
CA VAL A 91 -56.78 7.88 -28.60
C VAL A 91 -57.89 7.89 -29.65
N ASN A 92 -58.36 6.70 -30.06
CA ASN A 92 -59.47 6.65 -30.99
C ASN A 92 -60.74 7.22 -30.38
N SER A 93 -60.98 6.94 -29.10
CA SER A 93 -62.14 7.51 -28.43
C SER A 93 -62.07 9.03 -28.39
N ILE A 94 -60.89 9.58 -28.08
CA ILE A 94 -60.73 11.02 -28.07
C ILE A 94 -60.97 11.59 -29.46
N CYS A 95 -60.41 10.95 -30.49
CA CYS A 95 -60.55 11.47 -31.84
C CYS A 95 -62.02 11.45 -32.27
N ASN A 96 -62.75 10.38 -31.94
CA ASN A 96 -64.15 10.30 -32.32
C ASN A 96 -64.99 11.32 -31.55
N THR A 97 -64.78 11.43 -30.23
CA THR A 97 -65.60 12.34 -29.45
C THR A 97 -65.34 13.79 -29.81
N THR A 98 -64.08 14.15 -30.04
CA THR A 98 -63.70 15.53 -30.34
C THR A 98 -63.44 15.76 -31.83
N GLY A 99 -63.51 14.72 -32.65
CA GLY A 99 -63.30 14.91 -34.08
C GLY A 99 -61.93 15.45 -34.45
N VAL A 100 -60.88 14.93 -33.81
CA VAL A 100 -59.51 15.37 -34.07
C VAL A 100 -58.87 14.41 -35.06
N GLU A 101 -57.94 14.93 -35.85
CA GLU A 101 -57.25 14.11 -36.83
C GLU A 101 -56.47 13.00 -36.15
N LYS A 102 -56.49 11.82 -36.75
CA LYS A 102 -55.82 10.67 -36.16
C LYS A 102 -54.31 10.85 -36.26
N PRO A 103 -53.57 10.87 -35.15
CA PRO A 103 -52.11 11.01 -35.25
C PRO A 103 -51.48 9.80 -35.93
N LYS A 104 -50.44 10.06 -36.72
CA LYS A 104 -49.75 8.98 -37.41
C LYS A 104 -49.06 8.05 -36.43
N PHE A 105 -48.48 8.61 -35.37
CA PHE A 105 -47.77 7.83 -34.35
C PHE A 105 -48.43 8.04 -33.00
N LEU A 106 -48.15 7.13 -32.08
CA LEU A 106 -48.78 7.17 -30.77
C LEU A 106 -48.38 8.46 -30.05
N PRO A 107 -49.33 9.26 -29.58
CA PRO A 107 -48.99 10.44 -28.78
C PRO A 107 -48.85 10.07 -27.30
N ASP A 108 -48.31 11.03 -26.55
CA ASP A 108 -48.07 10.82 -25.12
C ASP A 108 -49.24 11.32 -24.27
N LEU A 109 -49.60 12.59 -24.43
CA LEU A 109 -50.67 13.19 -23.65
C LEU A 109 -51.69 13.83 -24.58
N TYR A 110 -52.93 13.88 -24.11
CA TYR A 110 -54.02 14.57 -24.79
C TYR A 110 -54.43 15.77 -23.95
N ASP A 111 -54.40 16.95 -24.55
CA ASP A 111 -54.78 18.19 -23.89
C ASP A 111 -56.24 18.49 -24.17
N TYR A 112 -57.04 18.49 -23.11
CA TYR A 112 -58.47 18.79 -23.24
C TYR A 112 -58.70 20.28 -23.51
N LYS A 113 -58.00 21.15 -22.76
CA LYS A 113 -58.25 22.57 -22.88
C LYS A 113 -57.96 23.06 -24.29
N GLU A 114 -56.85 22.63 -24.88
CA GLU A 114 -56.54 22.94 -26.26
C GLU A 114 -57.05 21.89 -27.23
N ASN A 115 -57.56 20.76 -26.73
CA ASN A 115 -58.10 19.69 -27.57
C ASN A 115 -57.11 19.30 -28.66
N ARG A 116 -55.96 18.79 -28.23
CA ARG A 116 -54.92 18.40 -29.17
C ARG A 116 -54.06 17.30 -28.54
N PHE A 117 -53.05 16.85 -29.28
CA PHE A 117 -52.15 15.81 -28.83
C PHE A 117 -50.76 16.40 -28.66
N ILE A 118 -50.20 16.23 -27.46
CA ILE A 118 -48.89 16.77 -27.11
C ILE A 118 -47.97 15.61 -26.76
N GLU A 119 -46.77 15.64 -27.32
CA GLU A 119 -45.75 14.63 -27.07
C GLU A 119 -44.55 15.30 -26.43
N ILE A 120 -43.95 14.62 -25.44
CA ILE A 120 -42.84 15.15 -24.67
C ILE A 120 -41.62 14.28 -24.87
N GLY A 121 -40.48 14.93 -25.10
CA GLY A 121 -39.23 14.24 -25.30
C GLY A 121 -38.14 14.69 -24.36
N VAL A 122 -37.62 13.78 -23.55
CA VAL A 122 -36.53 14.08 -22.62
C VAL A 122 -35.23 13.74 -23.34
N THR A 123 -34.39 14.75 -23.54
CA THR A 123 -33.16 14.60 -24.33
C THR A 123 -31.95 14.80 -23.45
N ARG A 124 -30.99 13.87 -23.54
CA ARG A 124 -29.71 14.03 -22.88
C ARG A 124 -28.83 15.02 -23.63
N ARG A 125 -28.99 15.12 -24.95
CA ARG A 125 -28.20 16.01 -25.78
C ARG A 125 -28.90 17.36 -25.93
N GLU A 126 -28.43 18.18 -26.87
CA GLU A 126 -28.99 19.51 -27.08
C GLU A 126 -30.47 19.42 -27.44
N VAL A 127 -31.23 20.42 -26.98
CA VAL A 127 -32.68 20.41 -27.18
C VAL A 127 -33.02 20.65 -28.64
N HIS A 128 -32.32 21.56 -29.31
CA HIS A 128 -32.67 21.89 -30.69
C HIS A 128 -32.50 20.67 -31.60
N ILE A 129 -31.45 19.88 -31.39
CA ILE A 129 -31.23 18.71 -32.21
C ILE A 129 -32.38 17.72 -32.04
N TYR A 130 -32.77 17.46 -30.80
CA TYR A 130 -33.87 16.55 -30.55
C TYR A 130 -35.17 17.07 -31.15
N TYR A 131 -35.42 18.37 -31.04
CA TYR A 131 -36.63 18.95 -31.61
C TYR A 131 -36.65 18.79 -33.12
N LEU A 132 -35.52 19.05 -33.77
CA LEU A 132 -35.47 18.90 -35.23
C LEU A 132 -35.68 17.45 -35.64
N GLU A 133 -35.05 16.51 -34.94
CA GLU A 133 -35.25 15.11 -35.25
C GLU A 133 -36.71 14.71 -35.08
N LYS A 134 -37.34 15.14 -33.99
CA LYS A 134 -38.74 14.80 -33.77
C LYS A 134 -39.64 15.42 -34.83
N ALA A 135 -39.36 16.67 -35.21
CA ALA A 135 -40.17 17.32 -36.24
C ALA A 135 -40.05 16.58 -37.56
N ASN A 136 -38.85 16.17 -37.94
CA ASN A 136 -38.63 15.49 -39.20
C ASN A 136 -38.98 14.00 -39.15
N LYS A 137 -39.26 13.45 -37.97
CA LYS A 137 -39.54 12.03 -37.82
C LYS A 137 -41.01 11.73 -37.61
N ILE A 138 -41.63 12.33 -36.60
CA ILE A 138 -42.99 11.97 -36.18
C ILE A 138 -43.98 13.10 -36.49
N LYS A 139 -43.67 14.32 -36.07
CA LYS A 139 -44.61 15.42 -36.22
C LYS A 139 -45.08 15.55 -37.66
N SER A 140 -46.39 15.41 -37.86
CA SER A 140 -47.00 15.56 -39.16
C SER A 140 -47.99 16.71 -39.22
N GLU A 141 -48.96 16.75 -38.30
CA GLU A 141 -49.99 17.78 -38.32
C GLU A 141 -50.71 17.79 -37.00
N LYS A 142 -50.98 18.99 -36.49
CA LYS A 142 -51.80 19.18 -35.29
C LYS A 142 -51.28 18.35 -34.12
N THR A 143 -49.95 18.33 -33.96
CA THR A 143 -49.30 17.67 -32.84
C THR A 143 -48.29 18.62 -32.23
N HIS A 144 -48.39 18.82 -30.92
CA HIS A 144 -47.48 19.70 -30.20
C HIS A 144 -46.31 18.89 -29.66
N ILE A 145 -45.12 19.50 -29.67
CA ILE A 145 -43.90 18.86 -29.18
C ILE A 145 -43.33 19.72 -28.07
N HIS A 146 -43.00 19.10 -26.95
CA HIS A 146 -42.28 19.76 -25.86
C HIS A 146 -41.05 18.94 -25.54
N ILE A 147 -39.88 19.53 -25.70
CA ILE A 147 -38.60 18.85 -25.48
C ILE A 147 -37.98 19.42 -24.23
N PHE A 148 -37.70 18.55 -23.27
CA PHE A 148 -37.03 18.90 -22.02
C PHE A 148 -35.63 18.31 -22.00
N SER A 149 -34.77 18.92 -21.18
CA SER A 149 -33.40 18.47 -21.06
C SER A 149 -33.02 18.42 -19.58
N PHE A 150 -32.01 17.61 -19.28
CA PHE A 150 -31.50 17.51 -17.92
C PHE A 150 -30.69 18.72 -17.50
N THR A 151 -30.38 19.63 -18.42
CA THR A 151 -29.61 20.83 -18.11
C THR A 151 -30.49 22.04 -17.84
N GLY A 152 -31.82 21.87 -17.83
CA GLY A 152 -32.74 22.94 -17.54
C GLY A 152 -33.36 23.58 -18.76
N GLU A 153 -32.84 23.31 -19.96
CA GLU A 153 -33.41 23.91 -21.17
C GLU A 153 -34.74 23.26 -21.51
N GLU A 154 -35.48 23.93 -22.40
CA GLU A 154 -36.74 23.39 -22.91
C GLU A 154 -37.03 24.05 -24.24
N MET A 155 -37.90 23.41 -25.02
CA MET A 155 -38.30 23.93 -26.31
C MET A 155 -39.70 23.42 -26.64
N ALA A 156 -40.42 24.20 -27.46
CA ALA A 156 -41.76 23.82 -27.89
C ALA A 156 -42.07 24.56 -29.18
N THR A 157 -43.09 24.06 -29.88
CA THR A 157 -43.50 24.68 -31.14
C THR A 157 -44.11 26.05 -30.89
N LYS A 158 -43.70 27.02 -31.70
CA LYS A 158 -44.19 28.39 -31.63
C LYS A 158 -43.92 29.03 -30.27
N ALA A 159 -43.06 28.42 -29.46
CA ALA A 159 -42.74 28.93 -28.12
C ALA A 159 -44.02 29.14 -27.31
N ASP A 160 -44.96 28.21 -27.46
CA ASP A 160 -46.22 28.23 -26.71
C ASP A 160 -46.22 27.02 -25.78
N TYR A 161 -45.80 27.26 -24.54
CA TYR A 161 -45.71 26.19 -23.54
C TYR A 161 -47.05 26.07 -22.83
N THR A 162 -47.65 24.89 -22.90
CA THR A 162 -49.02 24.72 -22.41
C THR A 162 -49.12 24.99 -20.91
N LEU A 163 -48.16 24.49 -20.14
CA LEU A 163 -48.25 24.58 -18.69
C LEU A 163 -47.82 25.97 -18.20
N ASP A 164 -48.14 26.23 -16.94
CA ASP A 164 -47.68 27.44 -16.28
C ASP A 164 -46.19 27.35 -15.98
N GLU A 165 -45.60 28.51 -15.67
CA GLU A 165 -44.17 28.53 -15.36
C GLU A 165 -43.85 27.66 -14.14
N GLU A 166 -44.78 27.54 -13.21
CA GLU A 166 -44.52 26.76 -12.00
C GLU A 166 -44.29 25.29 -12.33
N SER A 167 -45.19 24.69 -13.10
CA SER A 167 -45.06 23.27 -13.41
C SER A 167 -43.81 22.98 -14.22
N ARG A 168 -43.53 23.82 -15.21
CA ARG A 168 -42.30 23.66 -15.98
C ARG A 168 -41.08 23.81 -15.08
N ALA A 169 -41.15 24.71 -14.10
CA ALA A 169 -40.07 24.84 -13.15
C ALA A 169 -39.88 23.56 -12.35
N ARG A 170 -40.98 22.93 -11.93
CA ARG A 170 -40.87 21.68 -11.20
C ARG A 170 -40.23 20.60 -12.06
N ILE A 171 -40.64 20.50 -13.33
CA ILE A 171 -40.06 19.49 -14.22
C ILE A 171 -38.57 19.74 -14.40
N LYS A 172 -38.20 21.01 -14.64
CA LYS A 172 -36.80 21.34 -14.84
C LYS A 172 -35.98 21.03 -13.60
N THR A 173 -36.52 21.35 -12.42
CA THR A 173 -35.82 21.04 -11.18
C THR A 173 -35.63 19.55 -11.01
N ARG A 174 -36.67 18.76 -11.30
CA ARG A 174 -36.57 17.32 -11.17
C ARG A 174 -35.50 16.77 -12.10
N LEU A 175 -35.49 17.23 -13.35
CA LEU A 175 -34.50 16.74 -14.31
C LEU A 175 -33.09 17.16 -13.90
N PHE A 176 -32.92 18.40 -13.45
CA PHE A 176 -31.61 18.87 -13.00
C PHE A 176 -31.10 18.04 -11.83
N THR A 177 -31.99 17.77 -10.86
CA THR A 177 -31.59 16.95 -9.71
C THR A 177 -31.23 15.54 -10.13
N ILE A 178 -31.99 14.95 -11.06
CA ILE A 178 -31.65 13.62 -11.54
C ILE A 178 -30.29 13.63 -12.20
N ARG A 179 -30.01 14.68 -12.99
CA ARG A 179 -28.70 14.80 -13.63
C ARG A 179 -27.58 14.87 -12.58
N GLN A 180 -27.77 15.69 -11.55
CA GLN A 180 -26.74 15.85 -10.53
C GLN A 180 -26.49 14.55 -9.78
N GLU A 181 -27.56 13.87 -9.36
CA GLU A 181 -27.40 12.59 -8.67
C GLU A 181 -26.76 11.54 -9.57
N MET A 182 -27.12 11.48 -10.85
CA MET A 182 -26.45 10.53 -11.74
C MET A 182 -24.96 10.86 -11.85
N ALA A 183 -24.63 12.14 -12.00
CA ALA A 183 -23.23 12.53 -12.13
C ALA A 183 -22.43 12.18 -10.88
N SER A 184 -23.00 12.45 -9.71
CA SER A 184 -22.28 12.17 -8.46
C SER A 184 -22.08 10.68 -8.24
N ARG A 185 -22.94 9.84 -8.80
CA ARG A 185 -22.84 8.39 -8.67
C ARG A 185 -22.05 7.76 -9.81
N GLY A 186 -21.51 8.55 -10.72
CA GLY A 186 -20.77 8.00 -11.85
C GLY A 186 -21.61 7.22 -12.82
N LEU A 187 -22.84 7.64 -13.06
CA LEU A 187 -23.72 7.00 -14.02
C LEU A 187 -24.13 7.92 -15.16
N TRP A 188 -23.87 9.23 -15.07
CA TRP A 188 -24.35 10.15 -16.09
C TRP A 188 -23.59 9.98 -17.41
N ASP A 189 -22.32 9.58 -17.36
CA ASP A 189 -21.55 9.41 -18.58
C ASP A 189 -22.21 8.38 -19.50
N SER A 190 -22.50 7.20 -18.97
CA SER A 190 -23.14 6.16 -19.77
C SER A 190 -24.55 6.58 -20.18
N PHE A 191 -25.29 7.19 -19.25
CA PHE A 191 -26.66 7.57 -19.55
C PHE A 191 -26.72 8.56 -20.71
N ARG A 192 -25.83 9.54 -20.72
CA ARG A 192 -25.80 10.51 -21.82
C ARG A 192 -25.28 9.86 -23.10
N GLN A 193 -24.24 9.03 -23.00
CA GLN A 193 -23.68 8.39 -24.17
C GLN A 193 -24.60 7.36 -24.81
N SER A 194 -25.64 6.93 -24.10
CA SER A 194 -26.52 5.86 -24.57
C SER A 194 -27.68 6.36 -25.41
N GLU A 195 -27.80 7.67 -25.62
CA GLU A 195 -28.88 8.24 -26.42
C GLU A 195 -28.40 8.47 -27.84
N ARG A 196 -29.10 7.89 -28.81
CA ARG A 196 -28.79 8.03 -30.24
C ARG A 196 -30.06 8.47 -30.95
N GLY A 197 -30.28 9.78 -31.03
CA GLY A 197 -31.42 10.32 -31.74
C GLY A 197 -32.70 10.26 -30.95
N GLU A 198 -33.35 9.09 -30.91
CA GLU A 198 -34.60 8.93 -30.20
C GLU A 198 -34.66 7.64 -29.40
N GLU A 199 -33.64 6.80 -29.42
CA GLU A 199 -33.65 5.52 -28.76
C GLU A 199 -32.41 5.35 -27.91
N THR A 200 -32.52 4.50 -26.88
CA THR A 200 -31.39 4.18 -26.01
C THR A 200 -30.84 2.82 -26.41
N ILE A 201 -29.55 2.76 -26.68
CA ILE A 201 -28.90 1.57 -27.22
C ILE A 201 -28.06 0.91 -26.13
N GLU A 202 -28.04 -0.42 -26.15
CA GLU A 202 -27.19 -1.17 -25.23
C GLU A 202 -25.73 -0.93 -25.55
N GLU A 203 -24.88 -1.05 -24.53
CA GLU A 203 -23.46 -0.78 -24.70
C GLU A 203 -22.87 -1.75 -25.72
N ARG A 204 -21.90 -1.25 -26.49
CA ARG A 204 -21.23 -2.02 -27.54
C ARG A 204 -19.73 -2.02 -27.28
N PHE A 205 -19.12 -3.21 -27.36
CA PHE A 205 -17.67 -3.33 -27.25
C PHE A 205 -17.26 -4.50 -28.15
N GLU A 206 -16.87 -4.19 -29.38
CA GLU A 206 -16.65 -5.19 -30.41
C GLU A 206 -15.16 -5.43 -30.62
N ILE A 207 -14.83 -6.66 -30.99
CA ILE A 207 -13.46 -7.06 -31.31
C ILE A 207 -13.35 -7.15 -32.81
N THR A 208 -12.43 -6.37 -33.39
CA THR A 208 -12.29 -6.30 -34.84
C THR A 208 -10.85 -5.98 -35.19
N GLY A 209 -10.51 -6.19 -36.46
CA GLY A 209 -9.19 -5.84 -36.93
C GLY A 209 -8.11 -6.63 -36.24
N THR A 210 -7.09 -5.93 -35.74
CA THR A 210 -5.93 -6.59 -35.16
C THR A 210 -6.32 -7.45 -33.96
N MET A 211 -7.18 -6.92 -33.08
CA MET A 211 -7.56 -7.66 -31.89
C MET A 211 -8.29 -8.95 -32.25
N ARG A 212 -9.08 -8.92 -33.32
CA ARG A 212 -9.78 -10.14 -33.75
C ARG A 212 -8.78 -11.21 -34.19
N ARG A 213 -7.75 -10.82 -34.94
CA ARG A 213 -6.75 -11.79 -35.35
C ARG A 213 -5.98 -12.33 -34.15
N LEU A 214 -5.64 -11.45 -33.21
CA LEU A 214 -4.96 -11.90 -32.00
C LEU A 214 -5.82 -12.89 -31.23
N ALA A 215 -7.12 -12.62 -31.12
CA ALA A 215 -8.02 -13.54 -30.44
C ALA A 215 -8.08 -14.88 -31.16
N ASP A 216 -8.17 -14.85 -32.49
CA ASP A 216 -8.18 -16.09 -33.25
C ASP A 216 -6.87 -16.85 -33.12
N GLN A 217 -5.78 -16.16 -32.76
CA GLN A 217 -4.49 -16.80 -32.56
C GLN A 217 -4.25 -17.23 -31.13
N SER A 218 -5.22 -17.07 -30.23
CA SER A 218 -5.06 -17.36 -28.81
C SER A 218 -6.04 -18.43 -28.36
N LEU A 219 -6.19 -19.49 -29.15
CA LEU A 219 -7.13 -20.56 -28.85
C LEU A 219 -6.39 -21.88 -28.70
N PRO A 220 -7.03 -22.93 -28.17
CA PRO A 220 -6.39 -24.24 -28.12
C PRO A 220 -5.99 -24.72 -29.50
N PRO A 221 -5.23 -25.81 -29.58
CA PRO A 221 -4.68 -26.21 -30.89
C PRO A 221 -5.74 -26.49 -31.95
N ASN A 222 -6.88 -27.06 -31.56
CA ASN A 222 -7.88 -27.54 -32.52
C ASN A 222 -8.97 -26.51 -32.79
N PHE A 223 -8.66 -25.23 -32.65
CA PHE A 223 -9.63 -24.17 -32.91
C PHE A 223 -8.99 -23.11 -33.79
N SER A 224 -9.81 -22.50 -34.63
CA SER A 224 -9.37 -21.49 -35.59
C SER A 224 -9.98 -20.11 -35.36
N SER A 225 -11.22 -20.04 -34.88
CA SER A 225 -11.91 -18.78 -34.70
C SER A 225 -12.44 -18.68 -33.28
N LEU A 226 -12.30 -17.49 -32.68
CA LEU A 226 -12.81 -17.29 -31.33
C LEU A 226 -14.31 -17.55 -31.25
N GLU A 227 -15.04 -17.30 -32.33
CA GLU A 227 -16.46 -17.61 -32.34
C GLU A 227 -16.69 -19.12 -32.26
N ASN A 228 -15.86 -19.90 -32.96
CA ASN A 228 -15.97 -21.35 -32.88
C ASN A 228 -15.68 -21.84 -31.46
N PHE A 229 -14.66 -21.29 -30.82
CA PHE A 229 -14.35 -21.67 -29.45
C PHE A 229 -15.48 -21.29 -28.51
N ARG A 230 -16.06 -20.10 -28.69
CA ARG A 230 -17.19 -19.70 -27.87
C ARG A 230 -18.37 -20.64 -28.06
N ALA A 231 -18.64 -21.03 -29.31
CA ALA A 231 -19.74 -21.96 -29.57
C ALA A 231 -19.48 -23.31 -28.92
N TYR A 232 -18.23 -23.79 -28.99
CA TYR A 232 -17.90 -25.07 -28.35
C TYR A 232 -18.10 -24.98 -26.84
N VAL A 233 -17.65 -23.90 -26.22
CA VAL A 233 -17.77 -23.76 -24.77
C VAL A 233 -19.23 -23.63 -24.37
N ASP A 234 -20.03 -22.93 -25.19
CA ASP A 234 -21.42 -22.70 -24.83
C ASP A 234 -22.20 -24.00 -24.73
N GLY A 235 -21.96 -24.93 -25.65
CA GLY A 235 -22.63 -26.21 -25.66
C GLY A 235 -21.91 -27.31 -24.90
N PHE A 236 -20.80 -27.00 -24.22
CA PHE A 236 -20.03 -28.03 -23.54
C PHE A 236 -20.79 -28.57 -22.35
N GLU A 237 -20.83 -29.90 -22.24
CA GLU A 237 -21.40 -30.59 -21.08
C GLU A 237 -20.40 -31.59 -20.56
N PRO A 238 -20.20 -31.66 -19.23
CA PRO A 238 -19.19 -32.59 -18.69
C PRO A 238 -19.60 -34.03 -18.91
N ASN A 239 -18.79 -34.76 -19.68
CA ASN A 239 -19.01 -36.19 -19.94
C ASN A 239 -17.72 -36.94 -19.65
N GLY A 240 -17.51 -37.28 -18.38
CA GLY A 240 -16.38 -38.09 -17.95
C GLY A 240 -15.06 -37.78 -18.61
N CYS A 241 -14.79 -36.50 -18.87
CA CYS A 241 -13.53 -36.13 -19.51
C CYS A 241 -12.35 -36.32 -18.54
N ILE A 242 -12.51 -35.84 -17.30
CA ILE A 242 -11.43 -35.96 -16.33
C ILE A 242 -11.13 -37.43 -16.04
N GLU A 243 -12.18 -38.24 -15.88
CA GLU A 243 -11.98 -39.65 -15.60
C GLU A 243 -11.24 -40.34 -16.75
N GLY A 244 -11.62 -40.05 -17.99
CA GLY A 244 -10.94 -40.66 -19.12
C GLY A 244 -9.49 -40.24 -19.21
N LYS A 245 -9.22 -38.95 -19.04
CA LYS A 245 -7.84 -38.48 -19.11
C LYS A 245 -7.01 -39.07 -17.99
N LEU A 246 -7.57 -39.19 -16.79
CA LEU A 246 -6.86 -39.84 -15.69
C LEU A 246 -6.57 -41.30 -16.01
N SER A 247 -7.54 -42.01 -16.59
CA SER A 247 -7.32 -43.39 -16.97
C SER A 247 -6.30 -43.52 -18.09
N GLN A 248 -6.08 -42.46 -18.86
CA GLN A 248 -5.12 -42.51 -19.96
C GLN A 248 -3.69 -42.25 -19.52
N MET A 249 -3.48 -41.24 -18.67
CA MET A 249 -2.12 -40.84 -18.33
C MET A 249 -1.39 -41.95 -17.59
N SER A 250 -0.08 -41.99 -17.77
CA SER A 250 0.74 -43.05 -17.20
C SER A 250 0.75 -42.98 -15.68
N LYS A 251 0.89 -44.15 -15.05
CA LYS A 251 0.92 -44.23 -13.60
C LYS A 251 2.20 -43.66 -13.00
N GLU A 252 3.22 -43.40 -13.80
CA GLU A 252 4.46 -42.80 -13.29
C GLU A 252 4.25 -41.39 -12.78
N VAL A 253 3.13 -40.76 -13.09
CA VAL A 253 2.79 -39.44 -12.56
C VAL A 253 1.98 -39.68 -11.29
N ASN A 254 2.63 -39.54 -10.14
CA ASN A 254 1.98 -39.83 -8.87
C ASN A 254 2.69 -39.07 -7.77
N ALA A 255 2.04 -39.00 -6.61
CA ALA A 255 2.59 -38.39 -5.41
C ALA A 255 2.62 -39.46 -4.32
N ARG A 256 3.71 -40.24 -4.31
CA ARG A 256 3.87 -41.31 -3.33
C ARG A 256 4.45 -40.75 -2.05
N ILE A 257 3.84 -41.09 -0.92
CA ILE A 257 4.26 -40.60 0.39
C ILE A 257 5.31 -41.57 0.92
N GLU A 258 6.54 -41.09 1.07
CA GLU A 258 7.60 -41.89 1.67
C GLU A 258 7.66 -41.61 3.16
N PRO A 259 7.52 -42.62 4.04
CA PRO A 259 7.47 -42.35 5.48
C PRO A 259 8.74 -41.68 5.97
N PHE A 260 8.58 -40.86 7.02
CA PHE A 260 9.67 -40.15 7.69
C PHE A 260 9.54 -40.49 9.16
N LEU A 261 10.27 -41.50 9.64
CA LEU A 261 10.03 -42.04 10.98
C LEU A 261 11.18 -41.73 11.95
N ARG A 262 12.36 -42.32 11.76
CA ARG A 262 13.47 -42.00 12.65
C ARG A 262 14.82 -42.00 11.96
N THR A 263 14.89 -42.62 10.78
CA THR A 263 16.15 -42.87 10.12
C THR A 263 16.30 -42.15 8.79
N THR A 264 15.20 -41.71 8.19
CA THR A 264 15.30 -40.95 6.95
C THR A 264 16.12 -39.68 7.09
N PRO A 265 15.95 -38.85 8.13
CA PRO A 265 16.75 -37.62 8.21
C PRO A 265 18.23 -37.94 8.37
N ARG A 266 19.05 -37.07 7.80
CA ARG A 266 20.50 -37.15 7.88
C ARG A 266 21.06 -35.79 8.24
N PRO A 267 22.25 -35.73 8.81
CA PRO A 267 22.86 -34.43 9.10
C PRO A 267 23.03 -33.60 7.85
N LEU A 268 22.81 -32.29 7.99
CA LEU A 268 23.07 -31.38 6.89
C LEU A 268 24.56 -31.36 6.58
N ARG A 269 24.89 -31.30 5.29
CA ARG A 269 26.28 -31.31 4.85
C ARG A 269 26.78 -29.87 4.81
N LEU A 270 27.74 -29.55 5.67
CA LEU A 270 28.35 -28.23 5.64
C LEU A 270 29.43 -28.16 4.56
N PRO A 271 29.61 -27.00 3.94
CA PRO A 271 30.61 -26.89 2.88
C PRO A 271 32.02 -27.09 3.39
N ASP A 272 32.88 -27.59 2.52
CA ASP A 272 34.28 -27.84 2.84
C ASP A 272 35.16 -26.77 2.22
N GLY A 273 36.22 -26.41 2.93
CA GLY A 273 37.14 -25.39 2.47
C GLY A 273 37.88 -24.74 3.62
N PRO A 274 38.59 -23.64 3.33
CA PRO A 274 39.29 -22.93 4.39
C PRO A 274 38.30 -22.31 5.36
N PRO A 275 38.70 -22.07 6.61
CA PRO A 275 37.74 -21.59 7.61
C PRO A 275 37.25 -20.18 7.30
N CYS A 276 36.05 -19.89 7.77
CA CYS A 276 35.42 -18.60 7.52
C CYS A 276 36.03 -17.52 8.42
N SER A 277 35.85 -16.27 8.01
CA SER A 277 36.44 -15.12 8.67
C SER A 277 35.34 -14.17 9.15
N GLN A 278 35.76 -13.12 9.85
CA GLN A 278 34.84 -12.15 10.40
C GLN A 278 34.43 -11.13 9.34
N ARG A 279 33.13 -10.83 9.29
CA ARG A 279 32.60 -9.85 8.33
C ARG A 279 31.71 -8.81 9.02
N SER A 280 31.66 -8.79 10.34
CA SER A 280 30.86 -7.79 11.04
C SER A 280 31.47 -6.40 10.87
N LYS A 281 30.64 -5.39 11.14
CA LYS A 281 31.08 -4.01 10.96
C LYS A 281 31.96 -3.50 12.10
N PHE A 282 31.95 -4.18 13.24
CA PHE A 282 32.84 -3.82 14.33
C PHE A 282 33.16 -5.08 15.14
N LEU A 283 34.25 -5.01 15.89
CA LEU A 283 34.64 -6.11 16.76
C LEU A 283 33.55 -6.34 17.79
N LEU A 284 33.33 -7.61 18.15
CA LEU A 284 32.25 -7.99 19.05
C LEU A 284 32.76 -8.45 20.41
N MET A 285 33.60 -9.49 20.44
CA MET A 285 34.16 -9.97 21.70
C MET A 285 35.61 -9.59 21.88
N ASP A 286 36.29 -9.16 20.83
CA ASP A 286 37.66 -8.67 20.92
C ASP A 286 37.73 -7.17 21.15
N ALA A 287 36.59 -6.50 21.28
CA ALA A 287 36.57 -5.06 21.46
C ALA A 287 37.19 -4.67 22.80
N LEU A 288 38.09 -3.69 22.77
CA LEU A 288 38.64 -3.07 23.96
C LEU A 288 38.19 -1.62 23.97
N LYS A 289 37.78 -1.14 25.15
CA LYS A 289 37.26 0.21 25.27
C LYS A 289 38.02 0.98 26.34
N LEU A 290 38.45 2.19 26.00
CA LEU A 290 38.98 3.13 26.96
C LEU A 290 37.83 3.92 27.55
N SER A 291 37.69 3.91 28.87
CA SER A 291 36.49 4.40 29.53
C SER A 291 36.81 5.52 30.49
N ILE A 292 35.90 6.50 30.56
CA ILE A 292 35.91 7.54 31.59
C ILE A 292 34.73 7.29 32.50
N GLU A 293 35.00 7.19 33.81
CA GLU A 293 34.01 6.75 34.78
C GLU A 293 33.01 7.83 35.14
N ASP A 294 33.28 9.08 34.81
CA ASP A 294 32.33 10.15 35.08
C ASP A 294 32.59 11.32 34.14
N PRO A 295 31.88 11.42 33.02
CA PRO A 295 32.12 12.53 32.09
C PRO A 295 31.56 13.85 32.60
N SER A 296 32.33 14.54 33.45
CA SER A 296 31.93 15.82 34.01
C SER A 296 32.88 16.94 33.58
N HIS A 297 33.34 16.90 32.33
CA HIS A 297 34.28 17.87 31.81
C HIS A 297 33.56 18.94 30.99
N GLU A 298 34.29 19.99 30.66
CA GLU A 298 33.73 21.09 29.88
C GLU A 298 33.38 20.63 28.48
N GLY A 299 32.23 21.08 27.99
CA GLY A 299 31.76 20.67 26.67
C GLY A 299 31.51 19.18 26.56
N GLU A 300 31.04 18.55 27.64
CA GLU A 300 30.83 17.11 27.65
C GLU A 300 29.56 16.76 26.88
N GLY A 301 29.52 15.51 26.42
CA GLY A 301 28.39 15.00 25.68
C GLY A 301 28.67 14.89 24.20
N ILE A 302 29.36 15.87 23.65
CA ILE A 302 29.74 15.82 22.23
C ILE A 302 30.75 14.70 22.02
N PRO A 303 30.65 13.91 20.95
CA PRO A 303 31.53 12.73 20.83
C PRO A 303 33.02 13.07 20.82
N LEU A 304 33.42 14.18 20.19
CA LEU A 304 34.85 14.43 20.01
C LEU A 304 35.54 14.70 21.35
N TYR A 305 34.94 15.53 22.19
CA TYR A 305 35.53 15.81 23.49
C TYR A 305 35.60 14.55 24.34
N ASP A 306 34.54 13.74 24.33
CA ASP A 306 34.56 12.50 25.09
C ASP A 306 35.65 11.56 24.59
N ALA A 307 35.82 11.46 23.27
CA ALA A 307 36.87 10.61 22.72
C ALA A 307 38.25 11.11 23.13
N ILE A 308 38.46 12.43 23.10
CA ILE A 308 39.75 12.99 23.50
C ILE A 308 40.02 12.67 24.97
N LYS A 309 39.02 12.86 25.82
CA LYS A 309 39.21 12.57 27.25
C LYS A 309 39.47 11.08 27.47
N CYS A 310 38.76 10.21 26.76
CA CYS A 310 38.97 8.77 26.91
C CYS A 310 40.38 8.39 26.49
N MET A 311 40.87 8.97 25.39
CA MET A 311 42.23 8.70 24.97
C MET A 311 43.23 9.19 26.01
N LYS A 312 42.97 10.36 26.60
CA LYS A 312 43.90 10.91 27.59
C LYS A 312 44.06 9.99 28.80
N THR A 313 43.02 9.21 29.12
CA THR A 313 43.09 8.34 30.29
C THR A 313 44.09 7.21 30.13
N PHE A 314 44.49 6.90 28.89
CA PHE A 314 45.39 5.79 28.63
C PHE A 314 46.79 6.33 28.38
N PHE A 315 47.76 5.82 29.14
CA PHE A 315 49.17 6.14 28.97
C PHE A 315 49.91 4.86 28.58
N GLY A 316 50.75 4.95 27.56
CA GLY A 316 51.46 3.79 27.08
C GLY A 316 51.46 3.67 25.57
N TRP A 317 51.01 4.71 24.87
CA TRP A 317 51.13 4.73 23.42
C TRP A 317 52.59 4.63 23.02
N LYS A 318 52.89 3.76 22.06
CA LYS A 318 54.23 3.60 21.53
C LYS A 318 54.17 3.70 20.02
N GLU A 319 55.32 3.56 19.38
CA GLU A 319 55.40 3.70 17.93
C GLU A 319 54.66 2.57 17.26
N PRO A 320 53.65 2.83 16.44
CA PRO A 320 52.87 1.74 15.84
C PRO A 320 53.68 0.99 14.80
N ASN A 321 53.33 -0.29 14.63
CA ASN A 321 53.97 -1.12 13.62
C ASN A 321 52.98 -2.19 13.19
N ILE A 322 53.19 -2.72 11.98
CA ILE A 322 52.31 -3.74 11.44
C ILE A 322 52.60 -5.06 12.13
N ILE A 323 51.55 -5.72 12.62
CA ILE A 323 51.64 -7.05 13.19
C ILE A 323 51.04 -8.10 12.27
N LYS A 324 49.82 -7.87 11.80
CA LYS A 324 49.16 -8.73 10.82
C LYS A 324 48.87 -7.90 9.57
N PRO A 325 49.66 -8.04 8.51
CA PRO A 325 49.38 -7.28 7.29
C PRO A 325 48.09 -7.74 6.62
N HIS A 326 47.48 -6.82 5.88
CA HIS A 326 46.34 -7.16 5.03
C HIS A 326 46.88 -7.73 3.72
N GLU A 327 46.47 -8.96 3.40
CA GLU A 327 47.04 -9.65 2.25
C GLU A 327 46.79 -8.86 0.97
N LYS A 328 45.58 -8.30 0.83
CA LYS A 328 45.21 -7.57 -0.38
C LYS A 328 45.34 -6.06 -0.24
N GLY A 329 45.81 -5.57 0.92
CA GLY A 329 45.84 -4.15 1.19
C GLY A 329 47.25 -3.63 1.41
N ILE A 330 47.37 -2.30 1.33
CA ILE A 330 48.62 -1.60 1.53
C ILE A 330 48.72 -1.25 3.01
N ASN A 331 49.49 -2.04 3.75
CA ASN A 331 49.60 -1.81 5.19
C ASN A 331 50.17 -0.45 5.54
N PRO A 332 51.20 0.06 4.85
CA PRO A 332 51.72 1.39 5.20
C PRO A 332 50.65 2.47 5.14
N ASN A 333 49.67 2.36 4.24
CA ASN A 333 48.60 3.34 4.19
C ASN A 333 47.78 3.32 5.48
N TYR A 334 47.47 2.13 5.99
CA TYR A 334 46.74 2.05 7.26
C TYR A 334 47.57 2.58 8.42
N LEU A 335 48.87 2.27 8.42
CA LEU A 335 49.75 2.78 9.48
C LEU A 335 49.77 4.31 9.46
N LEU A 336 49.90 4.89 8.27
CA LEU A 336 49.91 6.34 8.15
C LEU A 336 48.56 6.94 8.49
N THR A 337 47.46 6.23 8.22
CA THR A 337 46.15 6.72 8.62
C THR A 337 46.05 6.80 10.14
N TRP A 338 46.51 5.76 10.83
CA TRP A 338 46.50 5.80 12.30
C TRP A 338 47.38 6.92 12.81
N LYS A 339 48.56 7.10 12.21
CA LYS A 339 49.45 8.17 12.63
C LYS A 339 48.82 9.54 12.41
N GLN A 340 48.12 9.71 11.29
CA GLN A 340 47.44 10.97 11.02
C GLN A 340 46.33 11.22 12.02
N VAL A 341 45.59 10.18 12.39
CA VAL A 341 44.53 10.34 13.40
C VAL A 341 45.16 10.81 14.71
N LEU A 342 46.25 10.17 15.12
CA LEU A 342 46.91 10.59 16.36
C LEU A 342 47.40 12.02 16.27
N ALA A 343 48.00 12.39 15.13
CA ALA A 343 48.51 13.74 14.96
C ALA A 343 47.40 14.77 15.04
N GLU A 344 46.28 14.51 14.36
CA GLU A 344 45.16 15.46 14.39
C GLU A 344 44.58 15.57 15.80
N LEU A 345 44.48 14.44 16.50
CA LEU A 345 43.98 14.49 17.88
C LEU A 345 44.90 15.33 18.76
N GLN A 346 46.21 15.16 18.62
CA GLN A 346 47.15 15.96 19.39
C GLN A 346 47.05 17.44 19.01
N ASP A 347 46.86 17.72 17.73
CA ASP A 347 46.74 19.11 17.28
C ASP A 347 45.52 19.78 17.90
N ILE A 348 44.38 19.11 17.87
CA ILE A 348 43.18 19.70 18.48
C ILE A 348 43.35 19.79 19.99
N LYS A 349 44.03 18.82 20.60
CA LYS A 349 44.25 18.87 22.04
C LYS A 349 45.06 20.11 22.42
N ASN A 350 46.12 20.39 21.68
CA ASN A 350 46.96 21.54 21.99
C ASN A 350 46.36 22.86 21.50
N GLU A 351 45.37 22.80 20.61
CA GLU A 351 44.71 24.02 20.17
C GLU A 351 43.92 24.66 21.31
N GLU A 352 43.28 23.85 22.16
CA GLU A 352 42.44 24.33 23.25
C GLU A 352 41.14 24.95 22.76
N LYS A 353 40.77 24.70 21.50
CA LYS A 353 39.54 25.20 20.90
C LYS A 353 38.83 24.07 20.16
N ILE A 354 38.70 22.93 20.84
CA ILE A 354 38.15 21.71 20.26
C ILE A 354 36.84 22.01 19.55
N PRO A 355 36.76 21.87 18.22
CA PRO A 355 35.48 22.03 17.54
C PRO A 355 34.60 20.79 17.70
N ARG A 356 33.31 20.97 17.39
CA ARG A 356 32.37 19.88 17.57
C ARG A 356 32.70 18.69 16.67
N THR A 357 33.04 18.95 15.42
CA THR A 357 33.39 17.91 14.46
C THR A 357 34.79 18.17 13.91
N LYS A 358 35.56 17.10 13.76
CA LYS A 358 36.92 17.18 13.24
C LYS A 358 36.95 16.54 11.86
N ASN A 359 37.24 17.35 10.85
CA ASN A 359 37.38 16.89 9.48
C ASN A 359 38.86 16.60 9.21
N MET A 360 39.13 15.42 8.69
CA MET A 360 40.51 15.01 8.42
C MET A 360 41.02 15.68 7.15
N LYS A 361 42.33 15.89 7.09
CA LYS A 361 42.96 16.45 5.91
C LYS A 361 43.16 15.35 4.87
N LYS A 362 42.68 15.60 3.66
CA LYS A 362 42.84 14.62 2.58
C LYS A 362 44.32 14.32 2.37
N THR A 363 44.65 13.03 2.30
CA THR A 363 46.02 12.59 2.14
C THR A 363 46.03 11.35 1.25
N SER A 364 47.18 11.10 0.63
CA SER A 364 47.32 9.94 -0.24
C SER A 364 46.89 8.67 0.49
N GLN A 365 47.35 8.50 1.73
CA GLN A 365 46.98 7.32 2.50
C GLN A 365 45.47 7.27 2.72
N LEU A 366 44.87 8.40 3.09
CA LEU A 366 43.43 8.43 3.34
C LEU A 366 42.65 8.35 2.04
N LYS A 367 43.15 9.00 0.98
CA LYS A 367 42.48 8.91 -0.31
C LYS A 367 42.42 7.47 -0.80
N TRP A 368 43.51 6.73 -0.65
CA TRP A 368 43.50 5.32 -1.05
C TRP A 368 42.62 4.49 -0.12
N ALA A 369 42.77 4.68 1.19
CA ALA A 369 42.09 3.81 2.15
C ALA A 369 40.58 3.93 2.02
N LEU A 370 40.07 5.15 1.83
CA LEU A 370 38.64 5.36 1.70
C LEU A 370 38.11 5.03 0.32
N GLY A 371 38.95 4.51 -0.58
CA GLY A 371 38.50 4.20 -1.91
C GLY A 371 37.99 5.42 -2.66
N GLU A 372 38.66 6.56 -2.49
CA GLU A 372 38.25 7.81 -3.14
C GLU A 372 38.86 7.85 -4.53
N ASN A 373 38.02 7.66 -5.55
CA ASN A 373 38.39 7.64 -6.96
C ASN A 373 39.01 6.32 -7.39
N MET A 374 38.99 5.29 -6.53
CA MET A 374 39.47 3.97 -6.91
C MET A 374 38.30 3.18 -7.51
N ALA A 375 38.10 3.38 -8.82
CA ALA A 375 37.04 2.68 -9.53
C ALA A 375 37.36 2.67 -11.01
N PRO A 376 37.06 1.59 -11.74
CA PRO A 376 37.30 1.59 -13.19
C PRO A 376 36.50 2.68 -13.88
N GLU A 377 37.10 3.28 -14.90
CA GLU A 377 36.41 4.30 -15.68
C GLU A 377 35.34 3.67 -16.55
N LYS A 378 34.27 4.43 -16.79
CA LYS A 378 33.15 3.98 -17.60
C LYS A 378 33.34 4.39 -19.05
N VAL A 379 33.13 3.44 -19.97
CA VAL A 379 33.27 3.68 -21.40
C VAL A 379 32.21 2.90 -22.14
N ASP A 380 32.01 3.26 -23.41
CA ASP A 380 31.05 2.57 -24.26
C ASP A 380 31.62 1.25 -24.77
N PHE A 381 30.73 0.28 -24.96
CA PHE A 381 31.16 -1.05 -25.39
C PHE A 381 31.84 -1.00 -26.75
N GLU A 382 31.26 -0.25 -27.69
CA GLU A 382 31.84 -0.20 -29.03
C GLU A 382 33.25 0.35 -29.02
N ASP A 383 33.58 1.19 -28.04
CA ASP A 383 34.91 1.77 -27.95
C ASP A 383 35.96 0.76 -27.47
N CYS A 384 35.54 -0.27 -26.74
CA CYS A 384 36.47 -1.25 -26.17
C CYS A 384 35.92 -2.66 -26.35
N LYS A 385 35.46 -2.96 -27.57
CA LYS A 385 34.92 -4.30 -27.83
C LYS A 385 36.01 -5.30 -28.19
N ASP A 386 37.12 -4.83 -28.75
CA ASP A 386 38.17 -5.71 -29.26
C ASP A 386 39.27 -5.99 -28.25
N VAL A 387 39.13 -5.51 -27.00
CA VAL A 387 40.16 -5.77 -26.00
C VAL A 387 40.22 -7.26 -25.72
N ASN A 388 41.45 -7.81 -25.72
CA ASN A 388 41.62 -9.24 -25.51
C ASN A 388 41.22 -9.64 -24.10
N ASP A 389 41.51 -8.80 -23.11
CA ASP A 389 41.27 -9.13 -21.70
C ASP A 389 39.85 -8.81 -21.26
N LEU A 390 39.01 -8.26 -22.13
CA LEU A 390 37.64 -7.96 -21.75
C LEU A 390 36.88 -9.24 -21.45
N LYS A 391 36.07 -9.20 -20.39
CA LYS A 391 35.28 -10.35 -20.00
C LYS A 391 34.11 -9.88 -19.15
N GLN A 392 33.10 -10.73 -19.06
CA GLN A 392 31.95 -10.44 -18.21
C GLN A 392 32.38 -10.39 -16.75
N TYR A 393 31.73 -9.52 -15.99
CA TYR A 393 32.11 -9.31 -14.59
C TYR A 393 32.05 -10.63 -13.83
N ASP A 394 33.07 -10.89 -13.03
CA ASP A 394 33.18 -12.15 -12.32
C ASP A 394 32.02 -12.32 -11.35
N SER A 395 31.17 -13.31 -11.61
CA SER A 395 30.03 -13.62 -10.75
C SER A 395 29.93 -15.12 -10.54
N ASP A 396 31.08 -15.76 -10.30
CA ASP A 396 31.13 -17.20 -10.16
C ASP A 396 30.57 -17.63 -8.80
N GLU A 397 30.65 -18.92 -8.54
CA GLU A 397 30.21 -19.47 -7.26
C GLU A 397 31.12 -18.98 -6.15
N PRO A 398 30.61 -18.29 -5.13
CA PRO A 398 31.49 -17.84 -4.03
C PRO A 398 32.21 -19.02 -3.38
N GLU A 399 33.45 -18.78 -2.98
CA GLU A 399 34.29 -19.85 -2.46
C GLU A 399 33.69 -20.41 -1.18
N PRO A 400 33.42 -21.71 -1.09
CA PRO A 400 32.93 -22.27 0.18
C PRO A 400 33.97 -22.14 1.27
N ARG A 401 33.50 -21.99 2.50
CA ARG A 401 34.36 -21.89 3.67
C ARG A 401 33.85 -22.84 4.76
N SER A 402 34.79 -23.49 5.44
CA SER A 402 34.43 -24.40 6.51
C SER A 402 34.13 -23.62 7.79
N LEU A 403 33.30 -24.21 8.64
CA LEU A 403 32.96 -23.58 9.91
C LEU A 403 34.18 -23.52 10.81
N ALA A 404 34.25 -22.44 11.59
CA ALA A 404 35.32 -22.23 12.56
C ALA A 404 34.71 -22.03 13.93
N CYS A 405 35.51 -22.33 14.97
CA CYS A 405 35.02 -22.26 16.34
C CYS A 405 34.95 -20.84 16.88
N TRP A 406 35.45 -19.85 16.16
CA TRP A 406 35.43 -18.49 16.68
C TRP A 406 34.04 -17.90 16.71
N ILE A 407 33.17 -18.29 15.77
CA ILE A 407 31.80 -17.78 15.77
C ILE A 407 31.01 -18.35 16.94
N GLN A 408 31.23 -19.64 17.25
CA GLN A 408 30.57 -20.21 18.42
C GLN A 408 31.02 -19.52 19.70
N SER A 409 32.32 -19.23 19.81
CA SER A 409 32.81 -18.50 20.98
C SER A 409 32.20 -17.10 21.03
N GLU A 410 32.07 -16.45 19.88
CA GLU A 410 31.43 -15.13 19.83
C GLU A 410 30.00 -15.21 20.37
N PHE A 411 29.24 -16.21 19.92
CA PHE A 411 27.87 -16.35 20.39
C PHE A 411 27.82 -16.66 21.88
N ASN A 412 28.74 -17.50 22.36
CA ASN A 412 28.80 -17.81 23.79
C ASN A 412 29.03 -16.53 24.60
N LYS A 413 29.97 -15.70 24.15
CA LYS A 413 30.24 -14.45 24.85
C LYS A 413 29.03 -13.52 24.81
N ALA A 414 28.35 -13.47 23.66
CA ALA A 414 27.20 -12.57 23.54
C ALA A 414 26.07 -12.94 24.47
N CYS A 415 26.03 -14.18 24.95
CA CYS A 415 24.92 -14.66 25.76
C CYS A 415 25.13 -14.47 27.25
N GLU A 416 26.30 -14.01 27.69
CA GLU A 416 26.61 -13.91 29.10
C GLU A 416 26.53 -12.47 29.58
N LEU A 417 26.36 -12.32 30.89
CA LEU A 417 26.14 -11.02 31.49
C LEU A 417 27.43 -10.22 31.53
N THR A 418 27.28 -8.90 31.39
CA THR A 418 28.35 -7.95 31.63
C THR A 418 28.16 -7.34 33.01
N ASP A 419 29.20 -6.70 33.51
CA ASP A 419 29.16 -6.14 34.86
C ASP A 419 28.34 -4.87 34.96
N SER A 420 27.89 -4.30 33.84
CA SER A 420 27.21 -3.01 33.87
C SER A 420 26.05 -3.00 32.88
N SER A 421 25.07 -2.14 33.16
CA SER A 421 23.84 -2.09 32.38
C SER A 421 24.01 -1.27 31.11
N TRP A 422 23.29 -1.68 30.06
CA TRP A 422 23.47 -1.10 28.73
C TRP A 422 22.17 -0.58 28.11
N VAL A 423 21.09 -0.49 28.87
CA VAL A 423 19.82 -0.01 28.33
C VAL A 423 19.16 0.92 29.34
N GLU A 424 18.62 2.03 28.86
CA GLU A 424 17.95 3.04 29.68
C GLU A 424 16.63 3.46 29.04
N LEU A 425 15.82 2.46 28.68
CA LEU A 425 14.60 2.71 27.92
C LEU A 425 13.79 3.85 28.53
N ASP A 426 13.00 4.50 27.67
CA ASP A 426 12.20 5.64 28.09
C ASP A 426 11.09 5.20 29.03
N GLU A 427 10.31 6.16 29.51
CA GLU A 427 9.23 5.91 30.45
C GLU A 427 7.89 5.81 29.73
N ILE A 428 6.88 5.40 30.48
CA ILE A 428 5.50 5.35 30.01
C ILE A 428 4.60 5.86 31.13
N GLY A 429 3.31 5.97 30.83
CA GLY A 429 2.37 6.49 31.81
C GLY A 429 2.20 5.55 32.98
N GLU A 430 1.69 6.12 34.08
CA GLU A 430 1.45 5.34 35.28
C GLU A 430 0.50 4.20 35.00
N ASP A 431 0.76 3.04 35.58
CA ASP A 431 -0.13 1.89 35.45
C ASP A 431 -1.35 2.07 36.33
N VAL A 432 -2.53 1.78 35.77
CA VAL A 432 -3.79 1.88 36.48
C VAL A 432 -4.55 0.55 36.45
N ALA A 433 -4.72 -0.02 35.27
CA ALA A 433 -5.41 -1.30 35.17
C ALA A 433 -4.55 -2.40 35.79
N PRO A 434 -5.18 -3.42 36.38
CA PRO A 434 -4.38 -4.55 36.90
C PRO A 434 -3.55 -5.24 35.83
N ILE A 435 -4.09 -5.33 34.61
CA ILE A 435 -3.33 -5.91 33.51
C ILE A 435 -2.11 -5.06 33.22
N GLU A 436 -2.21 -3.74 33.38
CA GLU A 436 -1.05 -2.89 33.20
C GLU A 436 0.03 -3.21 34.23
N HIS A 437 -0.37 -3.45 35.48
CA HIS A 437 0.60 -3.85 36.50
C HIS A 437 1.25 -5.18 36.15
N ILE A 438 0.46 -6.14 35.67
CA ILE A 438 1.01 -7.44 35.28
C ILE A 438 2.03 -7.26 34.16
N ALA A 439 1.68 -6.46 33.16
CA ALA A 439 2.59 -6.22 32.05
C ALA A 439 3.87 -5.53 32.51
N SER A 440 3.73 -4.56 33.42
CA SER A 440 4.91 -3.87 33.93
C SER A 440 5.82 -4.83 34.68
N MET A 441 5.24 -5.71 35.50
CA MET A 441 6.06 -6.67 36.24
C MET A 441 6.78 -7.61 35.29
N ARG A 442 6.08 -8.12 34.27
CA ARG A 442 6.69 -9.01 33.30
C ARG A 442 7.83 -8.31 32.56
N ARG A 443 7.58 -7.08 32.12
CA ARG A 443 8.58 -6.33 31.37
C ARG A 443 9.79 -6.02 32.24
N ASN A 444 9.57 -5.69 33.50
CA ASN A 444 10.69 -5.41 34.40
C ASN A 444 11.52 -6.67 34.65
N TYR A 445 10.86 -7.83 34.80
CA TYR A 445 11.61 -9.08 34.94
C TYR A 445 12.49 -9.33 33.72
N PHE A 446 11.90 -9.19 32.52
CA PHE A 446 12.68 -9.41 31.31
C PHE A 446 13.84 -8.43 31.21
N THR A 447 13.58 -7.15 31.52
CA THR A 447 14.62 -6.14 31.46
C THR A 447 15.75 -6.46 32.41
N ALA A 448 15.42 -6.87 33.64
CA ALA A 448 16.46 -7.23 34.60
C ALA A 448 17.28 -8.40 34.08
N GLU A 449 16.63 -9.37 33.45
CA GLU A 449 17.38 -10.49 32.89
C GLU A 449 18.25 -10.06 31.71
N VAL A 450 17.88 -8.99 31.01
CA VAL A 450 18.50 -8.63 29.74
C VAL A 450 19.31 -7.34 29.82
N SER A 451 19.18 -6.57 30.91
CA SER A 451 19.80 -5.24 30.94
C SER A 451 21.31 -5.33 30.80
N HIS A 452 21.94 -6.31 31.44
CA HIS A 452 23.40 -6.39 31.53
C HIS A 452 24.00 -7.32 30.48
N CYS A 453 23.20 -7.83 29.55
CA CYS A 453 23.71 -8.78 28.57
C CYS A 453 24.69 -8.12 27.61
N ARG A 454 25.63 -8.91 27.12
CA ARG A 454 26.57 -8.42 26.11
C ARG A 454 25.87 -8.11 24.79
N ALA A 455 24.80 -8.83 24.48
CA ALA A 455 24.03 -8.53 23.28
C ALA A 455 23.46 -7.11 23.34
N THR A 456 23.06 -6.67 24.53
CA THR A 456 22.61 -5.30 24.69
C THR A 456 23.74 -4.31 24.39
N GLU A 457 24.95 -4.65 24.82
CA GLU A 457 26.10 -3.80 24.49
C GLU A 457 26.30 -3.71 22.99
N TYR A 458 26.20 -4.85 22.29
CA TYR A 458 26.32 -4.81 20.83
C TYR A 458 25.22 -3.97 20.20
N ILE A 459 23.99 -4.09 20.72
CA ILE A 459 22.88 -3.31 20.20
C ILE A 459 23.19 -1.82 20.32
N MET A 460 23.59 -1.38 21.51
CA MET A 460 23.86 0.04 21.71
C MET A 460 25.05 0.51 20.88
N LYS A 461 26.09 -0.32 20.79
CA LYS A 461 27.26 0.03 19.97
C LYS A 461 26.85 0.26 18.52
N GLY A 462 26.11 -0.68 17.95
CA GLY A 462 25.69 -0.54 16.57
C GLY A 462 24.78 0.64 16.36
N VAL A 463 23.84 0.85 17.28
CA VAL A 463 22.90 1.96 17.15
C VAL A 463 23.66 3.28 17.15
N TYR A 464 24.56 3.46 18.11
CA TYR A 464 25.31 4.71 18.20
C TYR A 464 26.17 4.91 16.97
N ILE A 465 26.87 3.86 16.53
CA ILE A 465 27.78 4.01 15.39
C ILE A 465 27.00 4.39 14.15
N ASN A 466 25.87 3.72 13.90
CA ASN A 466 25.13 3.98 12.67
C ASN A 466 24.42 5.33 12.72
N THR A 467 23.94 5.74 13.90
CA THR A 467 23.36 7.07 14.02
C THR A 467 24.39 8.15 13.73
N ALA A 468 25.59 8.01 14.31
CA ALA A 468 26.65 8.97 14.05
C ALA A 468 27.03 8.98 12.57
N LEU A 469 27.12 7.81 11.96
CA LEU A 469 27.49 7.73 10.55
C LEU A 469 26.46 8.40 9.67
N LEU A 470 25.17 8.15 9.91
CA LEU A 470 24.13 8.78 9.10
C LEU A 470 24.15 10.29 9.26
N ASN A 471 24.25 10.77 10.51
CA ASN A 471 24.27 12.21 10.74
C ASN A 471 25.47 12.86 10.07
N ALA A 472 26.64 12.22 10.16
CA ALA A 472 27.84 12.77 9.53
C ALA A 472 27.69 12.77 8.01
N SER A 473 27.13 11.70 7.45
CA SER A 473 26.98 11.63 6.00
C SER A 473 26.07 12.72 5.49
N CYS A 474 24.97 12.99 6.21
CA CYS A 474 24.08 14.07 5.78
C CYS A 474 24.74 15.44 5.97
N ALA A 475 25.37 15.65 7.12
CA ALA A 475 25.90 16.97 7.44
C ALA A 475 27.12 17.32 6.59
N ALA A 476 28.06 16.39 6.47
CA ALA A 476 29.32 16.62 5.78
C ALA A 476 29.39 15.70 4.55
N MET A 477 28.86 16.19 3.43
CA MET A 477 28.78 15.37 2.23
C MET A 477 30.17 15.06 1.68
N ASP A 478 31.07 16.03 1.66
CA ASP A 478 32.35 15.93 0.96
C ASP A 478 33.50 16.23 1.91
N ASP A 479 33.47 15.66 3.11
CA ASP A 479 34.51 15.85 4.10
C ASP A 479 34.92 14.50 4.66
N PHE A 480 36.19 14.40 5.04
CA PHE A 480 36.74 13.18 5.64
C PHE A 480 36.59 13.29 7.16
N GLN A 481 35.34 13.15 7.61
CA GLN A 481 35.03 13.29 9.02
C GLN A 481 35.68 12.18 9.84
N LEU A 482 36.04 12.51 11.08
CA LEU A 482 36.51 11.55 12.05
C LEU A 482 35.40 11.33 13.08
N ILE A 483 34.91 10.10 13.16
CA ILE A 483 33.78 9.76 14.02
C ILE A 483 34.24 8.78 15.10
N PRO A 484 34.35 9.19 16.36
CA PRO A 484 34.69 8.22 17.41
C PRO A 484 33.57 7.22 17.61
N MET A 485 33.95 6.00 17.97
CA MET A 485 33.00 4.93 18.29
C MET A 485 32.81 4.96 19.81
N ILE A 486 31.65 5.46 20.24
CA ILE A 486 31.39 5.74 21.65
C ILE A 486 30.13 5.02 22.08
N SER A 487 30.10 4.64 23.35
CA SER A 487 28.89 4.11 23.98
C SER A 487 28.82 4.60 25.41
N LYS A 488 27.62 4.59 25.96
CA LYS A 488 27.35 5.02 27.32
C LYS A 488 26.87 3.83 28.14
N CYS A 489 27.18 3.84 29.42
CA CYS A 489 26.92 2.69 30.28
C CYS A 489 26.69 3.16 31.70
N ILE A 490 26.05 2.30 32.50
CA ILE A 490 25.80 2.55 33.90
C ILE A 490 26.40 1.40 34.69
N THR A 491 27.38 1.69 35.54
CA THR A 491 28.06 0.66 36.29
C THR A 491 27.19 0.17 37.44
N LYS A 492 27.67 -0.87 38.12
CA LYS A 492 26.97 -1.37 39.30
C LYS A 492 26.78 -0.27 40.33
N GLU A 493 27.78 0.60 40.48
CA GLU A 493 27.69 1.71 41.42
C GLU A 493 26.73 2.79 40.95
N GLY A 494 26.22 2.71 39.72
CA GLY A 494 25.27 3.68 39.22
C GLY A 494 25.88 4.91 38.58
N ARG A 495 27.20 4.94 38.39
CA ARG A 495 27.87 6.08 37.79
C ARG A 495 27.94 5.92 36.28
N ARG A 496 27.66 7.00 35.56
CA ARG A 496 27.72 6.97 34.11
C ARG A 496 29.16 6.78 33.66
N LYS A 497 29.37 5.90 32.69
CA LYS A 497 30.68 5.61 32.16
C LYS A 497 30.61 5.69 30.64
N THR A 498 31.56 6.42 30.04
CA THR A 498 31.62 6.58 28.60
C THR A 498 32.80 5.79 28.05
N ASN A 499 32.52 4.91 27.10
CA ASN A 499 33.51 3.99 26.56
C ASN A 499 33.78 4.33 25.10
N LEU A 500 35.06 4.35 24.73
CA LEU A 500 35.51 4.57 23.37
C LEU A 500 36.16 3.30 22.86
N TYR A 501 35.66 2.80 21.73
CA TYR A 501 36.15 1.57 21.13
C TYR A 501 37.16 1.80 20.02
N GLY A 502 37.11 2.95 19.37
CA GLY A 502 37.97 3.22 18.23
C GLY A 502 37.46 4.43 17.48
N PHE A 503 37.83 4.48 16.19
CA PHE A 503 37.50 5.61 15.35
C PHE A 503 37.04 5.12 13.98
N ILE A 504 36.22 5.94 13.33
CA ILE A 504 35.77 5.71 11.97
C ILE A 504 35.98 6.99 11.18
N ILE A 505 36.73 6.90 10.08
CA ILE A 505 36.92 8.01 9.16
C ILE A 505 35.97 7.80 7.98
N LYS A 506 35.06 8.74 7.78
CA LYS A 506 34.05 8.66 6.75
C LYS A 506 34.50 9.43 5.53
N GLY A 507 34.28 8.84 4.34
CA GLY A 507 34.69 9.47 3.10
C GLY A 507 33.61 10.34 2.50
N ARG A 508 33.55 10.39 1.17
CA ARG A 508 32.55 11.18 0.48
C ARG A 508 31.18 10.56 0.70
N SER A 509 30.18 11.39 0.99
CA SER A 509 28.83 10.94 1.33
C SER A 509 27.81 11.57 0.41
N HIS A 510 28.14 11.68 -0.88
CA HIS A 510 27.21 12.20 -1.88
C HIS A 510 26.21 11.10 -2.23
N LEU A 511 25.39 10.76 -1.24
CA LEU A 511 24.41 9.69 -1.37
C LEU A 511 23.10 10.27 -1.88
N ARG A 512 22.62 9.73 -3.00
CA ARG A 512 21.36 10.15 -3.61
C ARG A 512 20.26 9.10 -3.47
N ASN A 513 20.59 7.83 -3.77
CA ASN A 513 19.66 6.73 -3.54
C ASN A 513 19.89 6.15 -2.15
N ASP A 514 19.10 5.14 -1.80
CA ASP A 514 19.20 4.50 -0.50
C ASP A 514 20.11 3.27 -0.53
N THR A 515 20.76 2.98 -1.66
CA THR A 515 21.64 1.84 -1.78
C THR A 515 23.08 2.20 -2.13
N ASP A 516 23.34 3.41 -2.62
CA ASP A 516 24.71 3.81 -2.89
C ASP A 516 25.50 3.87 -1.58
N VAL A 517 26.77 3.50 -1.68
CA VAL A 517 27.59 3.22 -0.50
C VAL A 517 28.49 4.39 -0.20
N VAL A 518 28.64 4.70 1.09
CA VAL A 518 29.70 5.58 1.59
C VAL A 518 30.76 4.69 2.21
N ASN A 519 32.01 4.90 1.80
CA ASN A 519 33.13 4.08 2.25
C ASN A 519 33.80 4.75 3.44
N PHE A 520 34.08 3.96 4.47
CA PHE A 520 34.75 4.47 5.66
C PHE A 520 35.85 3.50 6.07
N VAL A 521 36.73 3.99 6.95
CA VAL A 521 37.82 3.20 7.49
C VAL A 521 37.60 3.11 9.00
N SER A 522 37.54 1.89 9.52
CA SER A 522 37.32 1.66 10.94
C SER A 522 38.60 1.12 11.56
N MET A 523 39.06 1.78 12.63
CA MET A 523 40.21 1.34 13.39
C MET A 523 39.78 1.18 14.85
N GLU A 524 39.92 -0.03 15.38
CA GLU A 524 39.31 -0.40 16.65
C GLU A 524 40.38 -0.98 17.58
N PHE A 525 40.38 -0.50 18.83
CA PHE A 525 41.31 -1.01 19.82
C PHE A 525 40.96 -2.44 20.19
N SER A 526 41.99 -3.21 20.55
CA SER A 526 41.76 -4.59 20.98
C SER A 526 42.96 -5.07 21.80
N LEU A 527 42.73 -6.14 22.55
CA LEU A 527 43.77 -6.81 23.31
C LEU A 527 44.14 -8.17 22.76
N THR A 528 43.32 -8.74 21.88
CA THR A 528 43.58 -10.07 21.36
C THR A 528 44.63 -10.02 20.25
N ASP A 529 45.52 -10.99 20.26
CA ASP A 529 46.56 -11.08 19.24
C ASP A 529 45.98 -11.73 18.00
N PRO A 530 46.01 -11.08 16.83
CA PRO A 530 45.47 -11.72 15.62
C PRO A 530 46.19 -13.01 15.27
N ARG A 531 47.48 -13.12 15.59
CA ARG A 531 48.26 -14.27 15.17
C ARG A 531 47.71 -15.58 15.73
N LEU A 532 46.91 -15.51 16.79
CA LEU A 532 46.29 -16.74 17.31
C LEU A 532 45.31 -17.34 16.32
N GLU A 533 44.52 -16.49 15.64
CA GLU A 533 43.54 -16.94 14.66
C GLU A 533 43.64 -16.05 13.43
N PRO A 534 44.71 -16.19 12.65
CA PRO A 534 44.86 -15.31 11.48
C PRO A 534 43.71 -15.41 10.49
N HIS A 535 43.16 -16.61 10.29
CA HIS A 535 42.09 -16.77 9.32
C HIS A 535 40.87 -15.94 9.67
N LYS A 536 40.67 -15.65 10.97
CA LYS A 536 39.53 -14.84 11.38
C LYS A 536 39.67 -13.39 10.93
N TRP A 537 40.89 -12.94 10.64
CA TRP A 537 41.18 -11.53 10.39
C TRP A 537 41.72 -11.31 8.98
N GLU A 538 41.15 -12.00 7.99
CA GLU A 538 41.68 -11.88 6.63
C GLU A 538 41.41 -10.51 6.05
N LYS A 539 40.35 -9.83 6.49
CA LYS A 539 39.99 -8.52 5.97
C LYS A 539 40.58 -7.37 6.79
N TYR A 540 41.35 -7.67 7.83
CA TYR A 540 41.86 -6.66 8.74
C TYR A 540 43.37 -6.51 8.61
N CYS A 541 43.84 -5.28 8.76
CA CYS A 541 45.26 -5.00 8.98
C CYS A 541 45.41 -4.60 10.44
N VAL A 542 46.21 -5.36 11.18
CA VAL A 542 46.34 -5.19 12.62
C VAL A 542 47.73 -4.67 12.93
N LEU A 543 47.79 -3.54 13.64
CA LEU A 543 49.04 -2.96 14.11
C LEU A 543 49.06 -2.98 15.63
N GLU A 544 50.25 -3.08 16.20
CA GLU A 544 50.43 -2.98 17.64
C GLU A 544 50.63 -1.51 18.00
N ILE A 545 49.69 -0.96 18.77
CA ILE A 545 49.65 0.48 19.00
C ILE A 545 50.04 0.88 20.42
N GLY A 546 50.08 -0.06 21.37
CA GLY A 546 50.45 0.36 22.71
C GLY A 546 50.65 -0.83 23.63
N ASP A 547 50.72 -0.52 24.92
CA ASP A 547 50.82 -1.51 25.97
C ASP A 547 49.87 -1.15 27.10
N MET A 548 49.25 -2.16 27.70
CA MET A 548 48.26 -1.97 28.76
C MET A 548 48.64 -2.84 29.95
N LEU A 549 48.18 -2.43 31.13
CA LEU A 549 48.43 -3.14 32.37
C LEU A 549 47.13 -3.78 32.84
N LEU A 550 47.14 -5.09 33.02
CA LEU A 550 45.96 -5.86 33.43
C LEU A 550 46.18 -6.42 34.82
N ARG A 551 45.14 -6.35 35.65
CA ARG A 551 45.22 -6.80 37.03
C ARG A 551 44.83 -8.27 37.14
N THR A 552 45.58 -9.00 37.97
CA THR A 552 45.33 -10.42 38.20
C THR A 552 45.80 -10.75 39.62
N ALA A 553 45.61 -12.02 40.01
CA ALA A 553 46.00 -12.44 41.34
C ALA A 553 47.49 -12.25 41.61
N VAL A 554 48.31 -12.18 40.55
CA VAL A 554 49.75 -12.01 40.70
C VAL A 554 50.18 -10.56 40.47
N GLY A 555 49.24 -9.62 40.45
CA GLY A 555 49.58 -8.23 40.27
C GLY A 555 49.26 -7.71 38.88
N GLN A 556 50.07 -6.77 38.39
CA GLN A 556 49.85 -6.14 37.09
C GLN A 556 50.74 -6.81 36.06
N VAL A 557 50.16 -7.17 34.92
CA VAL A 557 50.87 -7.81 33.83
C VAL A 557 50.69 -6.97 32.57
N SER A 558 51.77 -6.82 31.81
CA SER A 558 51.73 -6.04 30.58
C SER A 558 51.20 -6.89 29.42
N ARG A 559 50.32 -6.28 28.62
CA ARG A 559 49.73 -6.94 27.47
C ARG A 559 49.77 -5.95 26.31
N PRO A 560 50.22 -6.37 25.12
CA PRO A 560 50.17 -5.46 23.98
C PRO A 560 48.75 -5.08 23.62
N MET A 561 48.59 -3.87 23.11
CA MET A 561 47.30 -3.34 22.68
C MET A 561 47.39 -3.09 21.18
N PHE A 562 46.53 -3.75 20.42
CA PHE A 562 46.53 -3.73 18.97
C PHE A 562 45.39 -2.87 18.44
N LEU A 563 45.49 -2.53 17.15
CA LEU A 563 44.49 -1.72 16.46
C LEU A 563 44.10 -2.46 15.19
N TYR A 564 42.86 -2.92 15.13
CA TYR A 564 42.33 -3.60 13.94
C TYR A 564 41.79 -2.54 12.99
N VAL A 565 42.43 -2.39 11.84
CA VAL A 565 42.10 -1.36 10.87
C VAL A 565 41.61 -2.05 9.60
N ARG A 566 40.45 -1.63 9.11
CA ARG A 566 39.92 -2.17 7.86
C ARG A 566 39.08 -1.11 7.18
N THR A 567 38.77 -1.38 5.90
CA THR A 567 37.92 -0.51 5.10
C THR A 567 36.58 -1.20 4.89
N ASN A 568 35.50 -0.45 5.08
CA ASN A 568 34.16 -0.99 4.94
C ASN A 568 33.31 0.01 4.16
N GLY A 569 32.11 -0.42 3.79
CA GLY A 569 31.17 0.45 3.13
C GLY A 569 29.78 0.28 3.70
N THR A 570 29.00 1.36 3.76
CA THR A 570 27.66 1.31 4.30
C THR A 570 26.75 2.23 3.51
N SER A 571 25.53 1.76 3.23
CA SER A 571 24.52 2.55 2.55
C SER A 571 23.53 3.12 3.55
N LYS A 572 22.61 3.94 3.04
CA LYS A 572 21.58 4.50 3.91
C LYS A 572 20.71 3.40 4.50
N ILE A 573 20.36 2.40 3.68
CA ILE A 573 19.53 1.30 4.17
C ILE A 573 20.25 0.53 5.27
N LYS A 574 21.55 0.26 5.07
CA LYS A 574 22.30 -0.46 6.08
C LYS A 574 22.43 0.35 7.36
N MET A 575 22.62 1.67 7.23
CA MET A 575 22.69 2.53 8.42
C MET A 575 21.38 2.51 9.19
N LYS A 576 20.25 2.59 8.47
CA LYS A 576 18.95 2.53 9.15
C LYS A 576 18.76 1.18 9.82
N TRP A 577 19.16 0.09 9.14
CA TRP A 577 19.08 -1.24 9.74
C TRP A 577 19.89 -1.31 11.02
N GLY A 578 21.09 -0.73 11.01
CA GLY A 578 21.89 -0.71 12.23
C GLY A 578 21.25 0.10 13.34
N MET A 579 20.74 1.29 13.02
CA MET A 579 20.09 2.13 14.02
C MET A 579 18.84 1.50 14.60
N GLU A 580 18.17 0.60 13.87
CA GLU A 580 16.95 -0.02 14.35
C GLU A 580 17.21 -1.34 15.10
N MET A 581 18.40 -1.48 15.68
CA MET A 581 18.77 -2.75 16.31
C MET A 581 18.02 -3.03 17.61
N ARG A 582 17.31 -2.05 18.16
CA ARG A 582 16.69 -2.25 19.47
C ARG A 582 15.46 -3.15 19.39
N ARG A 583 15.04 -3.54 18.19
CA ARG A 583 13.86 -4.38 18.06
C ARG A 583 14.17 -5.83 18.40
N CYS A 584 15.45 -6.16 18.57
CA CYS A 584 15.82 -7.49 19.03
C CYS A 584 15.28 -7.74 20.43
N LEU A 585 15.33 -6.70 21.29
CA LEU A 585 14.71 -6.77 22.60
C LEU A 585 13.24 -7.14 22.48
N LEU A 586 12.55 -6.49 21.55
CA LEU A 586 11.12 -6.75 21.34
C LEU A 586 10.89 -8.18 20.91
N GLN A 587 11.72 -8.69 19.99
CA GLN A 587 11.55 -10.06 19.52
C GLN A 587 11.71 -11.06 20.66
N SER A 588 12.81 -10.92 21.41
CA SER A 588 13.07 -11.84 22.52
C SER A 588 11.96 -11.77 23.56
N LEU A 589 11.52 -10.55 23.88
CA LEU A 589 10.45 -10.37 24.86
C LEU A 589 9.16 -11.00 24.37
N GLN A 590 8.86 -10.86 23.08
CA GLN A 590 7.65 -11.46 22.54
C GLN A 590 7.67 -12.96 22.71
N GLN A 591 8.79 -13.60 22.39
CA GLN A 591 8.86 -15.06 22.54
C GLN A 591 8.71 -15.45 24.01
N ILE A 592 9.45 -14.79 24.89
CA ILE A 592 9.41 -15.15 26.31
C ILE A 592 8.02 -14.93 26.89
N GLU A 593 7.32 -13.89 26.42
CA GLU A 593 5.98 -13.60 26.92
C GLU A 593 4.97 -14.59 26.36
N SER A 594 5.16 -15.03 25.12
CA SER A 594 4.28 -16.04 24.55
C SER A 594 4.36 -17.32 25.37
N MET A 595 5.57 -17.71 25.77
CA MET A 595 5.70 -18.90 26.61
C MET A 595 4.92 -18.75 27.92
N ILE A 596 5.09 -17.60 28.59
CA ILE A 596 4.44 -17.36 29.87
C ILE A 596 2.93 -17.37 29.71
N GLU A 597 2.43 -16.74 28.65
CA GLU A 597 1.00 -16.66 28.43
C GLU A 597 0.42 -18.04 28.14
N ALA A 598 1.14 -18.86 27.38
CA ALA A 598 0.68 -20.22 27.14
C ALA A 598 0.57 -20.99 28.45
N GLU A 599 1.60 -20.90 29.30
CA GLU A 599 1.54 -21.60 30.57
C GLU A 599 0.41 -21.09 31.45
N SER A 600 0.20 -19.77 31.47
CA SER A 600 -0.87 -19.19 32.27
C SER A 600 -2.24 -19.65 31.78
N SER A 601 -2.43 -19.69 30.46
CA SER A 601 -3.69 -20.18 29.92
C SER A 601 -3.92 -21.63 30.31
N VAL A 602 -2.86 -22.44 30.28
CA VAL A 602 -2.98 -23.82 30.74
C VAL A 602 -3.41 -23.86 32.21
N LYS A 603 -2.79 -23.02 33.04
CA LYS A 603 -3.03 -23.05 34.48
C LYS A 603 -4.06 -22.03 34.93
N GLU A 604 -4.59 -21.19 34.04
CA GLU A 604 -5.65 -20.24 34.38
C GLU A 604 -5.24 -19.31 35.52
N LYS A 605 -4.00 -18.82 35.47
CA LYS A 605 -3.56 -17.82 36.44
C LYS A 605 -2.23 -17.25 35.97
N ASP A 606 -1.90 -16.06 36.47
CA ASP A 606 -0.67 -15.39 36.10
C ASP A 606 0.52 -16.07 36.76
N LEU A 607 1.55 -16.39 35.98
CA LEU A 607 2.69 -17.16 36.44
C LEU A 607 4.00 -16.44 36.18
N THR A 608 3.99 -15.11 36.19
CA THR A 608 5.22 -14.37 35.97
C THR A 608 6.24 -14.67 37.06
N LYS A 609 5.80 -14.68 38.32
CA LYS A 609 6.70 -15.03 39.41
C LYS A 609 7.17 -16.48 39.29
N GLU A 610 6.26 -17.40 38.98
CA GLU A 610 6.61 -18.79 38.86
C GLU A 610 7.48 -19.09 37.64
N PHE A 611 7.65 -18.11 36.74
CA PHE A 611 8.56 -18.25 35.62
C PHE A 611 9.91 -17.60 35.89
N PHE A 612 9.92 -16.39 36.45
CA PHE A 612 11.14 -15.63 36.63
C PHE A 612 11.76 -15.79 38.01
N GLU A 613 10.94 -15.88 39.06
CA GLU A 613 11.46 -16.07 40.41
C GLU A 613 11.65 -17.54 40.75
N ASN A 614 11.21 -18.46 39.89
CA ASN A 614 11.33 -19.88 40.19
C ASN A 614 12.80 -20.29 40.32
N LYS A 615 13.62 -19.91 39.34
CA LYS A 615 15.04 -20.23 39.30
C LYS A 615 15.31 -21.72 39.50
N SER A 616 14.28 -22.56 39.28
CA SER A 616 14.42 -24.01 39.37
C SER A 616 13.98 -24.71 38.09
N GLU A 617 12.92 -24.24 37.45
CA GLU A 617 12.56 -24.74 36.13
C GLU A 617 13.62 -24.32 35.12
N THR A 618 13.95 -25.23 34.20
CA THR A 618 15.01 -24.99 33.25
C THR A 618 14.59 -25.44 31.86
N TRP A 619 15.19 -24.83 30.84
CA TRP A 619 14.97 -25.18 29.45
C TRP A 619 16.29 -25.61 28.81
N PRO A 620 16.27 -26.58 27.90
CA PRO A 620 17.52 -26.97 27.22
C PRO A 620 18.00 -25.86 26.31
N ILE A 621 19.19 -25.33 26.59
CA ILE A 621 19.69 -24.15 25.88
C ILE A 621 21.12 -24.32 25.39
N GLY A 622 21.78 -25.44 25.70
CA GLY A 622 23.16 -25.59 25.28
C GLY A 622 23.58 -27.05 25.31
N GLU A 623 24.76 -27.29 24.75
CA GLU A 623 25.32 -28.63 24.64
C GLU A 623 26.74 -28.61 25.18
N SER A 624 27.10 -29.66 25.91
CA SER A 624 28.42 -29.84 26.50
C SER A 624 28.87 -31.26 26.26
N PRO A 625 30.14 -31.58 26.55
CA PRO A 625 30.57 -32.98 26.44
C PRO A 625 29.75 -33.94 27.27
N LYS A 626 29.27 -33.50 28.44
CA LYS A 626 28.39 -34.34 29.24
C LYS A 626 27.10 -34.66 28.48
N GLY A 627 26.53 -33.65 27.83
CA GLY A 627 25.28 -33.82 27.11
C GLY A 627 24.60 -32.48 26.88
N VAL A 628 23.28 -32.51 26.93
CA VAL A 628 22.48 -31.30 26.79
C VAL A 628 22.47 -30.54 28.12
N GLU A 629 22.56 -29.22 28.04
CA GLU A 629 22.61 -28.36 29.21
C GLU A 629 21.34 -27.55 29.31
N GLU A 630 20.85 -27.37 30.53
CA GLU A 630 19.62 -26.65 30.81
C GLU A 630 19.93 -25.37 31.57
N GLY A 631 19.22 -24.29 31.21
CA GLY A 631 19.41 -23.02 31.85
C GLY A 631 18.09 -22.44 32.31
N SER A 632 18.20 -21.48 33.23
CA SER A 632 17.02 -20.83 33.79
C SER A 632 16.34 -19.97 32.72
N ILE A 633 15.24 -19.33 33.10
CA ILE A 633 14.52 -18.48 32.16
C ILE A 633 15.37 -17.28 31.75
N GLY A 634 16.18 -16.75 32.68
CA GLY A 634 17.06 -15.66 32.32
C GLY A 634 18.05 -16.05 31.24
N LYS A 635 18.61 -17.26 31.34
CA LYS A 635 19.52 -17.74 30.31
C LYS A 635 18.81 -17.85 28.97
N VAL A 636 17.55 -18.31 28.97
CA VAL A 636 16.79 -18.40 27.73
C VAL A 636 16.56 -17.00 27.15
N CYS A 637 16.20 -16.04 27.99
CA CYS A 637 16.01 -14.67 27.54
C CYS A 637 17.27 -14.15 26.87
N ARG A 638 18.42 -14.32 27.55
CA ARG A 638 19.68 -13.82 27.01
C ARG A 638 20.06 -14.55 25.72
N THR A 639 19.81 -15.85 25.66
CA THR A 639 20.13 -16.61 24.45
C THR A 639 19.30 -16.13 23.27
N LEU A 640 18.01 -15.92 23.47
CA LEU A 640 17.17 -15.45 22.38
C LEU A 640 17.55 -14.04 21.96
N LEU A 641 17.88 -13.18 22.93
CA LEU A 641 18.33 -11.83 22.58
C LEU A 641 19.61 -11.88 21.76
N ALA A 642 20.56 -12.70 22.17
CA ALA A 642 21.82 -12.82 21.43
C ALA A 642 21.58 -13.38 20.04
N LYS A 643 20.67 -14.34 19.91
CA LYS A 643 20.35 -14.88 18.59
C LYS A 643 19.77 -13.81 17.69
N SER A 644 18.84 -13.00 18.21
CA SER A 644 18.29 -11.91 17.41
C SER A 644 19.37 -10.91 17.01
N VAL A 645 20.24 -10.56 17.96
CA VAL A 645 21.30 -9.58 17.68
C VAL A 645 22.24 -10.10 16.60
N PHE A 646 22.62 -11.38 16.68
CA PHE A 646 23.52 -11.94 15.69
C PHE A 646 22.83 -12.12 14.34
N ASN A 647 21.53 -12.38 14.33
CA ASN A 647 20.78 -12.36 13.08
C ASN A 647 20.84 -10.98 12.44
N SER A 648 20.68 -9.94 13.24
CA SER A 648 20.76 -8.58 12.71
C SER A 648 22.16 -8.27 12.20
N LEU A 649 23.19 -8.64 12.96
CA LEU A 649 24.56 -8.31 12.58
C LEU A 649 24.99 -9.08 11.34
N TYR A 650 24.58 -10.34 11.21
CA TYR A 650 25.02 -11.22 10.14
C TYR A 650 23.89 -11.50 9.14
N ALA A 651 23.08 -10.49 8.85
CA ALA A 651 22.02 -10.65 7.87
C ALA A 651 22.61 -10.90 6.49
N SER A 652 21.97 -11.78 5.73
CA SER A 652 22.39 -12.10 4.38
C SER A 652 21.27 -12.89 3.70
N PRO A 653 21.29 -12.99 2.37
CA PRO A 653 20.32 -13.86 1.70
C PRO A 653 20.44 -15.30 2.12
N GLN A 654 21.65 -15.76 2.41
CA GLN A 654 21.84 -17.13 2.85
C GLN A 654 21.08 -17.40 4.14
N LEU A 655 21.10 -16.43 5.08
CA LEU A 655 20.44 -16.64 6.36
C LEU A 655 18.94 -16.82 6.18
N GLU A 656 18.30 -15.92 5.42
CA GLU A 656 16.87 -16.02 5.23
C GLU A 656 16.50 -17.29 4.46
N GLY A 657 17.30 -17.64 3.44
CA GLY A 657 17.03 -18.87 2.72
C GLY A 657 17.11 -20.09 3.62
N PHE A 658 18.17 -20.16 4.44
CA PHE A 658 18.34 -21.30 5.33
C PHE A 658 17.20 -21.37 6.33
N SER A 659 16.80 -20.23 6.90
CA SER A 659 15.71 -20.23 7.87
C SER A 659 14.43 -20.73 7.23
N ALA A 660 14.08 -20.19 6.05
CA ALA A 660 12.85 -20.59 5.40
C ALA A 660 12.87 -22.07 5.06
N GLU A 661 14.00 -22.58 4.57
CA GLU A 661 14.05 -23.98 4.15
C GLU A 661 14.05 -24.93 5.34
N SER A 662 14.78 -24.58 6.40
CA SER A 662 14.88 -25.46 7.56
C SER A 662 13.66 -25.38 8.46
N ARG A 663 12.81 -24.38 8.31
CA ARG A 663 11.54 -24.39 9.04
C ARG A 663 10.71 -25.61 8.66
N LYS A 664 10.68 -25.97 7.39
CA LYS A 664 9.95 -27.15 6.96
C LYS A 664 10.49 -28.41 7.62
N LEU A 665 11.82 -28.55 7.66
CA LEU A 665 12.41 -29.72 8.30
C LEU A 665 12.11 -29.75 9.79
N LEU A 666 12.17 -28.58 10.44
CA LEU A 666 11.83 -28.51 11.85
C LEU A 666 10.40 -28.97 12.10
N LEU A 667 9.47 -28.51 11.25
CA LEU A 667 8.06 -28.87 11.45
C LEU A 667 7.83 -30.35 11.14
N ILE A 668 8.54 -30.91 10.16
CA ILE A 668 8.43 -32.34 9.91
C ILE A 668 8.92 -33.14 11.10
N VAL A 669 10.06 -32.73 11.68
CA VAL A 669 10.58 -33.42 12.86
C VAL A 669 9.61 -33.29 14.02
N GLN A 670 9.01 -32.11 14.19
CA GLN A 670 8.03 -31.92 15.24
C GLN A 670 6.83 -32.83 15.05
N ALA A 671 6.34 -32.94 13.82
CA ALA A 671 5.23 -33.85 13.54
C ALA A 671 5.61 -35.27 13.88
N LEU A 672 6.86 -35.65 13.60
CA LEU A 672 7.33 -36.98 13.99
C LEU A 672 7.28 -37.14 15.50
N ARG A 673 7.73 -36.13 16.24
CA ARG A 673 7.76 -36.23 17.69
C ARG A 673 6.36 -36.31 18.30
N ASP A 674 5.33 -35.88 17.57
CA ASP A 674 3.97 -35.95 18.04
C ASP A 674 3.27 -37.25 17.64
N ASN A 675 3.99 -38.18 17.01
CA ASN A 675 3.41 -39.44 16.56
C ASN A 675 2.27 -39.19 15.58
N LEU A 676 2.47 -38.25 14.66
CA LEU A 676 1.47 -37.91 13.66
C LEU A 676 1.78 -38.53 12.29
N GLU A 677 2.68 -39.51 12.25
CA GLU A 677 2.98 -40.24 11.03
C GLU A 677 3.35 -39.29 9.88
N PRO A 678 4.38 -38.47 10.05
CA PRO A 678 4.77 -37.56 8.97
C PRO A 678 5.24 -38.30 7.74
N GLY A 679 5.02 -37.68 6.59
CA GLY A 679 5.49 -38.24 5.33
C GLY A 679 5.90 -37.13 4.39
N THR A 680 6.80 -37.46 3.49
CA THR A 680 7.34 -36.49 2.54
C THR A 680 7.14 -37.00 1.12
N PHE A 681 7.41 -36.13 0.16
CA PHE A 681 7.35 -36.46 -1.26
C PHE A 681 8.72 -36.40 -1.93
N ASP A 682 9.47 -35.33 -1.67
CA ASP A 682 10.79 -35.13 -2.25
C ASP A 682 11.78 -34.65 -1.19
N LEU A 683 11.85 -35.38 -0.07
CA LEU A 683 12.69 -34.93 1.04
C LEU A 683 14.12 -34.63 0.61
N GLU A 684 14.64 -35.37 -0.37
CA GLU A 684 15.97 -35.07 -0.88
C GLU A 684 16.01 -33.68 -1.51
N GLY A 685 14.93 -33.29 -2.18
CA GLY A 685 14.84 -31.94 -2.71
C GLY A 685 14.88 -30.89 -1.62
N LEU A 686 14.17 -31.14 -0.51
CA LEU A 686 14.22 -30.21 0.62
C LEU A 686 15.62 -30.13 1.20
N TYR A 687 16.31 -31.26 1.32
CA TYR A 687 17.68 -31.25 1.82
C TYR A 687 18.60 -30.46 0.89
N GLU A 688 18.44 -30.65 -0.42
CA GLU A 688 19.25 -29.88 -1.37
C GLU A 688 18.97 -28.39 -1.26
N ALA A 689 17.69 -28.02 -1.10
CA ALA A 689 17.35 -26.61 -0.96
C ALA A 689 17.96 -26.03 0.31
N ILE A 690 17.92 -26.78 1.41
CA ILE A 690 18.51 -26.29 2.66
C ILE A 690 20.01 -26.12 2.50
N GLU A 691 20.68 -27.10 1.87
CA GLU A 691 22.13 -27.08 1.79
C GLU A 691 22.66 -26.12 0.75
N GLU A 692 21.85 -25.71 -0.22
CA GLU A 692 22.32 -24.74 -1.21
C GLU A 692 22.60 -23.38 -0.60
N CYS A 693 22.08 -23.11 0.60
CA CYS A 693 22.22 -21.81 1.25
C CYS A 693 23.43 -21.74 2.18
N LEU A 694 24.24 -22.79 2.25
CA LEU A 694 25.42 -22.83 3.11
C LEU A 694 26.65 -22.77 2.22
N ILE A 695 27.29 -21.59 2.15
CA ILE A 695 28.49 -21.44 1.34
C ILE A 695 29.66 -20.97 2.19
N ASN A 696 29.59 -19.75 2.73
CA ASN A 696 30.70 -19.21 3.50
C ASN A 696 30.30 -18.42 4.74
N ASP A 697 29.04 -18.04 4.91
CA ASP A 697 28.67 -17.16 6.02
C ASP A 697 28.86 -17.89 7.35
N PRO A 698 29.66 -17.35 8.28
CA PRO A 698 29.83 -18.08 9.56
C PRO A 698 28.55 -18.26 10.34
N TRP A 699 27.66 -17.27 10.32
CA TRP A 699 26.44 -17.36 11.09
C TRP A 699 25.53 -18.47 10.57
N VAL A 700 25.40 -18.58 9.25
CA VAL A 700 24.55 -19.61 8.67
C VAL A 700 25.13 -20.99 8.93
N LEU A 701 26.46 -21.12 8.85
CA LEU A 701 27.10 -22.39 9.13
C LEU A 701 26.90 -22.80 10.60
N LEU A 702 27.02 -21.83 11.51
CA LEU A 702 26.77 -22.13 12.92
C LEU A 702 25.32 -22.56 13.14
N ASN A 703 24.39 -21.90 12.47
CA ASN A 703 22.99 -22.29 12.58
C ASN A 703 22.76 -23.70 12.05
N ALA A 704 23.43 -24.05 10.95
CA ALA A 704 23.32 -25.40 10.41
C ALA A 704 23.87 -26.43 11.40
N SER A 705 25.00 -26.12 12.03
CA SER A 705 25.55 -27.03 13.04
C SER A 705 24.58 -27.17 14.22
N TRP A 706 23.97 -26.06 14.64
CA TRP A 706 22.98 -26.13 15.70
C TRP A 706 21.83 -27.05 15.30
N PHE A 707 21.36 -26.93 14.05
CA PHE A 707 20.27 -27.78 13.59
C PHE A 707 20.68 -29.24 13.59
N ASN A 708 21.91 -29.53 13.17
CA ASN A 708 22.38 -30.91 13.20
C ASN A 708 22.40 -31.46 14.62
N SER A 709 22.89 -30.68 15.58
CA SER A 709 22.91 -31.11 16.97
C SER A 709 21.49 -31.34 17.48
N PHE A 710 20.58 -30.44 17.14
CA PHE A 710 19.18 -30.60 17.56
C PHE A 710 18.59 -31.87 16.98
N LEU A 711 18.88 -32.15 15.71
CA LEU A 711 18.38 -33.39 15.11
C LEU A 711 18.91 -34.60 15.87
N THR A 712 20.22 -34.60 16.16
CA THR A 712 20.82 -35.72 16.87
C THR A 712 20.15 -35.93 18.22
N HIS A 713 19.88 -34.85 18.94
CA HIS A 713 19.32 -34.99 20.29
C HIS A 713 17.85 -35.33 20.26
N ALA A 714 17.09 -34.78 19.31
CA ALA A 714 15.66 -35.01 19.25
C ALA A 714 15.30 -36.39 18.70
N LEU A 715 16.10 -36.91 17.78
CA LEU A 715 15.79 -38.22 17.21
C LEU A 715 15.84 -39.31 18.26
N ARG A 716 16.83 -39.26 19.15
CA ARG A 716 16.97 -40.27 20.20
C ARG A 716 15.71 -40.34 21.05
N MET B 1 30.39 -25.29 27.90
CA MET B 1 28.97 -25.28 27.47
C MET B 1 28.79 -24.38 26.25
N ASP B 2 28.34 -24.97 25.14
CA ASP B 2 28.11 -24.24 23.90
C ASP B 2 26.63 -23.95 23.75
N VAL B 3 26.28 -22.67 23.69
CA VAL B 3 24.88 -22.28 23.60
C VAL B 3 24.31 -22.71 22.26
N ASN B 4 23.10 -23.24 22.28
CA ASN B 4 22.40 -23.70 21.08
C ASN B 4 20.93 -23.37 21.22
N PRO B 5 20.47 -22.25 20.67
CA PRO B 5 19.03 -21.92 20.81
C PRO B 5 18.12 -22.95 20.19
N THR B 6 18.56 -23.66 19.15
CA THR B 6 17.70 -24.67 18.53
C THR B 6 17.30 -25.75 19.52
N LEU B 7 18.15 -26.02 20.51
CA LEU B 7 17.81 -27.03 21.52
C LEU B 7 16.56 -26.66 22.29
N LEU B 8 16.15 -25.39 22.25
CA LEU B 8 14.90 -25.00 22.90
C LEU B 8 13.71 -25.77 22.32
N PHE B 9 13.83 -26.29 21.10
CA PHE B 9 12.75 -27.08 20.53
C PHE B 9 12.62 -28.45 21.15
N LEU B 10 13.60 -28.89 21.94
CA LEU B 10 13.50 -30.17 22.62
C LEU B 10 12.44 -30.15 23.71
N LYS B 11 12.04 -28.97 24.17
CA LYS B 11 10.97 -28.82 25.15
C LYS B 11 9.78 -28.07 24.59
N VAL B 12 10.00 -26.89 24.02
CA VAL B 12 8.91 -26.11 23.43
C VAL B 12 8.64 -26.61 22.02
N PRO B 13 7.40 -26.95 21.67
CA PRO B 13 7.12 -27.35 20.29
C PRO B 13 7.47 -26.26 19.30
N VAL B 14 7.84 -26.66 18.09
CA VAL B 14 8.30 -25.71 17.08
C VAL B 14 7.22 -24.65 16.82
N GLN B 15 5.96 -25.08 16.69
CA GLN B 15 4.88 -24.14 16.41
C GLN B 15 4.78 -23.09 17.51
N ASN B 16 5.00 -23.49 18.76
CA ASN B 16 4.91 -22.54 19.86
C ASN B 16 6.07 -21.56 19.85
N ALA B 17 7.25 -22.00 19.45
CA ALA B 17 8.45 -21.17 19.40
C ALA B 17 8.86 -20.89 17.95
N ILE B 18 7.88 -20.70 17.07
CA ILE B 18 8.17 -20.47 15.66
C ILE B 18 8.85 -19.12 15.44
N SER B 19 8.66 -18.16 16.35
CA SER B 19 9.26 -16.84 16.17
C SER B 19 10.77 -16.94 16.05
N THR B 20 11.38 -17.88 16.78
CA THR B 20 12.83 -18.04 16.75
C THR B 20 13.34 -18.54 15.42
N THR B 21 12.46 -19.00 14.53
CA THR B 21 12.85 -19.48 13.21
C THR B 21 12.78 -18.39 12.14
N PHE B 22 12.43 -17.16 12.51
CA PHE B 22 12.38 -16.05 11.57
C PHE B 22 13.55 -15.11 11.84
N PRO B 23 14.49 -14.96 10.91
CA PRO B 23 15.74 -14.25 11.26
C PRO B 23 15.57 -12.77 11.49
N TYR B 24 14.72 -12.11 10.71
CA TYR B 24 14.64 -10.65 10.71
C TYR B 24 13.31 -10.17 11.28
N THR B 25 13.31 -8.90 11.69
CA THR B 25 12.11 -8.17 12.08
C THR B 25 12.11 -6.90 11.23
N GLY B 26 11.58 -6.99 10.03
CA GLY B 26 11.62 -5.91 9.06
C GLY B 26 12.33 -6.32 7.78
N ASP B 27 12.27 -5.42 6.82
CA ASP B 27 12.87 -5.69 5.51
C ASP B 27 14.40 -5.79 5.66
N PRO B 28 15.03 -6.81 5.09
CA PRO B 28 16.48 -6.91 5.23
C PRO B 28 17.17 -5.90 4.34
N PRO B 29 18.39 -5.47 4.71
CA PRO B 29 19.03 -4.39 3.95
C PRO B 29 19.84 -4.86 2.74
N TYR B 30 19.30 -5.77 1.93
CA TYR B 30 19.94 -6.05 0.65
C TYR B 30 18.97 -6.03 -0.52
N SER B 31 17.75 -6.55 -0.35
CA SER B 31 16.72 -6.53 -1.37
C SER B 31 17.30 -6.87 -2.75
N HIS B 32 17.83 -8.08 -2.86
CA HIS B 32 18.49 -8.57 -4.06
C HIS B 32 17.72 -9.76 -4.63
N GLY B 33 18.20 -10.26 -5.78
CA GLY B 33 17.64 -11.45 -6.38
C GLY B 33 16.90 -11.23 -7.68
N THR B 34 17.37 -10.30 -8.51
CA THR B 34 16.75 -10.05 -9.80
C THR B 34 17.79 -9.49 -10.76
N GLY B 35 17.52 -9.68 -12.05
CA GLY B 35 18.43 -9.20 -13.07
C GLY B 35 18.07 -9.79 -14.43
N THR B 36 18.81 -9.35 -15.44
CA THR B 36 18.55 -9.78 -16.81
C THR B 36 18.73 -11.29 -16.95
N GLY B 37 19.80 -11.84 -16.37
CA GLY B 37 19.99 -13.27 -16.41
C GLY B 37 18.81 -14.01 -15.81
N TYR B 38 18.23 -13.46 -14.74
CA TYR B 38 17.05 -14.07 -14.13
C TYR B 38 15.88 -14.08 -15.10
N THR B 39 15.64 -12.97 -15.80
CA THR B 39 14.53 -12.93 -16.75
C THR B 39 14.73 -13.95 -17.86
N MET B 40 15.95 -14.06 -18.37
CA MET B 40 16.22 -15.03 -19.42
C MET B 40 16.03 -16.45 -18.90
N ASP B 41 16.43 -16.70 -17.65
CA ASP B 41 16.22 -18.01 -17.05
C ASP B 41 14.73 -18.33 -16.95
N THR B 42 13.92 -17.36 -16.52
CA THR B 42 12.48 -17.61 -16.44
C THR B 42 11.88 -17.89 -17.81
N VAL B 43 12.29 -17.14 -18.83
CA VAL B 43 11.77 -17.38 -20.18
C VAL B 43 12.14 -18.79 -20.63
N ASN B 44 13.41 -19.17 -20.43
CA ASN B 44 13.84 -20.49 -20.86
C ASN B 44 13.10 -21.59 -20.12
N ARG B 45 12.94 -21.44 -18.80
CA ARG B 45 12.24 -22.46 -18.02
C ARG B 45 10.78 -22.57 -18.43
N THR B 46 10.12 -21.43 -18.65
CA THR B 46 8.72 -21.46 -19.05
C THR B 46 8.55 -22.15 -20.40
N HIS B 47 9.45 -21.87 -21.35
CA HIS B 47 9.34 -22.53 -22.64
C HIS B 47 9.69 -24.01 -22.54
N LYS B 48 10.63 -24.37 -21.68
CA LYS B 48 11.01 -25.77 -21.51
C LYS B 48 9.88 -26.59 -20.91
N TYR B 49 9.16 -26.02 -19.95
CA TYR B 49 8.09 -26.77 -19.28
C TYR B 49 6.93 -27.08 -20.19
N SER B 50 6.88 -26.48 -21.39
CA SER B 50 5.82 -26.75 -22.36
C SER B 50 6.39 -27.06 -23.74
N GLU B 51 7.65 -27.48 -23.81
CA GLU B 51 8.34 -27.61 -25.09
C GLU B 51 7.65 -28.58 -26.03
N LYS B 52 6.84 -29.49 -25.52
CA LYS B 52 6.17 -30.48 -26.36
C LYS B 52 4.88 -29.94 -26.98
N GLY B 53 4.57 -28.66 -26.80
CA GLY B 53 3.40 -28.07 -27.41
C GLY B 53 3.63 -27.70 -28.86
N LYS B 54 2.63 -27.05 -29.44
CA LYS B 54 2.66 -26.71 -30.86
C LYS B 54 3.26 -25.33 -31.04
N TRP B 55 4.21 -25.21 -31.96
CA TRP B 55 4.84 -23.95 -32.28
C TRP B 55 4.11 -23.27 -33.43
N THR B 56 4.04 -21.94 -33.38
CA THR B 56 3.40 -21.17 -34.43
C THR B 56 4.07 -19.80 -34.51
N THR B 57 3.78 -19.08 -35.59
CA THR B 57 4.30 -17.74 -35.80
C THR B 57 3.14 -16.75 -35.82
N ASN B 58 3.24 -15.72 -34.99
CA ASN B 58 2.19 -14.71 -34.92
C ASN B 58 2.08 -13.95 -36.23
N THR B 59 0.84 -13.76 -36.70
CA THR B 59 0.63 -13.07 -37.97
C THR B 59 0.85 -11.57 -37.86
N GLU B 60 0.90 -11.01 -36.65
CA GLU B 60 1.09 -9.57 -36.46
C GLU B 60 2.50 -9.25 -35.99
N THR B 61 2.93 -9.84 -34.87
CA THR B 61 4.26 -9.61 -34.35
C THR B 61 5.30 -10.56 -34.93
N GLY B 62 4.89 -11.58 -35.65
CA GLY B 62 5.85 -12.53 -36.20
C GLY B 62 6.72 -13.16 -35.15
N ALA B 63 6.11 -13.54 -34.02
CA ALA B 63 6.87 -14.07 -32.89
C ALA B 63 6.58 -15.55 -32.69
N PRO B 64 7.60 -16.35 -32.38
CA PRO B 64 7.32 -17.75 -32.02
C PRO B 64 6.40 -17.82 -30.80
N GLN B 65 5.40 -18.69 -30.90
CA GLN B 65 4.43 -18.87 -29.82
C GLN B 65 4.19 -20.35 -29.62
N LEU B 66 4.18 -20.78 -28.35
CA LEU B 66 4.04 -22.17 -27.99
C LEU B 66 2.67 -22.39 -27.34
N ASN B 67 1.94 -23.38 -27.83
CA ASN B 67 0.62 -23.74 -27.30
C ASN B 67 0.69 -25.16 -26.75
N PRO B 68 0.87 -25.33 -25.44
CA PRO B 68 0.84 -26.67 -24.85
C PRO B 68 -0.55 -27.17 -24.48
N ILE B 69 -1.59 -26.36 -24.66
CA ILE B 69 -2.94 -26.81 -24.34
C ILE B 69 -3.27 -28.04 -25.15
N ASP B 70 -3.99 -28.97 -24.53
CA ASP B 70 -4.38 -30.22 -25.16
C ASP B 70 -3.16 -31.01 -25.64
N GLY B 71 -2.01 -30.77 -25.05
CA GLY B 71 -0.80 -31.47 -25.44
C GLY B 71 -0.76 -32.87 -24.86
N PRO B 72 0.34 -33.57 -25.14
CA PRO B 72 0.48 -34.92 -24.59
C PRO B 72 0.49 -34.91 -23.07
N LEU B 73 -0.19 -35.89 -22.48
CA LEU B 73 -0.26 -35.97 -21.04
C LEU B 73 1.11 -36.28 -20.47
N PRO B 74 1.44 -35.74 -19.29
CA PRO B 74 2.79 -35.91 -18.76
C PRO B 74 3.09 -37.38 -18.45
N GLU B 75 4.37 -37.74 -18.59
CA GLU B 75 4.84 -39.08 -18.30
C GLU B 75 5.76 -39.15 -17.09
N ASP B 76 6.12 -38.02 -16.49
CA ASP B 76 6.98 -37.98 -15.33
C ASP B 76 6.42 -36.97 -14.34
N ASN B 77 7.14 -36.78 -13.24
CA ASN B 77 6.73 -35.88 -12.17
C ASN B 77 7.27 -34.46 -12.35
N GLU B 78 7.95 -34.17 -13.45
CA GLU B 78 8.50 -32.84 -13.67
C GLU B 78 7.37 -31.85 -13.95
N PRO B 79 7.61 -30.56 -13.72
CA PRO B 79 6.57 -29.57 -14.01
C PRO B 79 6.16 -29.59 -15.47
N SER B 80 4.88 -29.38 -15.72
CA SER B 80 4.32 -29.45 -17.07
C SER B 80 3.24 -28.40 -17.23
N GLY B 81 2.97 -28.03 -18.48
CA GLY B 81 1.94 -27.07 -18.79
C GLY B 81 0.92 -27.61 -19.77
N TYR B 82 0.83 -28.93 -19.89
CA TYR B 82 -0.06 -29.56 -20.85
C TYR B 82 -1.45 -29.75 -20.23
N ALA B 83 -2.11 -28.61 -20.02
CA ALA B 83 -3.47 -28.62 -19.50
C ALA B 83 -4.45 -28.96 -20.61
N GLN B 84 -5.49 -29.72 -20.26
CA GLN B 84 -6.50 -30.15 -21.22
C GLN B 84 -7.70 -29.21 -21.13
N THR B 85 -8.13 -28.71 -22.29
CA THR B 85 -9.26 -27.79 -22.32
C THR B 85 -10.52 -28.44 -21.75
N ASP B 86 -10.79 -29.69 -22.15
CA ASP B 86 -11.99 -30.37 -21.67
C ASP B 86 -11.95 -30.54 -20.15
N CYS B 87 -10.77 -30.88 -19.60
CA CYS B 87 -10.66 -31.09 -18.17
C CYS B 87 -10.94 -29.81 -17.39
N VAL B 88 -10.39 -28.68 -17.86
CA VAL B 88 -10.62 -27.42 -17.16
C VAL B 88 -12.06 -26.98 -17.30
N LEU B 89 -12.66 -27.16 -18.49
CA LEU B 89 -14.06 -26.84 -18.65
C LEU B 89 -14.93 -27.69 -17.74
N GLU B 90 -14.58 -28.97 -17.59
CA GLU B 90 -15.33 -29.86 -16.69
C GLU B 90 -15.16 -29.43 -15.24
N ALA B 91 -13.96 -29.00 -14.86
CA ALA B 91 -13.75 -28.50 -13.50
C ALA B 91 -14.60 -27.27 -13.23
N MET B 92 -14.65 -26.34 -14.19
CA MET B 92 -15.52 -25.17 -14.04
C MET B 92 -16.98 -25.57 -13.97
N ALA B 93 -17.39 -26.55 -14.79
CA ALA B 93 -18.78 -27.00 -14.78
C ALA B 93 -19.15 -27.57 -13.42
N PHE B 94 -18.28 -28.39 -12.84
CA PHE B 94 -18.58 -28.97 -11.53
C PHE B 94 -18.51 -27.93 -10.42
N LEU B 95 -17.62 -26.94 -10.54
CA LEU B 95 -17.62 -25.85 -9.57
C LEU B 95 -18.94 -25.10 -9.60
N GLU B 96 -19.46 -24.83 -10.80
CA GLU B 96 -20.77 -24.19 -10.90
C GLU B 96 -21.86 -25.10 -10.36
N GLU B 97 -21.76 -26.40 -10.61
CA GLU B 97 -22.78 -27.33 -10.13
C GLU B 97 -22.83 -27.35 -8.60
N SER B 98 -21.66 -27.36 -7.95
CA SER B 98 -21.63 -27.33 -6.50
C SER B 98 -22.02 -25.97 -5.94
N HIS B 99 -21.86 -24.90 -6.72
CA HIS B 99 -22.24 -23.55 -6.33
C HIS B 99 -23.09 -22.95 -7.44
N PRO B 100 -24.34 -23.39 -7.58
CA PRO B 100 -25.17 -22.90 -8.68
C PRO B 100 -25.38 -21.39 -8.59
N GLY B 101 -25.33 -20.73 -9.74
CA GLY B 101 -25.57 -19.31 -9.83
C GLY B 101 -24.39 -18.43 -9.47
N ILE B 102 -23.26 -19.01 -9.09
CA ILE B 102 -22.12 -18.20 -8.67
C ILE B 102 -21.60 -17.37 -9.85
N PHE B 103 -21.43 -18.01 -11.00
CA PHE B 103 -20.87 -17.32 -12.15
C PHE B 103 -21.78 -16.18 -12.60
N GLU B 104 -23.09 -16.41 -12.61
CA GLU B 104 -24.01 -15.37 -13.07
C GLU B 104 -23.99 -14.16 -12.15
N ASN B 105 -24.05 -14.38 -10.84
CA ASN B 105 -24.02 -13.27 -9.90
C ASN B 105 -22.69 -12.51 -9.98
N SER B 106 -21.59 -13.25 -10.10
CA SER B 106 -20.29 -12.59 -10.23
C SER B 106 -20.22 -11.77 -11.50
N CYS B 107 -20.76 -12.30 -12.60
CA CYS B 107 -20.76 -11.56 -13.86
C CYS B 107 -21.60 -10.29 -13.75
N LEU B 108 -22.75 -10.36 -13.08
CA LEU B 108 -23.57 -9.18 -12.91
C LEU B 108 -22.86 -8.11 -12.07
N GLU B 109 -22.22 -8.54 -10.98
CA GLU B 109 -21.48 -7.59 -10.16
C GLU B 109 -20.34 -6.96 -10.93
N THR B 110 -19.62 -7.76 -11.72
CA THR B 110 -18.53 -7.22 -12.52
C THR B 110 -19.05 -6.29 -13.62
N MET B 111 -20.22 -6.56 -14.17
CA MET B 111 -20.83 -5.64 -15.12
C MET B 111 -21.11 -4.30 -14.46
N GLU B 112 -21.66 -4.34 -13.25
CA GLU B 112 -21.88 -3.11 -12.50
C GLU B 112 -20.57 -2.36 -12.31
N ILE B 113 -19.51 -3.08 -11.94
CA ILE B 113 -18.21 -2.44 -11.73
C ILE B 113 -17.71 -1.81 -13.03
N VAL B 114 -17.86 -2.53 -14.15
CA VAL B 114 -17.34 -2.06 -15.43
C VAL B 114 -18.06 -0.79 -15.86
N GLN B 115 -19.38 -0.73 -15.66
CA GLN B 115 -20.14 0.42 -16.14
C GLN B 115 -19.83 1.68 -15.32
N GLN B 116 -19.52 1.53 -14.04
CA GLN B 116 -19.37 2.66 -13.14
C GLN B 116 -17.91 3.03 -12.85
N THR B 117 -16.96 2.39 -13.52
CA THR B 117 -15.55 2.64 -13.23
C THR B 117 -15.09 3.93 -13.90
N ARG B 118 -13.85 4.32 -13.60
CA ARG B 118 -13.28 5.59 -14.05
C ARG B 118 -11.84 5.38 -14.49
N VAL B 119 -11.35 6.31 -15.30
CA VAL B 119 -10.00 6.18 -15.86
C VAL B 119 -8.94 6.32 -14.78
N ASP B 120 -9.11 7.29 -13.88
CA ASP B 120 -8.10 7.55 -12.86
C ASP B 120 -7.82 6.34 -11.98
N LYS B 121 -8.65 5.29 -12.05
CA LYS B 121 -8.33 4.06 -11.35
C LYS B 121 -6.95 3.55 -11.73
N LEU B 122 -6.59 3.67 -13.01
CA LEU B 122 -5.29 3.20 -13.47
C LEU B 122 -4.14 3.93 -12.80
N THR B 123 -4.39 5.11 -12.22
CA THR B 123 -3.33 5.83 -11.52
C THR B 123 -3.00 5.21 -10.18
N GLN B 124 -3.75 4.22 -9.72
CA GLN B 124 -3.54 3.64 -8.40
C GLN B 124 -2.58 2.46 -8.42
N GLY B 125 -1.97 2.14 -9.55
CA GLY B 125 -1.04 1.03 -9.64
C GLY B 125 0.35 1.41 -9.20
N ARG B 126 1.27 0.45 -9.34
CA ARG B 126 2.66 0.64 -9.00
C ARG B 126 3.42 1.11 -10.24
N GLN B 127 4.76 1.13 -10.16
CA GLN B 127 5.57 1.53 -11.30
C GLN B 127 5.22 0.69 -12.52
N THR B 128 4.98 1.35 -13.64
CA THR B 128 4.47 0.71 -14.84
C THR B 128 5.30 1.10 -16.05
N TYR B 129 5.31 0.22 -17.04
CA TYR B 129 6.11 0.43 -18.24
C TYR B 129 5.40 1.42 -19.17
N ASP B 130 5.95 2.63 -19.27
CA ASP B 130 5.48 3.60 -20.24
C ASP B 130 6.10 3.28 -21.59
N TRP B 131 5.25 2.93 -22.56
CA TRP B 131 5.73 2.65 -23.91
C TRP B 131 6.10 3.95 -24.64
N THR B 132 5.45 5.06 -24.29
CA THR B 132 5.82 6.34 -24.89
C THR B 132 7.24 6.73 -24.52
N LEU B 133 7.61 6.55 -23.26
CA LEU B 133 9.00 6.73 -22.83
C LEU B 133 9.81 5.44 -22.91
N ASN B 134 9.15 4.30 -23.13
CA ASN B 134 9.84 3.02 -23.23
C ASN B 134 10.69 2.73 -21.99
N ARG B 135 10.12 2.98 -20.82
CA ARG B 135 10.82 2.68 -19.57
C ARG B 135 9.82 2.80 -18.43
N ASN B 136 10.27 2.47 -17.21
CA ASN B 136 9.40 2.49 -16.06
C ASN B 136 9.10 3.92 -15.63
N GLN B 137 7.82 4.21 -15.37
CA GLN B 137 7.35 5.50 -14.92
C GLN B 137 6.24 5.28 -13.91
N PRO B 138 5.91 6.31 -13.12
CA PRO B 138 4.78 6.17 -12.18
C PRO B 138 3.47 5.97 -12.92
N ALA B 139 2.52 5.34 -12.22
CA ALA B 139 1.24 4.99 -12.84
C ALA B 139 0.53 6.22 -13.38
N ALA B 140 0.43 7.28 -12.57
CA ALA B 140 -0.27 8.48 -13.01
C ALA B 140 0.44 9.12 -14.20
N THR B 141 1.77 9.20 -14.16
CA THR B 141 2.52 9.77 -15.27
C THR B 141 2.35 8.95 -16.53
N ALA B 142 2.39 7.61 -16.41
CA ALA B 142 2.21 6.76 -17.58
C ALA B 142 0.82 6.94 -18.17
N LEU B 143 -0.21 7.01 -17.33
CA LEU B 143 -1.56 7.22 -17.83
C LEU B 143 -1.66 8.56 -18.55
N ALA B 144 -1.10 9.61 -17.97
CA ALA B 144 -1.16 10.93 -18.60
C ALA B 144 -0.44 10.93 -19.93
N ASN B 145 0.74 10.29 -20.00
CA ASN B 145 1.49 10.25 -21.24
C ASN B 145 0.74 9.48 -22.31
N THR B 146 0.15 8.34 -21.95
CA THR B 146 -0.60 7.57 -22.93
C THR B 146 -1.81 8.36 -23.42
N ILE B 147 -2.50 9.05 -22.53
CA ILE B 147 -3.64 9.87 -22.94
C ILE B 147 -3.19 10.97 -23.89
N GLU B 148 -2.06 11.62 -23.58
CA GLU B 148 -1.58 12.69 -24.44
C GLU B 148 -1.22 12.16 -25.83
N VAL B 149 -0.54 11.03 -25.90
CA VAL B 149 -0.18 10.48 -27.21
C VAL B 149 -1.44 10.08 -27.98
N PHE B 150 -2.40 9.45 -27.31
CA PHE B 150 -3.64 9.09 -27.96
C PHE B 150 -4.36 10.32 -28.51
N ARG B 151 -4.39 11.39 -27.72
CA ARG B 151 -5.01 12.63 -28.19
C ARG B 151 -4.28 13.16 -29.41
N SER B 152 -2.95 13.16 -29.38
CA SER B 152 -2.18 13.62 -30.52
C SER B 152 -2.39 12.73 -31.74
N ASN B 153 -2.84 11.50 -31.54
CA ASN B 153 -3.15 10.58 -32.63
C ASN B 153 -4.64 10.53 -32.95
N GLY B 154 -5.41 11.50 -32.45
CA GLY B 154 -6.83 11.54 -32.72
C GLY B 154 -7.64 10.45 -32.04
N LEU B 155 -7.29 10.10 -30.81
CA LEU B 155 -8.05 9.14 -30.01
C LEU B 155 -8.42 9.83 -28.70
N THR B 156 -9.73 10.09 -28.52
CA THR B 156 -10.17 10.86 -27.37
C THR B 156 -11.39 10.27 -26.69
N ALA B 157 -11.65 8.97 -26.84
CA ALA B 157 -12.77 8.36 -26.16
C ALA B 157 -12.61 8.43 -24.65
N ASN B 158 -11.38 8.29 -24.17
CA ASN B 158 -11.13 8.31 -22.74
C ASN B 158 -11.54 9.63 -22.10
N GLU B 159 -11.72 10.70 -22.90
CA GLU B 159 -12.17 11.96 -22.36
C GLU B 159 -13.55 11.85 -21.72
N SER B 160 -14.31 10.79 -22.06
CA SER B 160 -15.61 10.60 -21.44
C SER B 160 -15.50 10.33 -19.95
N GLY B 161 -14.31 9.96 -19.46
CA GLY B 161 -14.10 9.71 -18.06
C GLY B 161 -14.30 8.28 -17.61
N ARG B 162 -14.66 7.38 -18.53
CA ARG B 162 -14.88 5.97 -18.20
C ARG B 162 -13.69 5.14 -18.66
N LEU B 163 -13.29 4.18 -17.83
CA LEU B 163 -12.18 3.32 -18.19
C LEU B 163 -12.49 2.49 -19.44
N ILE B 164 -13.74 2.09 -19.62
CA ILE B 164 -14.09 1.28 -20.77
C ILE B 164 -13.90 2.06 -22.06
N ASP B 165 -14.16 3.37 -22.04
CA ASP B 165 -13.86 4.20 -23.20
C ASP B 165 -12.36 4.27 -23.45
N PHE B 166 -11.57 4.31 -22.38
CA PHE B 166 -10.12 4.25 -22.54
C PHE B 166 -9.70 2.94 -23.18
N LEU B 167 -10.35 1.84 -22.81
CA LEU B 167 -10.05 0.55 -23.42
C LEU B 167 -10.43 0.53 -24.89
N LYS B 168 -11.56 1.14 -25.23
CA LYS B 168 -11.94 1.28 -26.64
C LYS B 168 -10.88 2.05 -27.40
N ASP B 169 -10.38 3.14 -26.81
CA ASP B 169 -9.30 3.89 -27.42
C ASP B 169 -8.06 3.03 -27.59
N VAL B 170 -7.75 2.20 -26.59
CA VAL B 170 -6.58 1.32 -26.68
C VAL B 170 -6.72 0.37 -27.86
N MET B 171 -7.90 -0.23 -28.01
CA MET B 171 -8.12 -1.13 -29.14
C MET B 171 -8.00 -0.39 -30.48
N ASP B 172 -8.60 0.80 -30.57
CA ASP B 172 -8.49 1.57 -31.79
C ASP B 172 -7.04 1.87 -32.11
N SER B 173 -6.25 2.21 -31.09
CA SER B 173 -4.82 2.46 -31.29
C SER B 173 -4.12 1.20 -31.78
N MET B 174 -4.47 0.05 -31.22
CA MET B 174 -3.94 -1.21 -31.74
C MET B 174 -4.32 -1.41 -33.20
N ASP B 175 -5.38 -0.76 -33.66
CA ASP B 175 -5.75 -0.81 -35.07
C ASP B 175 -5.20 0.35 -35.88
N LYS B 176 -4.37 1.20 -35.29
CA LYS B 176 -3.80 2.34 -36.01
C LYS B 176 -2.62 1.89 -36.86
N GLU B 177 -2.52 2.45 -38.07
CA GLU B 177 -1.43 2.09 -38.97
C GLU B 177 -0.11 2.67 -38.48
N GLU B 178 -0.11 3.90 -37.98
CA GLU B 178 1.10 4.56 -37.51
C GLU B 178 0.77 5.35 -36.26
N MET B 179 1.77 5.48 -35.38
CA MET B 179 1.65 6.23 -34.14
C MET B 179 2.75 7.27 -34.08
N GLU B 180 2.41 8.48 -33.65
CA GLU B 180 3.37 9.57 -33.55
C GLU B 180 3.61 9.89 -32.08
N ILE B 181 4.88 10.01 -31.71
CA ILE B 181 5.29 10.35 -30.35
C ILE B 181 6.09 11.65 -30.42
N THR B 182 5.65 12.66 -29.68
CA THR B 182 6.33 13.94 -29.62
C THR B 182 6.87 14.13 -28.20
N THR B 183 8.17 14.38 -28.10
CA THR B 183 8.83 14.61 -26.83
C THR B 183 9.31 16.06 -26.76
N HIS B 184 8.96 16.74 -25.68
CA HIS B 184 9.37 18.14 -25.50
C HIS B 184 10.65 18.21 -24.68
N ILE B 205 14.99 20.67 -24.24
CA ILE B 205 15.00 19.70 -25.33
C ILE B 205 14.34 20.30 -26.57
N GLY B 206 13.31 21.11 -26.34
CA GLY B 206 12.59 21.72 -27.45
C GLY B 206 11.46 20.85 -27.96
N LYS B 207 11.70 20.13 -29.05
CA LYS B 207 10.71 19.22 -29.59
C LYS B 207 11.42 18.11 -30.35
N LYS B 208 10.70 17.01 -30.56
CA LYS B 208 11.26 15.84 -31.22
C LYS B 208 10.14 14.87 -31.58
N LYS B 209 10.13 14.39 -32.82
CA LYS B 209 9.05 13.54 -33.31
C LYS B 209 9.58 12.18 -33.72
N GLN B 210 8.84 11.13 -33.38
CA GLN B 210 9.15 9.77 -33.76
C GLN B 210 7.88 9.08 -34.25
N ARG B 211 8.06 8.13 -35.17
CA ARG B 211 6.94 7.39 -35.74
C ARG B 211 7.13 5.90 -35.52
N LEU B 212 6.07 5.24 -35.10
CA LEU B 212 6.05 3.80 -34.85
C LEU B 212 5.07 3.14 -35.81
N ASN B 213 5.51 2.06 -36.45
CA ASN B 213 4.65 1.31 -37.33
C ASN B 213 3.75 0.38 -36.52
N LYS B 214 2.84 -0.31 -37.20
CA LYS B 214 1.87 -1.15 -36.52
C LYS B 214 2.56 -2.24 -35.71
N ARG B 215 3.54 -2.92 -36.30
CA ARG B 215 4.19 -4.04 -35.61
C ARG B 215 4.95 -3.54 -34.39
N SER B 216 5.69 -2.44 -34.53
CA SER B 216 6.46 -1.92 -33.39
C SER B 216 5.54 -1.49 -32.26
N TYR B 217 4.44 -0.80 -32.59
CA TYR B 217 3.50 -0.39 -31.56
C TYR B 217 2.87 -1.59 -30.88
N LEU B 218 2.50 -2.62 -31.65
CA LEU B 218 1.92 -3.81 -31.05
C LEU B 218 2.91 -4.47 -30.10
N ILE B 219 4.16 -4.59 -30.52
CA ILE B 219 5.17 -5.21 -29.65
C ILE B 219 5.32 -4.39 -28.38
N ARG B 220 5.40 -3.07 -28.50
CA ARG B 220 5.54 -2.23 -27.32
C ARG B 220 4.35 -2.39 -26.38
N ALA B 221 3.14 -2.42 -26.93
CA ALA B 221 1.94 -2.55 -26.10
C ALA B 221 1.78 -3.95 -25.53
N LEU B 222 2.52 -4.94 -26.06
CA LEU B 222 2.47 -6.32 -25.58
C LEU B 222 3.76 -6.71 -24.86
N THR B 223 4.33 -5.79 -24.08
CA THR B 223 5.54 -6.05 -23.32
C THR B 223 5.22 -6.13 -21.83
N LEU B 224 6.18 -6.66 -21.09
CA LEU B 224 6.13 -6.71 -19.63
C LEU B 224 7.55 -6.41 -19.13
N ASN B 225 7.81 -5.14 -18.82
CA ASN B 225 9.14 -4.76 -18.35
C ASN B 225 9.50 -5.53 -17.09
N THR B 226 10.73 -6.04 -17.07
CA THR B 226 11.22 -6.86 -15.96
C THR B 226 12.19 -6.04 -15.11
N MET B 227 11.95 -5.99 -13.81
CA MET B 227 12.80 -5.24 -12.90
C MET B 227 12.84 -5.93 -11.53
N ILE B 241 7.05 -9.43 -10.34
CA ILE B 241 8.39 -9.02 -10.75
C ILE B 241 8.29 -8.02 -11.88
N ALA B 242 7.82 -8.48 -13.04
CA ALA B 242 7.66 -7.62 -14.20
C ALA B 242 6.39 -6.78 -14.05
N THR B 243 6.30 -5.74 -14.88
CA THR B 243 5.18 -4.82 -14.84
C THR B 243 4.60 -4.63 -16.25
N PRO B 244 3.28 -4.64 -16.40
CA PRO B 244 2.69 -4.41 -17.71
C PRO B 244 2.56 -2.92 -18.03
N GLY B 245 2.28 -2.64 -19.31
CA GLY B 245 2.03 -1.30 -19.76
C GLY B 245 0.59 -0.89 -19.55
N MET B 246 0.30 0.38 -19.86
CA MET B 246 -1.03 0.92 -19.65
C MET B 246 -2.07 0.30 -20.55
N GLN B 247 -1.68 -0.43 -21.59
CA GLN B 247 -2.63 -0.99 -22.53
C GLN B 247 -3.29 -2.28 -22.03
N ILE B 248 -2.81 -2.84 -20.93
CA ILE B 248 -3.40 -4.06 -20.37
C ILE B 248 -3.88 -3.86 -18.93
N ARG B 249 -3.63 -2.71 -18.31
CA ARG B 249 -4.00 -2.54 -16.92
C ARG B 249 -5.51 -2.62 -16.72
N GLY B 250 -6.28 -1.97 -17.59
CA GLY B 250 -7.73 -1.96 -17.42
C GLY B 250 -8.36 -3.33 -17.62
N PHE B 251 -7.93 -4.05 -18.65
CA PHE B 251 -8.48 -5.38 -18.89
C PHE B 251 -8.14 -6.32 -17.74
N VAL B 252 -6.89 -6.27 -17.26
CA VAL B 252 -6.50 -7.07 -16.11
C VAL B 252 -7.32 -6.69 -14.90
N TYR B 253 -7.60 -5.38 -14.73
CA TYR B 253 -8.38 -4.93 -13.59
C TYR B 253 -9.78 -5.52 -13.63
N PHE B 254 -10.42 -5.49 -14.80
CA PHE B 254 -11.76 -6.06 -14.92
C PHE B 254 -11.75 -7.57 -14.67
N VAL B 255 -10.75 -8.27 -15.22
CA VAL B 255 -10.68 -9.72 -15.03
C VAL B 255 -10.50 -10.03 -13.54
N GLU B 256 -9.63 -9.29 -12.86
CA GLU B 256 -9.41 -9.53 -11.44
C GLU B 256 -10.62 -9.13 -10.61
N ALA B 257 -11.39 -8.13 -11.05
CA ALA B 257 -12.65 -7.83 -10.37
C ALA B 257 -13.61 -9.01 -10.47
N LEU B 258 -13.72 -9.60 -11.65
CA LEU B 258 -14.57 -10.78 -11.81
C LEU B 258 -14.07 -11.92 -10.93
N ALA B 259 -12.75 -12.14 -10.91
CA ALA B 259 -12.20 -13.22 -10.10
C ALA B 259 -12.39 -12.97 -8.62
N ARG B 260 -12.29 -11.71 -8.19
CA ARG B 260 -12.56 -11.38 -6.79
C ARG B 260 -14.01 -11.65 -6.44
N SER B 261 -14.93 -11.30 -7.34
CA SER B 261 -16.33 -11.60 -7.10
C SER B 261 -16.56 -13.10 -6.99
N ILE B 262 -15.90 -13.88 -7.85
CA ILE B 262 -16.03 -15.33 -7.78
C ILE B 262 -15.49 -15.85 -6.44
N CYS B 263 -14.32 -15.35 -6.04
CA CYS B 263 -13.66 -15.86 -4.84
C CYS B 263 -14.41 -15.49 -3.57
N GLU B 264 -15.06 -14.32 -3.55
CA GLU B 264 -15.78 -13.91 -2.36
C GLU B 264 -16.90 -14.88 -2.00
N LYS B 265 -17.39 -15.65 -2.97
CA LYS B 265 -18.48 -16.60 -2.74
C LYS B 265 -18.00 -18.02 -2.49
N LEU B 266 -16.69 -18.23 -2.40
CA LEU B 266 -16.12 -19.55 -2.16
C LEU B 266 -15.51 -19.58 -0.77
N GLU B 267 -15.90 -20.58 0.03
CA GLU B 267 -15.37 -20.72 1.39
C GLU B 267 -14.01 -21.39 1.41
N GLN B 268 -13.57 -21.99 0.31
CA GLN B 268 -12.27 -22.63 0.22
C GLN B 268 -11.19 -21.71 -0.31
N SER B 269 -11.52 -20.45 -0.59
CA SER B 269 -10.58 -19.48 -1.14
C SER B 269 -10.02 -18.62 -0.02
N GLY B 270 -8.69 -18.57 0.06
CA GLY B 270 -8.01 -17.74 1.04
C GLY B 270 -7.81 -16.30 0.62
N LEU B 271 -8.31 -15.91 -0.55
CA LEU B 271 -8.15 -14.56 -1.04
C LEU B 271 -9.50 -13.88 -1.19
N PRO B 272 -9.59 -12.56 -0.98
CA PRO B 272 -8.56 -11.62 -0.50
C PRO B 272 -8.76 -11.27 0.97
N VAL B 273 -9.19 -12.23 1.79
CA VAL B 273 -9.57 -11.96 3.17
C VAL B 273 -8.35 -11.50 3.97
N GLY B 274 -8.62 -10.92 5.15
CA GLY B 274 -7.56 -10.43 6.02
C GLY B 274 -7.07 -11.49 6.98
N GLY B 275 -6.28 -11.03 7.96
CA GLY B 275 -5.71 -11.94 8.94
C GLY B 275 -6.69 -12.48 9.95
N ASN B 276 -7.80 -11.76 10.18
CA ASN B 276 -8.80 -12.25 11.13
C ASN B 276 -9.71 -13.31 10.51
N GLU B 277 -9.90 -13.25 9.20
CA GLU B 277 -10.80 -14.17 8.51
C GLU B 277 -10.09 -15.40 7.96
N LYS B 278 -8.80 -15.57 8.26
CA LYS B 278 -8.05 -16.75 7.82
C LYS B 278 -7.96 -17.81 8.91
N LYS B 279 -7.78 -17.38 10.16
CA LYS B 279 -7.81 -18.32 11.27
C LYS B 279 -9.15 -19.04 11.35
N ALA B 280 -10.23 -18.30 11.15
CA ALA B 280 -11.56 -18.91 11.18
C ALA B 280 -11.69 -19.97 10.09
N LYS B 281 -11.23 -19.68 8.87
CA LYS B 281 -11.34 -20.66 7.80
C LYS B 281 -10.50 -21.90 8.09
N LEU B 282 -9.27 -21.71 8.59
CA LEU B 282 -8.42 -22.86 8.90
C LEU B 282 -9.07 -23.73 9.96
N ALA B 283 -9.54 -23.11 11.05
CA ALA B 283 -10.17 -23.89 12.12
C ALA B 283 -11.42 -24.61 11.61
N ASN B 284 -12.23 -23.91 10.81
CA ASN B 284 -13.46 -24.51 10.32
C ASN B 284 -13.18 -25.70 9.42
N VAL B 285 -12.20 -25.59 8.52
CA VAL B 285 -11.91 -26.71 7.62
C VAL B 285 -11.36 -27.88 8.42
N VAL B 286 -10.48 -27.62 9.38
CA VAL B 286 -9.92 -28.71 10.18
C VAL B 286 -11.03 -29.42 10.94
N ARG B 287 -11.92 -28.65 11.57
CA ARG B 287 -13.01 -29.27 12.32
C ARG B 287 -13.92 -30.06 11.39
N LYS B 288 -14.22 -29.52 10.21
CA LYS B 288 -15.10 -30.20 9.29
C LYS B 288 -14.50 -31.53 8.84
N MET B 289 -13.19 -31.56 8.58
CA MET B 289 -12.57 -32.78 8.09
C MET B 289 -12.21 -33.76 9.18
N MET B 290 -12.14 -33.34 10.44
CA MET B 290 -11.83 -34.25 11.54
C MET B 290 -13.07 -34.70 12.30
N THR B 291 -13.84 -33.76 12.84
CA THR B 291 -14.98 -34.14 13.69
C THR B 291 -15.99 -34.96 12.91
N ASN B 292 -16.27 -34.58 11.66
CA ASN B 292 -17.18 -35.36 10.84
C ASN B 292 -16.65 -36.76 10.58
N SER B 293 -15.33 -36.97 10.74
CA SER B 293 -14.75 -38.27 10.49
C SER B 293 -15.29 -39.30 11.47
N GLN B 294 -15.50 -40.53 10.98
CA GLN B 294 -15.97 -41.60 11.83
C GLN B 294 -14.83 -42.18 12.65
N ASP B 295 -15.19 -43.05 13.60
CA ASP B 295 -14.19 -43.64 14.48
C ASP B 295 -13.22 -44.53 13.71
N THR B 296 -13.61 -45.01 12.53
CA THR B 296 -12.73 -45.79 11.68
C THR B 296 -12.10 -44.99 10.55
N GLU B 297 -12.57 -43.78 10.32
CA GLU B 297 -12.01 -42.94 9.26
C GLU B 297 -10.61 -42.46 9.64
N LEU B 298 -9.78 -42.28 8.61
CA LEU B 298 -8.39 -41.87 8.76
C LEU B 298 -8.19 -40.57 8.00
N SER B 299 -7.65 -39.55 8.68
CA SER B 299 -7.52 -38.21 8.12
C SER B 299 -6.06 -37.80 8.10
N PHE B 300 -5.63 -37.22 6.97
CA PHE B 300 -4.28 -36.70 6.83
C PHE B 300 -4.34 -35.33 6.17
N THR B 301 -3.30 -34.52 6.39
CA THR B 301 -3.25 -33.15 5.92
C THR B 301 -1.92 -32.91 5.21
N ILE B 302 -1.99 -32.29 4.04
CA ILE B 302 -0.84 -31.92 3.23
C ILE B 302 -0.68 -30.41 3.29
N THR B 303 0.48 -29.95 3.76
CA THR B 303 0.90 -28.56 3.62
C THR B 303 1.68 -28.46 2.32
N GLY B 304 1.14 -27.74 1.35
CA GLY B 304 1.63 -27.83 -0.02
C GLY B 304 1.91 -26.49 -0.66
N ASP B 305 3.02 -26.44 -1.39
CA ASP B 305 3.38 -25.34 -2.27
C ASP B 305 3.37 -25.85 -3.70
N ASN B 306 2.86 -25.02 -4.61
CA ASN B 306 2.92 -25.34 -6.03
C ASN B 306 4.26 -24.91 -6.59
N THR B 307 4.93 -25.81 -7.30
CA THR B 307 6.35 -25.63 -7.60
C THR B 307 6.60 -24.31 -8.34
N LYS B 308 5.87 -24.06 -9.42
CA LYS B 308 5.96 -22.79 -10.13
C LYS B 308 4.66 -22.01 -10.05
N TRP B 309 3.55 -22.58 -10.54
CA TRP B 309 2.22 -21.98 -10.44
C TRP B 309 2.05 -20.78 -11.37
N ASN B 310 3.12 -20.34 -12.02
CA ASN B 310 3.03 -19.25 -12.97
C ASN B 310 3.61 -19.62 -14.32
N GLU B 311 4.71 -20.37 -14.33
CA GLU B 311 5.34 -20.81 -15.56
C GLU B 311 4.62 -22.01 -16.18
N ASN B 312 3.62 -22.54 -15.50
CA ASN B 312 2.78 -23.60 -16.05
C ASN B 312 1.33 -23.18 -16.23
N GLN B 313 0.92 -22.03 -15.70
CA GLN B 313 -0.42 -21.51 -15.93
C GLN B 313 -0.47 -20.86 -17.32
N ASN B 314 -1.41 -21.31 -18.14
CA ASN B 314 -1.45 -20.85 -19.52
C ASN B 314 -2.55 -19.80 -19.72
N PRO B 315 -2.27 -18.71 -20.44
CA PRO B 315 -3.36 -17.74 -20.72
C PRO B 315 -4.52 -18.36 -21.48
N ARG B 316 -4.27 -19.38 -22.30
CA ARG B 316 -5.36 -20.03 -23.01
C ARG B 316 -6.33 -20.69 -22.04
N MET B 317 -5.81 -21.27 -20.96
CA MET B 317 -6.68 -21.88 -19.95
C MET B 317 -7.53 -20.81 -19.28
N PHE B 318 -6.95 -19.66 -18.98
CA PHE B 318 -7.71 -18.56 -18.40
C PHE B 318 -8.79 -18.09 -19.36
N LEU B 319 -8.47 -18.01 -20.65
CA LEU B 319 -9.48 -17.62 -21.64
C LEU B 319 -10.62 -18.63 -21.67
N ALA B 320 -10.29 -19.92 -21.64
CA ALA B 320 -11.33 -20.96 -21.66
C ALA B 320 -12.22 -20.84 -20.43
N MET B 321 -11.63 -20.66 -19.25
CA MET B 321 -12.44 -20.63 -18.05
C MET B 321 -13.22 -19.32 -17.91
N ILE B 322 -12.70 -18.22 -18.47
CA ILE B 322 -13.48 -16.99 -18.51
C ILE B 322 -14.64 -17.13 -19.48
N THR B 323 -14.40 -17.77 -20.63
CA THR B 323 -15.49 -18.01 -21.58
C THR B 323 -16.58 -18.86 -20.95
N TYR B 324 -16.18 -19.89 -20.19
CA TYR B 324 -17.19 -20.68 -19.49
C TYR B 324 -17.91 -19.86 -18.43
N ILE B 325 -17.18 -19.03 -17.68
CA ILE B 325 -17.79 -18.24 -16.62
C ILE B 325 -18.82 -17.28 -17.20
N THR B 326 -18.48 -16.61 -18.31
CA THR B 326 -19.32 -15.58 -18.89
C THR B 326 -20.32 -16.14 -19.90
N ARG B 327 -20.70 -17.40 -19.78
CA ARG B 327 -21.72 -17.97 -20.66
C ARG B 327 -23.04 -17.26 -20.44
N ASN B 328 -23.76 -17.02 -21.54
CA ASN B 328 -25.07 -16.35 -21.49
C ASN B 328 -24.95 -14.97 -20.86
N GLN B 329 -24.09 -14.16 -21.45
CA GLN B 329 -23.86 -12.78 -21.01
C GLN B 329 -23.85 -11.88 -22.24
N PRO B 330 -24.07 -10.58 -22.05
CA PRO B 330 -23.99 -9.66 -23.20
C PRO B 330 -22.63 -9.76 -23.86
N GLU B 331 -22.63 -9.69 -25.19
CA GLU B 331 -21.40 -9.94 -25.95
C GLU B 331 -20.32 -8.94 -25.58
N TRP B 332 -20.68 -7.70 -25.30
CA TRP B 332 -19.68 -6.70 -24.95
C TRP B 332 -18.96 -7.08 -23.66
N PHE B 333 -19.70 -7.58 -22.67
CA PHE B 333 -19.09 -8.00 -21.42
C PHE B 333 -18.13 -9.16 -21.65
N ARG B 334 -18.55 -10.14 -22.45
CA ARG B 334 -17.69 -11.28 -22.76
C ARG B 334 -16.41 -10.80 -23.43
N ASN B 335 -16.53 -9.89 -24.41
CA ASN B 335 -15.37 -9.41 -25.13
C ASN B 335 -14.42 -8.66 -24.19
N VAL B 336 -14.97 -7.79 -23.35
CA VAL B 336 -14.13 -7.02 -22.44
C VAL B 336 -13.38 -7.94 -21.50
N LEU B 337 -14.06 -8.96 -20.98
CA LEU B 337 -13.40 -9.87 -20.04
C LEU B 337 -12.40 -10.77 -20.75
N SER B 338 -12.62 -11.10 -22.02
CA SER B 338 -11.72 -12.00 -22.73
C SER B 338 -10.52 -11.29 -23.33
N ILE B 339 -10.55 -9.96 -23.43
CA ILE B 339 -9.39 -9.28 -24.02
C ILE B 339 -8.13 -9.53 -23.19
N ALA B 340 -8.25 -9.60 -21.86
CA ALA B 340 -7.06 -9.73 -21.02
C ALA B 340 -6.30 -11.01 -21.31
N PRO B 341 -6.87 -12.21 -21.18
CA PRO B 341 -6.11 -13.41 -21.53
C PRO B 341 -5.67 -13.44 -22.98
N ILE B 342 -6.47 -12.89 -23.90
CA ILE B 342 -6.06 -12.82 -25.29
C ILE B 342 -4.79 -11.98 -25.43
N MET B 343 -4.76 -10.82 -24.78
CA MET B 343 -3.59 -9.96 -24.83
C MET B 343 -2.38 -10.63 -24.19
N PHE B 344 -2.60 -11.36 -23.09
CA PHE B 344 -1.48 -11.96 -22.38
C PHE B 344 -0.93 -13.18 -23.11
N SER B 345 -1.76 -13.84 -23.93
CA SER B 345 -1.29 -14.99 -24.68
C SER B 345 -0.23 -14.60 -25.71
N ASN B 346 -0.11 -13.32 -26.04
CA ASN B 346 0.88 -12.83 -27.00
C ASN B 346 1.81 -11.81 -26.36
N LYS B 347 2.06 -11.96 -25.06
CA LYS B 347 2.88 -10.99 -24.35
C LYS B 347 4.34 -11.09 -24.76
N MET B 348 5.10 -10.04 -24.43
CA MET B 348 6.54 -10.00 -24.64
C MET B 348 7.21 -9.60 -23.34
N ALA B 349 8.46 -10.04 -23.15
CA ALA B 349 9.22 -9.76 -21.94
C ALA B 349 10.50 -9.04 -22.33
N ARG B 350 10.70 -7.85 -21.76
CA ARG B 350 11.94 -7.13 -21.96
C ARG B 350 13.06 -7.76 -21.14
N LEU B 351 14.28 -7.68 -21.66
CA LEU B 351 15.42 -8.38 -21.07
C LEU B 351 16.20 -7.52 -20.09
N GLY B 352 15.77 -6.29 -19.83
CA GLY B 352 16.36 -5.49 -18.77
C GLY B 352 17.50 -4.60 -19.24
N LYS B 353 18.34 -4.23 -18.26
CA LYS B 353 19.41 -3.28 -18.51
C LYS B 353 20.39 -3.79 -19.55
N GLY B 354 20.79 -5.05 -19.44
CA GLY B 354 21.76 -5.61 -20.36
C GLY B 354 22.84 -6.42 -19.67
N TYR B 355 24.09 -6.04 -19.88
CA TYR B 355 25.21 -6.74 -19.26
C TYR B 355 26.35 -5.77 -18.99
N MET B 356 27.22 -6.16 -18.08
CA MET B 356 28.36 -5.36 -17.65
C MET B 356 29.64 -6.10 -17.99
N PHE B 357 30.52 -5.46 -18.76
CA PHE B 357 31.78 -6.05 -19.17
C PHE B 357 32.93 -5.28 -18.54
N GLU B 358 33.86 -6.01 -17.92
CA GLU B 358 35.01 -5.40 -17.26
C GLU B 358 36.29 -6.03 -17.78
N SER B 359 37.33 -5.20 -17.87
CA SER B 359 38.65 -5.64 -18.31
C SER B 359 39.65 -5.43 -17.19
N LYS B 360 40.64 -6.33 -17.12
CA LYS B 360 41.63 -6.29 -16.06
C LYS B 360 42.88 -5.53 -16.46
N SER B 361 43.31 -5.65 -17.72
CA SER B 361 44.56 -5.02 -18.14
C SER B 361 44.49 -3.50 -18.01
N MET B 362 43.38 -2.90 -18.46
CA MET B 362 43.22 -1.46 -18.46
C MET B 362 42.08 -0.99 -17.55
N LYS B 363 41.60 -1.86 -16.67
CA LYS B 363 40.53 -1.55 -15.72
C LYS B 363 39.44 -0.71 -16.40
N LEU B 364 38.86 -1.29 -17.45
CA LEU B 364 37.87 -0.62 -18.28
C LEU B 364 36.53 -1.35 -18.15
N ARG B 365 35.47 -0.58 -17.94
CA ARG B 365 34.12 -1.11 -17.75
C ARG B 365 33.18 -0.51 -18.77
N THR B 366 32.28 -1.33 -19.31
CA THR B 366 31.33 -0.86 -20.30
C THR B 366 30.01 -1.61 -20.15
N GLN B 367 28.93 -0.96 -20.61
CA GLN B 367 27.58 -1.50 -20.53
C GLN B 367 27.14 -1.90 -21.92
N VAL B 368 26.58 -3.11 -22.04
CA VAL B 368 26.05 -3.64 -23.29
C VAL B 368 24.54 -3.77 -23.13
N PRO B 369 23.74 -2.88 -23.71
CA PRO B 369 22.29 -3.01 -23.59
C PRO B 369 21.79 -4.30 -24.21
N ALA B 370 20.69 -4.82 -23.64
CA ALA B 370 20.12 -6.06 -24.15
C ALA B 370 19.67 -5.94 -25.60
N GLU B 371 19.44 -4.73 -26.10
CA GLU B 371 18.99 -4.57 -27.47
C GLU B 371 20.02 -5.12 -28.45
N MET B 372 21.31 -4.91 -28.19
CA MET B 372 22.36 -5.46 -29.03
C MET B 372 22.70 -6.90 -28.67
N LEU B 373 22.12 -7.43 -27.58
CA LEU B 373 22.42 -8.80 -27.19
C LEU B 373 22.05 -9.81 -28.26
N ALA B 374 21.12 -9.45 -29.15
CA ALA B 374 20.75 -10.33 -30.25
C ALA B 374 21.77 -10.36 -31.36
N ASN B 375 22.57 -9.30 -31.50
CA ASN B 375 23.51 -9.18 -32.62
C ASN B 375 24.94 -9.08 -32.09
N ILE B 376 25.30 -9.93 -31.14
CA ILE B 376 26.63 -9.94 -30.56
C ILE B 376 27.14 -11.38 -30.54
N ASP B 377 28.47 -11.51 -30.50
CA ASP B 377 29.11 -12.81 -30.42
C ASP B 377 29.00 -13.35 -29.00
N LEU B 378 29.51 -14.57 -28.79
CA LEU B 378 29.33 -15.25 -27.52
C LEU B 378 30.67 -15.67 -26.92
N LYS B 379 31.64 -14.75 -26.91
CA LYS B 379 32.96 -15.02 -26.35
C LYS B 379 33.23 -14.25 -25.07
N TYR B 380 32.34 -13.34 -24.65
CA TYR B 380 32.52 -12.60 -23.41
C TYR B 380 31.71 -13.17 -22.26
N PHE B 381 30.73 -14.03 -22.54
CA PHE B 381 29.84 -14.56 -21.52
C PHE B 381 30.30 -15.94 -21.07
N ASN B 382 30.04 -16.25 -19.80
CA ASN B 382 30.42 -17.53 -19.22
C ASN B 382 29.61 -18.65 -19.87
N LYS B 383 29.90 -19.88 -19.45
CA LYS B 383 29.25 -21.05 -20.04
C LYS B 383 27.74 -21.02 -19.82
N SER B 384 27.32 -20.78 -18.57
CA SER B 384 25.89 -20.74 -18.27
C SER B 384 25.22 -19.58 -19.02
N THR B 385 25.85 -18.41 -19.01
CA THR B 385 25.30 -17.28 -19.76
C THR B 385 25.28 -17.58 -21.25
N ARG B 386 26.31 -18.27 -21.74
CA ARG B 386 26.31 -18.68 -23.15
C ARG B 386 25.09 -19.54 -23.47
N GLU B 387 24.82 -20.52 -22.62
CA GLU B 387 23.65 -21.37 -22.83
C GLU B 387 22.37 -20.56 -22.80
N LYS B 388 22.26 -19.63 -21.84
CA LYS B 388 21.06 -18.81 -21.73
C LYS B 388 20.83 -18.01 -23.01
N ILE B 389 21.88 -17.33 -23.50
CA ILE B 389 21.74 -16.50 -24.69
C ILE B 389 21.42 -17.37 -25.90
N GLU B 390 22.09 -18.52 -26.03
CA GLU B 390 21.82 -19.40 -27.16
C GLU B 390 20.37 -19.86 -27.15
N LYS B 391 19.85 -20.22 -25.98
CA LYS B 391 18.47 -20.68 -25.90
C LYS B 391 17.49 -19.55 -26.20
N ILE B 392 17.77 -18.34 -25.71
CA ILE B 392 16.79 -17.26 -25.81
C ILE B 392 16.88 -16.47 -27.12
N ARG B 393 17.93 -16.65 -27.89
CA ARG B 393 18.06 -15.88 -29.14
C ARG B 393 16.88 -16.07 -30.07
N PRO B 394 16.45 -17.30 -30.40
CA PRO B 394 15.35 -17.45 -31.36
C PRO B 394 14.03 -16.85 -30.90
N LEU B 395 13.85 -16.63 -29.59
CA LEU B 395 12.58 -16.15 -29.06
C LEU B 395 12.47 -14.63 -29.02
N LEU B 396 13.53 -13.90 -29.34
CA LEU B 396 13.56 -12.46 -29.17
C LEU B 396 13.26 -11.76 -30.48
N ILE B 397 12.47 -10.69 -30.39
CA ILE B 397 12.24 -9.77 -31.51
C ILE B 397 12.33 -8.35 -30.96
N ASP B 398 13.16 -7.52 -31.59
CA ASP B 398 13.33 -6.13 -31.18
C ASP B 398 13.76 -6.02 -29.72
N GLY B 399 14.55 -6.99 -29.25
CA GLY B 399 15.06 -6.97 -27.91
C GLY B 399 14.12 -7.53 -26.86
N THR B 400 12.93 -7.98 -27.24
CA THR B 400 11.96 -8.53 -26.30
C THR B 400 11.72 -10.00 -26.63
N ALA B 401 11.85 -10.86 -25.63
CA ALA B 401 11.61 -12.28 -25.82
C ALA B 401 10.11 -12.56 -25.86
N SER B 402 9.68 -13.32 -26.86
CA SER B 402 8.28 -13.69 -26.96
C SER B 402 7.99 -14.82 -25.98
N LEU B 403 7.03 -14.60 -25.09
CA LEU B 403 6.69 -15.54 -24.03
C LEU B 403 5.18 -15.78 -24.06
N SER B 404 4.75 -16.72 -24.90
CA SER B 404 3.33 -17.05 -24.99
C SER B 404 2.89 -17.89 -23.80
N PRO B 405 3.58 -18.98 -23.48
CA PRO B 405 3.12 -19.85 -22.38
C PRO B 405 3.46 -19.24 -21.02
N GLY B 406 2.88 -19.82 -19.99
CA GLY B 406 3.15 -19.40 -18.63
C GLY B 406 2.50 -18.08 -18.29
N MET B 407 2.82 -17.61 -17.09
CA MET B 407 2.30 -16.36 -16.55
C MET B 407 3.35 -15.77 -15.62
N MET B 408 2.99 -14.68 -14.95
CA MET B 408 3.87 -14.04 -13.99
C MET B 408 3.09 -13.71 -12.72
N MET B 409 3.75 -13.87 -11.58
CA MET B 409 3.07 -13.73 -10.29
C MET B 409 2.59 -12.30 -10.10
N GLY B 410 1.50 -12.16 -9.34
CA GLY B 410 0.92 -10.87 -9.06
C GLY B 410 0.03 -10.32 -10.15
N MET B 411 -0.36 -11.14 -11.12
CA MET B 411 -1.17 -10.70 -12.24
C MET B 411 -2.56 -11.32 -12.26
N PHE B 412 -2.64 -12.65 -12.27
CA PHE B 412 -3.92 -13.35 -12.29
C PHE B 412 -4.03 -14.24 -11.06
N ASN B 413 -3.70 -13.69 -9.90
CA ASN B 413 -3.69 -14.49 -8.67
C ASN B 413 -5.08 -15.06 -8.38
N MET B 414 -6.12 -14.26 -8.59
CA MET B 414 -7.46 -14.69 -8.19
C MET B 414 -8.06 -15.68 -9.17
N LEU B 415 -7.77 -15.58 -10.46
CA LEU B 415 -8.22 -16.61 -11.39
C LEU B 415 -7.54 -17.94 -11.08
N SER B 416 -6.24 -17.90 -10.77
CA SER B 416 -5.54 -19.12 -10.38
C SER B 416 -6.11 -19.67 -9.09
N THR B 417 -6.48 -18.80 -8.15
CA THR B 417 -7.15 -19.25 -6.93
C THR B 417 -8.48 -19.91 -7.25
N VAL B 418 -9.23 -19.36 -8.22
CA VAL B 418 -10.49 -19.97 -8.63
C VAL B 418 -10.26 -21.37 -9.18
N LEU B 419 -9.23 -21.53 -10.01
CA LEU B 419 -8.92 -22.84 -10.57
C LEU B 419 -8.53 -23.83 -9.46
N GLY B 420 -7.69 -23.38 -8.52
CA GLY B 420 -7.30 -24.25 -7.42
C GLY B 420 -8.48 -24.65 -6.56
N VAL B 421 -9.39 -23.71 -6.30
CA VAL B 421 -10.57 -24.03 -5.51
C VAL B 421 -11.49 -24.97 -6.27
N SER B 422 -11.55 -24.85 -7.59
CA SER B 422 -12.32 -25.81 -8.38
C SER B 422 -11.74 -27.21 -8.23
N ILE B 423 -10.42 -27.34 -8.30
CA ILE B 423 -9.81 -28.65 -8.08
C ILE B 423 -10.12 -29.15 -6.68
N LEU B 424 -10.06 -28.27 -5.68
CA LEU B 424 -10.36 -28.69 -4.32
C LEU B 424 -11.80 -29.19 -4.19
N ASN B 425 -12.74 -28.47 -4.80
CA ASN B 425 -14.14 -28.87 -4.74
C ASN B 425 -14.41 -30.14 -5.53
N LEU B 426 -13.55 -30.47 -6.48
CA LEU B 426 -13.69 -31.74 -7.19
C LEU B 426 -13.44 -32.96 -6.31
N GLY B 427 -13.09 -32.77 -5.04
CA GLY B 427 -12.79 -33.86 -4.14
C GLY B 427 -13.96 -34.39 -3.35
N GLN B 428 -15.18 -33.90 -3.58
CA GLN B 428 -16.32 -34.37 -2.83
C GLN B 428 -16.61 -35.84 -3.12
N LYS B 429 -17.23 -36.51 -2.15
CA LYS B 429 -17.52 -37.93 -2.31
C LYS B 429 -18.44 -38.19 -3.51
N LYS B 430 -19.20 -37.20 -3.94
CA LYS B 430 -20.05 -37.35 -5.11
C LYS B 430 -19.30 -37.14 -6.42
N TYR B 431 -18.04 -36.72 -6.36
CA TYR B 431 -17.18 -36.65 -7.53
C TYR B 431 -16.08 -37.69 -7.53
N THR B 432 -15.57 -38.09 -6.36
CA THR B 432 -14.53 -39.10 -6.32
C THR B 432 -15.08 -40.49 -6.58
N LYS B 433 -16.32 -40.76 -6.18
CA LYS B 433 -16.95 -42.06 -6.40
C LYS B 433 -16.21 -43.17 -5.66
N THR B 434 -15.52 -42.83 -4.58
CA THR B 434 -14.75 -43.80 -3.81
C THR B 434 -14.79 -43.40 -2.35
N THR B 435 -14.17 -44.24 -1.52
CA THR B 435 -14.20 -44.02 -0.07
C THR B 435 -13.47 -42.73 0.31
N TYR B 436 -12.35 -42.45 -0.34
CA TYR B 436 -11.55 -41.29 0.01
C TYR B 436 -12.19 -40.02 -0.52
N TRP B 437 -11.95 -38.91 0.19
CA TRP B 437 -12.43 -37.61 -0.23
C TRP B 437 -11.55 -36.54 0.39
N TRP B 438 -11.37 -35.43 -0.32
CA TRP B 438 -10.47 -34.38 0.13
C TRP B 438 -11.17 -33.02 0.10
N ASP B 439 -10.63 -32.12 0.92
CA ASP B 439 -11.09 -30.73 0.99
C ASP B 439 -9.97 -29.91 1.59
N GLY B 440 -10.03 -28.59 1.38
CA GLY B 440 -9.00 -27.75 1.95
C GLY B 440 -9.12 -26.31 1.50
N LEU B 441 -7.99 -25.60 1.57
CA LEU B 441 -7.93 -24.18 1.28
C LEU B 441 -6.85 -23.91 0.24
N GLN B 442 -7.11 -22.95 -0.64
CA GLN B 442 -6.17 -22.52 -1.65
C GLN B 442 -6.04 -21.00 -1.60
N SER B 443 -4.81 -20.50 -1.56
CA SER B 443 -4.54 -19.07 -1.60
C SER B 443 -3.49 -18.84 -2.67
N SER B 444 -3.95 -18.51 -3.88
CA SER B 444 -3.06 -18.27 -5.01
C SER B 444 -2.07 -19.41 -5.15
N ASP B 445 -0.89 -19.27 -4.55
CA ASP B 445 0.17 -20.25 -4.72
C ASP B 445 0.17 -21.35 -3.66
N ASP B 446 -0.22 -21.04 -2.43
CA ASP B 446 -0.16 -21.99 -1.34
C ASP B 446 -1.47 -22.77 -1.24
N PHE B 447 -1.38 -23.97 -0.64
CA PHE B 447 -2.60 -24.71 -0.37
C PHE B 447 -2.40 -25.64 0.82
N ALA B 448 -3.53 -25.94 1.47
CA ALA B 448 -3.60 -26.95 2.51
C ALA B 448 -4.69 -27.93 2.12
N LEU B 449 -4.34 -29.20 2.01
CA LEU B 449 -5.27 -30.25 1.62
C LEU B 449 -5.50 -31.18 2.80
N ILE B 450 -6.66 -31.82 2.83
CA ILE B 450 -7.01 -32.78 3.87
C ILE B 450 -7.75 -33.92 3.20
N VAL B 451 -7.22 -35.14 3.33
CA VAL B 451 -7.78 -36.32 2.70
C VAL B 451 -8.23 -37.27 3.80
N ASN B 452 -9.48 -37.73 3.70
CA ASN B 452 -10.06 -38.70 4.62
C ASN B 452 -10.38 -39.97 3.84
N ALA B 453 -9.95 -41.11 4.38
CA ALA B 453 -10.19 -42.40 3.76
C ALA B 453 -10.14 -43.46 4.85
N PRO B 454 -10.73 -44.63 4.60
CA PRO B 454 -10.77 -45.66 5.66
C PRO B 454 -9.39 -46.10 6.14
N ASN B 455 -8.39 -46.15 5.25
CA ASN B 455 -7.10 -46.70 5.59
C ASN B 455 -6.00 -45.94 4.86
N HIS B 456 -4.75 -46.33 5.12
CA HIS B 456 -3.60 -45.62 4.55
C HIS B 456 -3.60 -45.69 3.04
N GLU B 457 -3.90 -46.87 2.47
CA GLU B 457 -3.98 -46.96 1.02
C GLU B 457 -5.04 -46.02 0.46
N GLY B 458 -6.12 -45.80 1.19
CA GLY B 458 -7.09 -44.82 0.76
C GLY B 458 -6.54 -43.41 0.71
N ILE B 459 -5.75 -43.03 1.72
CA ILE B 459 -5.13 -41.71 1.73
C ILE B 459 -4.16 -41.58 0.57
N GLN B 460 -3.37 -42.61 0.32
CA GLN B 460 -2.43 -42.56 -0.80
C GLN B 460 -3.18 -42.42 -2.13
N ALA B 461 -4.26 -43.17 -2.30
CA ALA B 461 -5.04 -43.07 -3.53
C ALA B 461 -5.63 -41.68 -3.70
N GLY B 462 -6.14 -41.10 -2.62
CA GLY B 462 -6.69 -39.75 -2.72
C GLY B 462 -5.63 -38.73 -3.06
N VAL B 463 -4.45 -38.82 -2.44
CA VAL B 463 -3.38 -37.89 -2.76
C VAL B 463 -2.95 -38.03 -4.21
N ASP B 464 -2.83 -39.26 -4.69
CA ASP B 464 -2.46 -39.49 -6.08
C ASP B 464 -3.50 -38.91 -7.03
N ARG B 465 -4.78 -39.12 -6.72
CA ARG B 465 -5.84 -38.59 -7.58
C ARG B 465 -5.83 -37.08 -7.62
N PHE B 466 -5.66 -36.44 -6.46
CA PHE B 466 -5.59 -34.98 -6.43
C PHE B 466 -4.41 -34.47 -7.23
N TYR B 467 -3.24 -35.09 -7.06
CA TYR B 467 -2.06 -34.68 -7.81
C TYR B 467 -2.27 -34.82 -9.31
N ARG B 468 -2.84 -35.95 -9.73
CA ARG B 468 -3.03 -36.20 -11.17
C ARG B 468 -4.06 -35.25 -11.75
N THR B 469 -5.13 -34.96 -11.03
CA THR B 469 -6.12 -33.99 -11.51
C THR B 469 -5.49 -32.61 -11.65
N CYS B 470 -4.68 -32.21 -10.66
CA CYS B 470 -3.98 -30.94 -10.76
C CYS B 470 -3.10 -30.90 -12.01
N LYS B 471 -2.37 -32.00 -12.27
CA LYS B 471 -1.55 -32.05 -13.47
C LYS B 471 -2.40 -31.91 -14.72
N LEU B 472 -3.55 -32.57 -14.75
CA LEU B 472 -4.43 -32.48 -15.92
C LEU B 472 -4.87 -31.04 -16.15
N VAL B 473 -5.20 -30.32 -15.08
CA VAL B 473 -5.63 -28.92 -15.20
C VAL B 473 -4.46 -27.96 -15.32
N GLY B 474 -3.22 -28.45 -15.24
CA GLY B 474 -2.06 -27.61 -15.40
C GLY B 474 -1.49 -27.06 -14.12
N ILE B 475 -1.72 -27.74 -12.99
CA ILE B 475 -1.23 -27.30 -11.69
C ILE B 475 -0.20 -28.31 -11.21
N ASN B 476 0.95 -27.81 -10.77
CA ASN B 476 2.06 -28.65 -10.31
C ASN B 476 2.30 -28.41 -8.83
N MET B 477 2.36 -29.49 -8.06
CA MET B 477 2.60 -29.42 -6.62
C MET B 477 4.08 -29.61 -6.37
N SER B 478 4.67 -28.70 -5.58
CA SER B 478 6.08 -28.76 -5.25
C SER B 478 6.30 -29.91 -4.27
N LYS B 479 6.80 -31.04 -4.76
CA LYS B 479 7.02 -32.19 -3.90
C LYS B 479 8.07 -31.90 -2.83
N LYS B 480 9.06 -31.06 -3.15
CA LYS B 480 10.11 -30.75 -2.19
C LYS B 480 9.65 -29.78 -1.11
N LYS B 481 8.69 -28.89 -1.43
CA LYS B 481 8.21 -27.90 -0.48
C LYS B 481 6.85 -28.27 0.11
N SER B 482 6.47 -29.54 0.05
CA SER B 482 5.20 -30.01 0.58
C SER B 482 5.44 -31.21 1.48
N TYR B 483 4.54 -31.42 2.43
CA TYR B 483 4.66 -32.60 3.29
C TYR B 483 3.31 -32.92 3.92
N ILE B 484 3.14 -34.19 4.28
CA ILE B 484 1.87 -34.69 4.81
C ILE B 484 2.08 -35.20 6.22
N ASN B 485 1.02 -35.13 7.02
CA ASN B 485 1.04 -35.68 8.37
C ASN B 485 -0.39 -35.79 8.86
N ARG B 486 -0.57 -36.55 9.95
CA ARG B 486 -1.90 -36.73 10.49
C ARG B 486 -2.54 -35.38 10.80
N THR B 487 -3.82 -35.25 10.47
CA THR B 487 -4.50 -33.97 10.60
C THR B 487 -4.47 -33.49 12.04
N GLY B 488 -4.27 -32.18 12.22
CA GLY B 488 -4.14 -31.59 13.53
C GLY B 488 -3.05 -30.53 13.55
N THR B 489 -2.03 -30.71 12.72
CA THR B 489 -0.93 -29.76 12.60
C THR B 489 -0.65 -29.51 11.13
N PHE B 490 -0.47 -28.24 10.76
CA PHE B 490 -0.09 -27.90 9.39
C PHE B 490 0.23 -26.41 9.33
N GLU B 491 0.49 -25.92 8.13
CA GLU B 491 0.81 -24.52 7.89
C GLU B 491 0.13 -24.08 6.60
N PHE B 492 -0.18 -22.79 6.54
CA PHE B 492 -0.85 -22.21 5.37
C PHE B 492 -0.57 -20.73 5.32
N THR B 493 0.20 -20.29 4.33
CA THR B 493 0.53 -18.87 4.15
C THR B 493 1.13 -18.29 5.43
N SER B 494 2.05 -19.06 6.03
CA SER B 494 2.78 -18.69 7.24
C SER B 494 1.89 -18.64 8.48
N PHE B 495 0.66 -19.13 8.39
CA PHE B 495 -0.17 -19.37 9.57
C PHE B 495 0.05 -20.82 10.00
N PHE B 496 0.52 -21.01 11.23
CA PHE B 496 0.85 -22.34 11.73
C PHE B 496 -0.25 -22.82 12.67
N TYR B 497 -0.89 -23.92 12.32
CA TYR B 497 -1.97 -24.51 13.09
C TYR B 497 -1.44 -25.75 13.81
N ARG B 498 -1.69 -25.81 15.11
CA ARG B 498 -1.24 -26.92 15.95
C ARG B 498 -2.32 -27.19 17.00
N TYR B 499 -3.07 -28.27 16.82
CA TYR B 499 -4.05 -28.72 17.81
C TYR B 499 -4.99 -27.59 18.23
N GLY B 500 -5.41 -26.79 17.25
CA GLY B 500 -6.34 -25.71 17.48
C GLY B 500 -5.70 -24.37 17.74
N PHE B 501 -4.43 -24.34 18.12
CA PHE B 501 -3.71 -23.08 18.35
C PHE B 501 -3.11 -22.61 17.04
N VAL B 502 -3.48 -21.39 16.62
CA VAL B 502 -3.02 -20.84 15.35
C VAL B 502 -2.11 -19.65 15.66
N ALA B 503 -0.90 -19.70 15.12
CA ALA B 503 0.07 -18.62 15.23
C ALA B 503 0.19 -17.94 13.87
N ASN B 504 -0.05 -16.63 13.83
CA ASN B 504 -0.03 -15.86 12.59
C ASN B 504 1.35 -15.25 12.41
N PHE B 505 2.05 -15.67 11.36
CA PHE B 505 3.35 -15.11 11.03
C PHE B 505 3.46 -14.74 9.55
N SER B 506 2.32 -14.54 8.88
CA SER B 506 2.35 -14.04 7.51
C SER B 506 3.13 -12.74 7.45
N MET B 507 2.85 -11.83 8.38
CA MET B 507 3.66 -10.65 8.61
C MET B 507 4.04 -10.59 10.08
N GLU B 508 5.34 -10.52 10.35
CA GLU B 508 5.84 -10.52 11.72
C GLU B 508 5.67 -9.13 12.33
N LEU B 509 6.36 -8.91 13.45
CA LEU B 509 6.35 -7.62 14.15
C LEU B 509 6.48 -6.48 13.15
N PRO B 510 5.47 -5.63 13.01
CA PRO B 510 5.59 -4.50 12.07
C PRO B 510 6.54 -3.44 12.62
N SER B 511 6.93 -2.54 11.73
CA SER B 511 7.83 -1.46 12.12
C SER B 511 7.24 -0.70 13.29
N PHE B 512 8.05 -0.50 14.34
CA PHE B 512 7.65 0.21 15.54
C PHE B 512 8.49 1.48 15.69
N GLY B 513 8.72 2.17 14.57
CA GLY B 513 9.40 3.44 14.59
C GLY B 513 8.54 4.53 14.00
N VAL B 514 9.13 5.66 13.64
CA VAL B 514 8.38 6.77 13.07
C VAL B 514 8.05 6.46 11.62
N SER B 515 6.77 6.64 11.26
CA SER B 515 6.36 6.42 9.88
C SER B 515 7.03 7.42 8.93
N GLY B 516 7.13 8.67 9.35
CA GLY B 516 7.82 9.68 8.57
C GLY B 516 6.90 10.68 7.90
N ILE B 517 5.74 10.94 8.51
CA ILE B 517 4.81 11.93 7.98
C ILE B 517 5.09 13.27 8.65
N ASN B 518 4.92 13.32 9.96
CA ASN B 518 5.27 14.47 10.78
C ASN B 518 5.14 14.05 12.23
N GLU B 519 5.37 15.00 13.14
CA GLU B 519 5.41 14.65 14.56
C GLU B 519 4.06 14.13 15.04
N SER B 520 2.98 14.89 14.80
CA SER B 520 1.66 14.47 15.25
C SER B 520 1.22 13.19 14.57
N ALA B 521 1.34 13.15 13.24
CA ALA B 521 0.94 11.96 12.51
C ALA B 521 1.77 10.75 12.94
N ASP B 522 3.07 10.93 13.14
CA ASP B 522 3.91 9.81 13.54
C ASP B 522 3.53 9.29 14.92
N MET B 523 3.29 10.18 15.88
CA MET B 523 2.86 9.73 17.21
C MET B 523 1.55 8.95 17.12
N SER B 524 0.57 9.52 16.42
CA SER B 524 -0.72 8.85 16.31
C SER B 524 -0.58 7.50 15.63
N VAL B 525 0.21 7.43 14.55
CA VAL B 525 0.37 6.19 13.81
C VAL B 525 1.05 5.14 14.68
N GLY B 526 2.09 5.53 15.41
CA GLY B 526 2.77 4.56 16.25
C GLY B 526 1.87 3.98 17.32
N VAL B 527 1.15 4.84 18.04
CA VAL B 527 0.28 4.34 19.10
C VAL B 527 -0.83 3.48 18.52
N THR B 528 -1.42 3.92 17.40
CA THR B 528 -2.50 3.16 16.78
C THR B 528 -2.01 1.81 16.26
N VAL B 529 -0.80 1.76 15.73
CA VAL B 529 -0.25 0.50 15.24
C VAL B 529 -0.04 -0.46 16.40
N ILE B 530 0.50 0.03 17.52
CA ILE B 530 0.66 -0.84 18.68
C ILE B 530 -0.68 -1.36 19.14
N LYS B 531 -1.69 -0.48 19.19
CA LYS B 531 -3.03 -0.89 19.63
C LYS B 531 -3.60 -1.96 18.70
N ASN B 532 -3.48 -1.74 17.39
CA ASN B 532 -4.03 -2.70 16.43
C ASN B 532 -3.34 -4.04 16.53
N ASN B 533 -2.01 -4.03 16.68
CA ASN B 533 -1.29 -5.29 16.82
C ASN B 533 -1.72 -6.02 18.09
N MET B 534 -1.93 -5.28 19.18
CA MET B 534 -2.43 -5.92 20.40
C MET B 534 -3.80 -6.53 20.16
N ILE B 535 -4.68 -5.82 19.45
CA ILE B 535 -6.04 -6.32 19.24
C ILE B 535 -6.03 -7.57 18.38
N ASN B 536 -5.29 -7.55 17.26
CA ASN B 536 -5.40 -8.57 16.24
C ASN B 536 -4.24 -9.56 16.22
N ASN B 537 -3.00 -9.06 16.20
CA ASN B 537 -1.84 -9.91 15.93
C ASN B 537 -1.23 -10.51 17.18
N ASP B 538 -2.03 -10.72 18.23
CA ASP B 538 -1.59 -11.48 19.40
C ASP B 538 -0.35 -10.89 20.04
N LEU B 539 -0.30 -9.55 20.12
CA LEU B 539 0.80 -8.87 20.79
C LEU B 539 0.47 -8.75 22.28
N GLY B 540 1.38 -9.19 23.13
CA GLY B 540 1.11 -9.26 24.54
C GLY B 540 1.18 -7.90 25.20
N PRO B 541 0.69 -7.82 26.44
CA PRO B 541 0.75 -6.54 27.17
C PRO B 541 2.17 -6.05 27.40
N ALA B 542 3.05 -6.89 27.95
CA ALA B 542 4.43 -6.48 28.18
C ALA B 542 5.14 -6.16 26.88
N THR B 543 4.90 -6.95 25.84
CA THR B 543 5.48 -6.64 24.54
C THR B 543 4.97 -5.31 24.02
N ALA B 544 3.69 -5.01 24.26
CA ALA B 544 3.14 -3.72 23.84
C ALA B 544 3.80 -2.58 24.59
N GLN B 545 4.03 -2.74 25.90
CA GLN B 545 4.70 -1.70 26.66
C GLN B 545 6.12 -1.49 26.16
N MET B 546 6.84 -2.57 25.88
CA MET B 546 8.20 -2.45 25.37
C MET B 546 8.20 -1.78 24.00
N ALA B 547 7.22 -2.14 23.15
CA ALA B 547 7.12 -1.50 21.84
C ALA B 547 6.86 -0.01 21.99
N LEU B 548 6.01 0.38 22.93
CA LEU B 548 5.77 1.79 23.17
C LEU B 548 7.03 2.50 23.62
N GLN B 549 7.78 1.89 24.53
CA GLN B 549 9.03 2.50 25.00
C GLN B 549 10.01 2.69 23.86
N LEU B 550 10.20 1.65 23.05
CA LEU B 550 11.15 1.74 21.94
C LEU B 550 10.68 2.76 20.90
N PHE B 551 9.38 2.80 20.62
CA PHE B 551 8.86 3.79 19.68
C PHE B 551 9.08 5.20 20.19
N ILE B 552 8.86 5.43 21.49
CA ILE B 552 9.07 6.76 22.03
C ILE B 552 10.54 7.15 21.95
N LYS B 553 11.43 6.20 22.23
CA LYS B 553 12.87 6.48 22.09
C LYS B 553 13.21 6.86 20.66
N ASP B 554 12.73 6.07 19.69
CA ASP B 554 13.00 6.36 18.29
C ASP B 554 12.42 7.71 17.87
N TYR B 555 11.21 8.01 18.34
CA TYR B 555 10.55 9.27 18.02
C TYR B 555 11.36 10.45 18.55
N ARG B 556 11.79 10.36 19.80
CA ARG B 556 12.58 11.44 20.40
C ARG B 556 13.90 11.62 19.67
N TYR B 557 14.57 10.52 19.33
CA TYR B 557 15.86 10.63 18.65
C TYR B 557 15.70 11.16 17.23
N THR B 558 14.63 10.77 16.55
CA THR B 558 14.43 11.20 15.16
C THR B 558 14.07 12.67 15.09
N TYR B 559 13.14 13.11 15.93
CA TYR B 559 12.66 14.48 15.87
C TYR B 559 13.38 15.40 16.84
N ARG B 560 14.43 14.92 17.50
CA ARG B 560 15.25 15.73 18.41
C ARG B 560 14.41 16.33 19.54
N CYS B 561 13.24 15.76 19.80
CA CYS B 561 12.35 16.25 20.85
C CYS B 561 12.60 15.53 22.17
N HIS B 562 13.86 15.47 22.59
CA HIS B 562 14.18 14.86 23.87
C HIS B 562 13.58 15.68 24.99
N ARG B 563 13.31 15.01 26.11
CA ARG B 563 12.70 15.66 27.25
C ARG B 563 13.46 16.95 27.58
N GLY B 564 12.70 18.00 27.87
CA GLY B 564 13.31 19.31 28.03
C GLY B 564 14.39 19.35 29.09
N ASP B 565 14.17 18.64 30.19
CA ASP B 565 15.12 18.68 31.30
C ASP B 565 16.40 17.89 31.01
N THR B 566 16.37 16.99 30.03
CA THR B 566 17.57 16.21 29.72
C THR B 566 18.65 17.12 29.14
N GLN B 567 19.90 16.69 29.34
CA GLN B 567 21.07 17.48 28.94
C GLN B 567 21.66 17.03 27.61
N ILE B 568 20.94 16.20 26.85
CA ILE B 568 21.41 15.81 25.52
C ILE B 568 21.50 17.04 24.65
N GLN B 569 22.58 17.13 23.88
CA GLN B 569 22.86 18.31 23.06
C GLN B 569 22.33 18.07 21.65
N THR B 570 21.32 18.85 21.26
CA THR B 570 20.77 18.81 19.92
C THR B 570 20.53 20.24 19.46
N ARG B 571 20.49 20.43 18.14
CA ARG B 571 20.21 21.75 17.59
C ARG B 571 18.88 22.29 18.09
N ARG B 572 17.94 21.40 18.42
CA ARG B 572 16.64 21.78 18.94
C ARG B 572 16.61 21.86 20.46
N ALA B 573 17.74 21.64 21.12
CA ALA B 573 17.73 21.53 22.58
C ALA B 573 17.47 22.88 23.25
N PHE B 574 18.00 23.96 22.70
CA PHE B 574 17.85 25.26 23.35
C PHE B 574 16.39 25.70 23.38
N GLU B 575 15.71 25.62 22.24
CA GLU B 575 14.30 26.02 22.19
C GLU B 575 13.46 25.14 23.11
N LEU B 576 13.70 23.84 23.09
CA LEU B 576 12.92 22.93 23.93
C LEU B 576 13.17 23.21 25.41
N GLY B 577 14.42 23.51 25.78
CA GLY B 577 14.69 23.85 27.17
C GLY B 577 14.03 25.15 27.59
N LYS B 578 14.05 26.16 26.70
CA LYS B 578 13.36 27.41 27.02
C LYS B 578 11.87 27.19 27.20
N LEU B 579 11.26 26.40 26.31
CA LEU B 579 9.84 26.09 26.44
C LEU B 579 9.55 25.33 27.72
N TRP B 580 10.43 24.39 28.08
CA TRP B 580 10.25 23.62 29.30
C TRP B 580 10.31 24.52 30.53
N GLU B 581 11.28 25.44 30.57
CA GLU B 581 11.38 26.33 31.73
C GLU B 581 10.21 27.30 31.77
N GLN B 582 9.73 27.74 30.61
CA GLN B 582 8.62 28.70 30.56
C GLN B 582 7.34 28.08 31.12
N THR B 583 7.07 26.83 30.79
CA THR B 583 5.78 26.23 31.12
C THR B 583 5.65 25.97 32.61
N ARG B 584 4.40 25.93 33.07
CA ARG B 584 4.08 25.61 34.46
C ARG B 584 3.73 24.13 34.62
N SER B 585 2.75 23.66 33.87
CA SER B 585 2.32 22.25 33.92
C SER B 585 3.09 21.51 32.84
N LYS B 586 4.23 20.92 33.22
CA LYS B 586 5.08 20.23 32.25
C LYS B 586 4.43 18.95 31.74
N ALA B 587 3.45 18.41 32.46
CA ALA B 587 2.78 17.19 32.01
C ALA B 587 1.93 17.42 30.76
N GLY B 588 1.54 18.67 30.49
CA GLY B 588 0.74 18.96 29.32
C GLY B 588 1.52 19.12 28.04
N LEU B 589 2.84 19.27 28.11
CA LEU B 589 3.64 19.40 26.91
C LEU B 589 3.62 18.11 26.11
N LEU B 590 3.51 18.24 24.80
CA LEU B 590 3.57 17.07 23.93
C LEU B 590 4.99 16.52 23.91
N VAL B 591 5.11 15.25 23.53
CA VAL B 591 6.43 14.64 23.41
C VAL B 591 7.27 15.39 22.39
N SER B 592 6.63 15.85 21.31
CA SER B 592 7.33 16.68 20.33
C SER B 592 7.74 18.03 20.89
N ASP B 593 7.14 18.46 22.00
CA ASP B 593 7.48 19.70 22.67
C ASP B 593 8.38 19.46 23.88
N GLY B 594 8.92 18.26 24.03
CA GLY B 594 9.76 17.95 25.16
C GLY B 594 9.02 17.53 26.42
N GLY B 595 7.74 17.19 26.31
CA GLY B 595 6.99 16.78 27.46
C GLY B 595 7.15 15.30 27.75
N PRO B 596 6.56 14.87 28.86
CA PRO B 596 6.64 13.45 29.24
C PRO B 596 5.69 12.59 28.42
N ASN B 597 5.96 11.29 28.44
CA ASN B 597 5.12 10.31 27.77
C ASN B 597 4.09 9.77 28.75
N LEU B 598 2.82 10.04 28.48
CA LEU B 598 1.73 9.59 29.34
C LEU B 598 0.99 8.39 28.76
N TYR B 599 1.53 7.76 27.72
CA TYR B 599 0.84 6.66 27.07
C TYR B 599 1.10 5.35 27.80
N ASN B 600 0.08 4.51 27.85
CA ASN B 600 0.16 3.16 28.39
C ASN B 600 -0.82 2.30 27.60
N ILE B 601 -1.02 1.07 28.07
CA ILE B 601 -2.03 0.21 27.46
C ILE B 601 -3.42 0.82 27.62
N ARG B 602 -3.60 1.68 28.60
CA ARG B 602 -4.92 2.25 28.90
C ARG B 602 -5.42 3.11 27.74
N ASN B 603 -4.57 3.97 27.20
CA ASN B 603 -5.01 5.08 26.36
C ASN B 603 -4.34 5.09 24.99
N LEU B 604 -4.07 3.91 24.43
CA LEU B 604 -3.48 3.86 23.09
C LEU B 604 -4.44 4.32 22.02
N HIS B 605 -5.74 4.41 22.33
CA HIS B 605 -6.75 4.79 21.37
C HIS B 605 -7.09 6.27 21.42
N ILE B 606 -6.42 7.05 22.25
CA ILE B 606 -6.73 8.46 22.48
C ILE B 606 -5.63 9.29 21.85
N PRO B 607 -5.96 10.29 21.03
CA PRO B 607 -4.90 11.18 20.51
C PRO B 607 -4.17 11.90 21.63
N GLU B 608 -2.89 12.14 21.42
CA GLU B 608 -2.06 12.74 22.45
C GLU B 608 -2.54 14.14 22.81
N VAL B 609 -2.94 14.93 21.81
CA VAL B 609 -3.37 16.30 22.08
C VAL B 609 -4.57 16.31 23.01
N CYS B 610 -5.54 15.42 22.76
CA CYS B 610 -6.70 15.31 23.64
C CYS B 610 -6.35 14.62 24.95
N LEU B 611 -5.34 13.74 24.93
CA LEU B 611 -4.98 13.01 26.15
C LEU B 611 -4.51 13.96 27.24
N LYS B 612 -3.69 14.95 26.88
CA LYS B 612 -3.15 15.90 27.83
C LYS B 612 -3.73 17.30 27.62
N TRP B 613 -4.93 17.37 27.06
CA TRP B 613 -5.58 18.67 26.86
C TRP B 613 -5.85 19.37 28.18
N GLU B 614 -6.31 18.62 29.17
CA GLU B 614 -6.63 19.21 30.46
C GLU B 614 -5.39 19.68 31.22
N LEU B 615 -4.22 19.14 30.90
CA LEU B 615 -2.98 19.51 31.57
C LEU B 615 -2.25 20.65 30.89
N MET B 616 -2.68 21.08 29.70
CA MET B 616 -1.97 22.13 28.99
C MET B 616 -2.18 23.49 29.65
N ASP B 617 -1.15 24.33 29.56
CA ASP B 617 -1.30 25.72 29.95
C ASP B 617 -2.11 26.46 28.90
N GLU B 618 -2.81 27.51 29.35
CA GLU B 618 -3.69 28.25 28.45
C GLU B 618 -2.92 28.82 27.27
N ASP B 619 -1.82 29.52 27.54
CA ASP B 619 -1.07 30.16 26.46
C ASP B 619 -0.43 29.13 25.54
N TYR B 620 0.16 28.07 26.12
CA TYR B 620 0.76 27.03 25.29
C TYR B 620 -0.29 26.33 24.45
N GLN B 621 -1.46 26.05 25.04
CA GLN B 621 -2.54 25.44 24.28
C GLN B 621 -2.98 26.34 23.14
N GLY B 622 -3.10 27.64 23.39
CA GLY B 622 -3.50 28.55 22.33
C GLY B 622 -2.47 28.63 21.22
N ARG B 623 -1.19 28.68 21.57
CA ARG B 623 -0.14 28.74 20.54
C ARG B 623 -0.10 27.46 19.73
N LEU B 624 -0.16 26.31 20.39
CA LEU B 624 -0.10 25.03 19.68
C LEU B 624 -1.30 24.85 18.75
N CYS B 625 -2.48 25.20 19.22
CA CYS B 625 -3.73 25.01 18.50
C CYS B 625 -4.19 26.29 17.82
N ASN B 626 -3.26 27.10 17.32
CA ASN B 626 -3.60 28.34 16.64
C ASN B 626 -3.87 28.02 15.17
N PRO B 627 -5.10 28.21 14.67
CA PRO B 627 -5.37 27.86 13.26
C PRO B 627 -4.60 28.72 12.28
N MET B 628 -4.13 29.90 12.68
CA MET B 628 -3.45 30.82 11.78
C MET B 628 -1.94 30.60 11.74
N ASN B 629 -1.44 29.53 12.33
CA ASN B 629 -0.01 29.28 12.30
C ASN B 629 0.44 28.96 10.87
N PRO B 630 1.70 29.27 10.54
CA PRO B 630 2.19 29.02 9.17
C PRO B 630 2.69 27.61 8.90
N PHE B 631 2.41 26.65 9.77
CA PHE B 631 2.90 25.28 9.61
C PHE B 631 1.82 24.31 9.18
N VAL B 632 0.61 24.41 9.74
CA VAL B 632 -0.44 23.45 9.43
C VAL B 632 -0.77 23.51 7.94
N SER B 633 -1.13 22.34 7.39
CA SER B 633 -1.48 22.24 5.99
C SER B 633 -2.36 21.01 5.79
N HIS B 634 -3.35 21.12 4.91
CA HIS B 634 -4.23 20.01 4.58
C HIS B 634 -4.33 19.86 3.07
N LYS B 635 -4.09 18.65 2.58
CA LYS B 635 -4.28 18.30 1.19
C LYS B 635 -5.70 17.75 1.02
N GLU B 636 -5.99 17.14 -0.13
CA GLU B 636 -7.30 16.54 -0.36
C GLU B 636 -7.67 15.61 0.78
N ILE B 637 -8.96 15.36 0.98
CA ILE B 637 -9.43 14.65 2.16
C ILE B 637 -8.87 13.23 2.21
N ASP B 638 -8.62 12.62 1.04
CA ASP B 638 -8.10 11.26 1.04
C ASP B 638 -6.77 11.17 1.78
N SER B 639 -5.96 12.22 1.72
CA SER B 639 -4.69 12.27 2.41
C SER B 639 -4.78 12.90 3.79
N VAL B 640 -6.00 13.19 4.27
CA VAL B 640 -6.20 13.82 5.56
C VAL B 640 -6.33 12.73 6.62
N ASN B 641 -5.46 12.77 7.63
CA ASN B 641 -5.48 11.80 8.72
C ASN B 641 -5.49 10.37 8.17
N ASN B 642 -4.67 10.15 7.14
CA ASN B 642 -4.56 8.83 6.53
C ASN B 642 -3.21 8.74 5.84
N ALA B 643 -2.53 7.60 6.03
CA ALA B 643 -1.20 7.39 5.49
C ALA B 643 -1.16 6.07 4.73
N VAL B 644 -0.44 6.08 3.61
CA VAL B 644 -0.31 4.90 2.75
C VAL B 644 0.96 4.15 3.14
N VAL B 645 0.83 2.86 3.42
CA VAL B 645 1.97 2.04 3.78
C VAL B 645 2.15 0.93 2.75
N LYS B 653 -1.25 -0.61 1.37
CA LYS B 653 -2.31 -0.48 2.36
C LYS B 653 -2.39 0.95 2.88
N SER B 654 -3.54 1.31 3.44
CA SER B 654 -3.77 2.64 4.01
C SER B 654 -4.40 2.47 5.38
N MET B 655 -3.89 3.22 6.36
CA MET B 655 -4.40 3.18 7.73
C MET B 655 -4.76 4.61 8.16
N GLU B 656 -5.91 4.74 8.82
CA GLU B 656 -6.39 6.03 9.29
C GLU B 656 -6.00 6.21 10.75
N TYR B 657 -5.39 7.35 11.06
CA TYR B 657 -4.94 7.65 12.41
C TYR B 657 -5.69 8.87 12.94
N ASP B 658 -5.90 8.90 14.25
CA ASP B 658 -6.61 9.98 14.90
C ASP B 658 -5.61 11.01 15.42
N ALA B 659 -5.76 12.25 14.97
CA ALA B 659 -4.85 13.32 15.36
C ALA B 659 -5.61 14.64 15.34
N VAL B 660 -5.07 15.61 16.06
CA VAL B 660 -5.63 16.96 16.12
C VAL B 660 -4.68 17.87 15.34
N ALA B 661 -5.23 18.64 14.41
CA ALA B 661 -4.43 19.53 13.59
C ALA B 661 -3.79 20.61 14.45
N THR B 662 -2.48 20.52 14.64
CA THR B 662 -1.75 21.48 15.47
C THR B 662 -0.58 22.07 14.70
N THR B 663 0.27 22.83 15.40
CA THR B 663 1.46 23.38 14.78
C THR B 663 2.41 22.29 14.30
N HIS B 664 2.29 21.08 14.85
CA HIS B 664 3.16 19.96 14.50
C HIS B 664 2.68 19.18 13.28
N SER B 665 1.72 19.73 12.52
CA SER B 665 1.18 19.07 11.34
C SER B 665 1.81 19.59 10.06
N TRP B 666 3.10 19.89 10.11
CA TRP B 666 3.81 20.47 8.98
C TRP B 666 4.07 19.42 7.90
N ILE B 667 4.72 19.85 6.82
CA ILE B 667 5.05 18.98 5.70
C ILE B 667 6.57 18.90 5.57
N PRO B 668 7.15 17.73 5.34
CA PRO B 668 8.58 17.67 5.01
C PRO B 668 8.84 18.22 3.61
N LYS B 669 10.09 18.60 3.38
CA LYS B 669 10.46 19.19 2.10
C LYS B 669 10.38 18.15 0.98
N ARG B 670 9.93 18.58 -0.19
CA ARG B 670 9.91 17.72 -1.36
C ARG B 670 11.33 17.51 -1.88
N ASN B 671 11.57 16.33 -2.44
CA ASN B 671 12.87 15.96 -2.97
C ASN B 671 12.75 15.51 -4.41
N ARG B 672 13.67 15.97 -5.25
CA ARG B 672 13.70 15.59 -6.66
C ARG B 672 14.98 16.09 -7.32
N GLN B 679 15.65 15.41 -19.77
CA GLN B 679 14.84 14.21 -19.71
C GLN B 679 13.73 14.24 -20.77
N ARG B 680 13.56 13.12 -21.46
CA ARG B 680 12.48 13.01 -22.44
C ARG B 680 11.13 13.16 -21.75
N GLY B 681 10.20 13.82 -22.43
CA GLY B 681 8.88 14.03 -21.87
C GLY B 681 7.82 14.37 -22.91
N ILE B 682 6.70 13.66 -22.86
CA ILE B 682 5.61 13.93 -23.79
C ILE B 682 4.94 15.25 -23.47
N LEU B 683 4.78 15.57 -22.19
CA LEU B 683 4.10 16.78 -21.77
C LEU B 683 5.13 17.90 -21.62
N GLU B 684 4.90 19.02 -22.31
CA GLU B 684 5.78 20.17 -22.16
C GLU B 684 5.75 20.70 -20.73
N ASP B 685 4.56 20.78 -20.14
CA ASP B 685 4.38 21.21 -18.76
C ASP B 685 3.77 20.03 -18.00
N GLU B 686 4.61 19.31 -17.26
CA GLU B 686 4.15 18.11 -16.58
C GLU B 686 3.17 18.42 -15.45
N GLN B 687 3.07 19.68 -15.03
CA GLN B 687 2.18 20.08 -13.95
C GLN B 687 0.89 20.71 -14.45
N MET B 688 0.58 20.60 -15.73
CA MET B 688 -0.58 21.28 -16.27
C MET B 688 -1.87 20.82 -15.60
N TYR B 689 -2.01 19.51 -15.38
CA TYR B 689 -3.21 18.99 -14.72
C TYR B 689 -3.30 19.52 -13.30
N GLN B 690 -2.21 19.47 -12.55
CA GLN B 690 -2.21 19.98 -11.19
C GLN B 690 -2.39 21.49 -11.17
N LYS B 691 -1.74 22.20 -12.09
CA LYS B 691 -1.90 23.66 -12.15
C LYS B 691 -3.34 24.04 -12.43
N CYS B 692 -4.05 23.24 -13.23
CA CYS B 692 -5.46 23.53 -13.49
C CYS B 692 -6.33 23.16 -12.30
N CYS B 693 -6.08 21.99 -11.69
CA CYS B 693 -6.87 21.59 -10.52
C CYS B 693 -6.63 22.54 -9.36
N ASN B 694 -5.37 22.88 -9.09
CA ASN B 694 -5.08 24.04 -8.28
C ASN B 694 -5.56 25.28 -9.02
N LEU B 695 -5.93 26.31 -8.27
CA LEU B 695 -6.63 27.49 -8.74
C LEU B 695 -8.11 27.20 -8.96
N PHE B 696 -8.54 25.95 -8.87
CA PHE B 696 -9.97 25.64 -8.80
C PHE B 696 -10.44 25.49 -7.36
N GLU B 697 -9.54 25.07 -6.47
CA GLU B 697 -9.87 25.01 -5.05
C GLU B 697 -9.88 26.40 -4.42
N LYS B 698 -9.17 27.36 -5.01
CA LYS B 698 -9.27 28.74 -4.57
C LYS B 698 -10.56 29.38 -5.03
N PHE B 699 -11.19 28.83 -6.07
CA PHE B 699 -12.50 29.31 -6.53
C PHE B 699 -13.64 28.55 -5.85
N PHE B 700 -13.50 27.24 -5.72
CA PHE B 700 -14.50 26.38 -5.07
C PHE B 700 -13.76 25.50 -4.07
N PRO B 701 -13.60 25.97 -2.83
CA PRO B 701 -12.84 25.18 -1.85
C PRO B 701 -13.41 23.80 -1.60
N SER B 702 -14.72 23.61 -1.75
CA SER B 702 -15.32 22.32 -1.47
C SER B 702 -14.76 21.22 -2.36
N SER B 703 -14.13 21.57 -3.48
CA SER B 703 -13.50 20.57 -4.33
C SER B 703 -12.48 19.76 -3.56
N SER B 704 -11.87 20.36 -2.53
CA SER B 704 -10.93 19.60 -1.70
C SER B 704 -11.62 18.49 -0.94
N TYR B 705 -12.82 18.75 -0.42
CA TYR B 705 -13.54 17.78 0.40
C TYR B 705 -14.49 16.91 -0.40
N ARG B 706 -15.10 17.44 -1.45
CA ARG B 706 -16.08 16.72 -2.23
C ARG B 706 -15.70 16.75 -3.70
N ARG B 707 -16.07 15.69 -4.42
CA ARG B 707 -15.85 15.65 -5.86
C ARG B 707 -16.86 16.56 -6.54
N PRO B 708 -16.43 17.59 -7.26
CA PRO B 708 -17.39 18.54 -7.82
C PRO B 708 -18.19 17.94 -8.95
N VAL B 709 -19.41 18.47 -9.13
CA VAL B 709 -20.28 18.12 -10.25
C VAL B 709 -20.81 19.40 -10.86
N GLY B 710 -20.76 19.49 -12.18
CA GLY B 710 -21.28 20.64 -12.88
C GLY B 710 -21.34 20.40 -14.36
N ILE B 711 -22.19 21.19 -15.02
CA ILE B 711 -22.40 21.06 -16.46
C ILE B 711 -21.41 21.93 -17.22
N SER B 712 -21.15 23.14 -16.73
CA SER B 712 -20.28 24.07 -17.42
C SER B 712 -18.83 23.60 -17.36
N SER B 713 -17.99 24.22 -18.18
CA SER B 713 -16.57 23.93 -18.20
C SER B 713 -15.87 24.62 -17.03
N MET B 714 -14.64 24.18 -16.76
CA MET B 714 -13.92 24.70 -15.60
C MET B 714 -13.72 26.21 -15.71
N VAL B 715 -13.25 26.69 -16.85
CA VAL B 715 -12.95 28.11 -17.00
C VAL B 715 -14.21 28.95 -16.85
N GLU B 716 -15.32 28.50 -17.43
CA GLU B 716 -16.56 29.26 -17.35
C GLU B 716 -17.03 29.37 -15.91
N ALA B 717 -16.99 28.27 -15.17
CA ALA B 717 -17.37 28.30 -13.76
C ALA B 717 -16.45 29.22 -12.96
N MET B 718 -15.15 29.13 -13.19
CA MET B 718 -14.21 29.99 -12.46
C MET B 718 -14.47 31.46 -12.76
N VAL B 719 -14.72 31.79 -14.03
CA VAL B 719 -14.98 33.17 -14.40
C VAL B 719 -16.26 33.68 -13.75
N SER B 720 -17.32 32.86 -13.75
CA SER B 720 -18.55 33.27 -13.11
C SER B 720 -18.35 33.52 -11.63
N ARG B 721 -17.64 32.61 -10.95
CA ARG B 721 -17.37 32.80 -9.52
C ARG B 721 -16.54 34.05 -9.28
N ALA B 722 -15.55 34.30 -10.14
CA ALA B 722 -14.74 35.51 -10.00
C ALA B 722 -15.59 36.76 -10.11
N ARG B 723 -16.48 36.80 -11.11
CA ARG B 723 -17.34 37.96 -11.29
C ARG B 723 -18.23 38.16 -10.07
N ILE B 724 -18.83 37.09 -9.58
CA ILE B 724 -19.74 37.21 -8.43
C ILE B 724 -18.97 37.70 -7.21
N ASP B 725 -17.80 37.11 -6.96
CA ASP B 725 -17.02 37.51 -5.78
C ASP B 725 -16.61 38.97 -5.87
N ALA B 726 -16.16 39.41 -7.06
CA ALA B 726 -15.77 40.80 -7.22
C ALA B 726 -16.96 41.72 -6.98
N ARG B 727 -18.13 41.36 -7.51
CA ARG B 727 -19.31 42.20 -7.31
C ARG B 727 -19.66 42.31 -5.83
N ILE B 728 -19.68 41.18 -5.12
CA ILE B 728 -20.06 41.20 -3.71
C ILE B 728 -19.05 41.98 -2.90
N ASP B 729 -17.75 41.79 -3.16
CA ASP B 729 -16.73 42.52 -2.42
C ASP B 729 -16.82 44.02 -2.69
N PHE B 730 -17.05 44.42 -3.94
CA PHE B 730 -17.16 45.84 -4.25
C PHE B 730 -18.39 46.45 -3.59
N GLU B 731 -19.47 45.69 -3.47
CA GLU B 731 -20.72 46.14 -2.83
C GLU B 731 -20.51 46.31 -1.34
N SER B 732 -19.74 45.41 -0.71
CA SER B 732 -19.46 45.42 0.75
C SER B 732 -18.68 46.67 1.11
N GLY B 733 -17.78 47.10 0.23
CA GLY B 733 -16.94 48.30 0.42
C GLY B 733 -15.55 47.98 0.92
N ARG B 734 -14.95 46.89 0.45
CA ARG B 734 -13.55 46.48 0.80
C ARG B 734 -12.77 46.12 -0.46
N ILE B 735 -13.12 46.76 -1.58
CA ILE B 735 -12.53 46.65 -2.95
C ILE B 735 -12.99 47.96 -3.60
N LYS B 736 -12.06 48.64 -4.28
CA LYS B 736 -12.27 49.97 -4.90
C LYS B 736 -12.46 49.86 -6.42
N LYS B 737 -13.12 50.87 -7.00
CA LYS B 737 -13.49 50.99 -8.44
C LYS B 737 -12.39 50.45 -9.33
N GLU B 738 -11.16 50.95 -9.18
CA GLU B 738 -9.98 50.54 -9.99
C GLU B 738 -9.90 49.01 -9.99
N GLU B 739 -9.72 48.41 -8.82
CA GLU B 739 -9.60 46.94 -8.66
C GLU B 739 -10.79 46.24 -9.32
N PHE B 740 -12.02 46.65 -8.98
CA PHE B 740 -13.24 46.00 -9.53
C PHE B 740 -13.20 46.00 -11.06
N ALA B 741 -12.98 47.16 -11.68
CA ALA B 741 -12.99 47.32 -13.15
C ALA B 741 -11.88 46.46 -13.74
N GLU B 742 -10.72 46.45 -13.10
CA GLU B 742 -9.53 45.66 -13.49
C GLU B 742 -9.93 44.18 -13.57
N ILE B 743 -10.57 43.67 -12.51
CA ILE B 743 -11.04 42.25 -12.42
C ILE B 743 -12.08 41.99 -13.51
N MET B 744 -13.02 42.91 -13.73
CA MET B 744 -14.06 42.76 -14.79
C MET B 744 -13.39 42.67 -16.16
N LYS B 745 -12.32 43.45 -16.38
CA LYS B 745 -11.53 43.51 -17.63
C LYS B 745 -10.80 42.18 -17.85
N ILE B 746 -10.23 41.58 -16.81
CA ILE B 746 -9.55 40.26 -17.01
C ILE B 746 -10.63 39.23 -17.32
N CYS B 747 -11.78 39.27 -16.65
CA CYS B 747 -12.82 38.28 -16.89
C CYS B 747 -13.30 38.34 -18.33
N SER B 748 -13.47 39.55 -18.85
CA SER B 748 -13.91 39.69 -20.25
C SER B 748 -12.87 39.12 -21.20
N THR B 749 -11.59 39.41 -20.98
CA THR B 749 -10.58 38.87 -21.89
C THR B 749 -10.44 37.37 -21.75
N ILE B 750 -10.63 36.83 -20.55
CA ILE B 750 -10.61 35.38 -20.37
C ILE B 750 -11.76 34.74 -21.13
N GLU B 751 -12.95 35.34 -21.05
CA GLU B 751 -14.08 34.81 -21.81
C GLU B 751 -13.82 34.88 -23.31
N GLU B 752 -13.21 35.98 -23.77
CA GLU B 752 -12.88 36.08 -25.18
C GLU B 752 -11.89 34.99 -25.59
N LEU B 753 -10.88 34.74 -24.75
CA LEU B 753 -9.92 33.69 -25.05
C LEU B 753 -10.59 32.33 -25.12
N ARG B 754 -11.49 32.04 -24.16
CA ARG B 754 -12.16 30.75 -24.16
C ARG B 754 -13.04 30.58 -25.39
N ARG B 755 -13.75 31.64 -25.78
CA ARG B 755 -14.58 31.57 -26.98
C ARG B 755 -13.72 31.34 -28.22
N GLN B 756 -12.58 32.02 -28.31
CA GLN B 756 -11.68 31.86 -29.44
C GLN B 756 -10.99 30.50 -29.36
N MET C 1 -7.03 40.54 -8.68
CA MET C 1 -6.55 39.63 -7.59
C MET C 1 -5.67 38.54 -8.17
N GLU C 2 -4.79 37.98 -7.33
CA GLU C 2 -3.84 36.99 -7.80
C GLU C 2 -4.54 35.81 -8.47
N ARG C 3 -5.72 35.45 -7.97
CA ARG C 3 -6.42 34.28 -8.47
C ARG C 3 -6.86 34.45 -9.92
N ILE C 4 -7.53 35.57 -10.22
CA ILE C 4 -8.01 35.80 -11.58
C ILE C 4 -6.84 36.03 -12.53
N LYS C 5 -5.79 36.71 -12.07
CA LYS C 5 -4.61 36.88 -12.91
C LYS C 5 -3.98 35.54 -13.24
N GLU C 6 -3.90 34.64 -12.26
CA GLU C 6 -3.36 33.30 -12.53
C GLU C 6 -4.25 32.54 -13.49
N LEU C 7 -5.57 32.71 -13.37
CA LEU C 7 -6.47 32.07 -14.33
C LEU C 7 -6.20 32.57 -15.74
N ARG C 8 -6.03 33.88 -15.90
CA ARG C 8 -5.71 34.43 -17.21
C ARG C 8 -4.38 33.89 -17.73
N ASP C 9 -3.38 33.80 -16.85
CA ASP C 9 -2.09 33.26 -17.25
C ASP C 9 -2.23 31.81 -17.73
N LEU C 10 -3.00 31.00 -17.00
CA LEU C 10 -3.22 29.62 -17.43
C LEU C 10 -3.93 29.57 -18.77
N MET C 11 -4.95 30.42 -18.95
CA MET C 11 -5.69 30.42 -20.21
C MET C 11 -4.86 30.98 -21.35
N SER C 12 -3.75 31.66 -21.07
CA SER C 12 -2.90 32.16 -22.14
C SER C 12 -2.29 31.01 -22.94
N GLN C 13 -1.68 30.05 -22.26
CA GLN C 13 -1.06 28.92 -22.95
C GLN C 13 -2.12 28.03 -23.56
N SER C 14 -1.77 27.42 -24.70
CA SER C 14 -2.77 26.71 -25.50
C SER C 14 -3.26 25.45 -24.80
N ARG C 15 -2.34 24.63 -24.29
CA ARG C 15 -2.76 23.35 -23.71
C ARG C 15 -3.60 23.55 -22.45
N THR C 16 -3.16 24.46 -21.57
CA THR C 16 -3.94 24.73 -20.35
C THR C 16 -5.30 25.30 -20.70
N ARG C 17 -5.36 26.20 -21.68
CA ARG C 17 -6.65 26.73 -22.13
C ARG C 17 -7.56 25.61 -22.63
N GLU C 18 -7.00 24.70 -23.42
CA GLU C 18 -7.81 23.61 -23.97
C GLU C 18 -8.35 22.72 -22.86
N ILE C 19 -7.51 22.36 -21.89
CA ILE C 19 -7.98 21.50 -20.81
C ILE C 19 -9.02 22.22 -19.97
N LEU C 20 -8.84 23.51 -19.71
CA LEU C 20 -9.81 24.25 -18.93
C LEU C 20 -11.15 24.34 -19.65
N THR C 21 -11.14 24.62 -20.95
CA THR C 21 -12.38 24.79 -21.70
C THR C 21 -13.07 23.48 -21.99
N LYS C 22 -12.31 22.39 -22.13
CA LYS C 22 -12.87 21.11 -22.56
C LYS C 22 -13.41 20.31 -21.37
N THR C 23 -12.56 20.06 -20.37
CA THR C 23 -12.99 19.28 -19.22
C THR C 23 -14.09 20.01 -18.47
N THR C 24 -15.17 19.29 -18.17
CA THR C 24 -16.27 19.86 -17.41
C THR C 24 -15.99 19.73 -15.92
N VAL C 25 -16.80 20.43 -15.12
CA VAL C 25 -16.64 20.39 -13.67
C VAL C 25 -16.83 18.98 -13.14
N ASP C 26 -17.57 18.13 -13.85
CA ASP C 26 -17.72 16.74 -13.44
C ASP C 26 -16.39 16.01 -13.49
N HIS C 27 -15.60 16.25 -14.52
CA HIS C 27 -14.35 15.51 -14.74
C HIS C 27 -13.16 16.15 -14.05
N MET C 28 -13.35 17.28 -13.37
CA MET C 28 -12.23 17.91 -12.67
C MET C 28 -11.53 16.89 -11.78
N ALA C 29 -12.27 16.19 -10.93
CA ALA C 29 -11.66 15.23 -10.03
C ALA C 29 -10.79 14.23 -10.79
N ILE C 30 -11.23 13.80 -11.98
CA ILE C 30 -10.43 12.86 -12.75
C ILE C 30 -9.05 13.43 -13.02
N ILE C 31 -8.99 14.66 -13.54
CA ILE C 31 -7.70 15.23 -13.87
C ILE C 31 -6.93 15.59 -12.62
N LYS C 32 -7.57 15.56 -11.45
CA LYS C 32 -6.85 15.75 -10.21
C LYS C 32 -5.93 14.58 -9.90
N LYS C 33 -6.16 13.43 -10.52
CA LYS C 33 -5.40 12.23 -10.23
C LYS C 33 -4.19 12.07 -11.14
N TYR C 34 -3.98 12.98 -12.09
CA TYR C 34 -2.82 12.94 -12.98
C TYR C 34 -1.65 13.65 -12.31
N THR C 35 -1.15 13.04 -11.24
CA THR C 35 -0.05 13.62 -10.48
C THR C 35 1.28 13.30 -11.16
N SER C 36 2.13 14.32 -11.29
CA SER C 36 3.42 14.18 -11.94
C SER C 36 4.55 13.97 -10.93
N GLY C 37 4.23 13.76 -9.67
CA GLY C 37 5.22 13.55 -8.63
C GLY C 37 5.62 12.10 -8.52
N ARG C 38 6.11 11.73 -7.34
CA ARG C 38 6.54 10.36 -7.08
C ARG C 38 6.54 10.13 -5.57
N GLN C 39 5.75 9.17 -5.11
CA GLN C 39 5.72 8.86 -3.70
C GLN C 39 7.07 8.29 -3.25
N GLU C 40 7.52 8.72 -2.08
CA GLU C 40 8.81 8.28 -1.56
C GLU C 40 8.69 6.87 -1.03
N LYS C 41 9.49 5.95 -1.56
CA LYS C 41 9.57 4.61 -1.00
C LYS C 41 10.29 4.66 0.34
N ASN C 42 9.73 3.98 1.33
CA ASN C 42 10.32 3.97 2.66
C ASN C 42 10.42 5.39 3.20
N PRO C 43 9.29 6.03 3.50
CA PRO C 43 9.35 7.40 4.02
C PRO C 43 9.99 7.53 5.39
N ALA C 44 10.11 6.44 6.16
CA ALA C 44 10.75 6.53 7.47
C ALA C 44 12.23 6.85 7.34
N LEU C 45 12.93 6.16 6.45
CA LEU C 45 14.34 6.46 6.20
C LEU C 45 14.48 7.87 5.64
N ARG C 46 13.54 8.28 4.78
CA ARG C 46 13.59 9.63 4.23
C ARG C 46 13.47 10.66 5.33
N MET C 47 12.57 10.45 6.29
CA MET C 47 12.43 11.38 7.40
C MET C 47 13.69 11.39 8.28
N LYS C 48 14.26 10.21 8.54
CA LYS C 48 15.47 10.14 9.33
C LYS C 48 16.59 10.93 8.65
N TRP C 49 16.72 10.80 7.33
CA TRP C 49 17.74 11.53 6.60
C TRP C 49 17.45 13.02 6.59
N MET C 50 16.18 13.42 6.43
CA MET C 50 15.87 14.85 6.40
C MET C 50 16.17 15.52 7.73
N MET C 51 15.80 14.87 8.84
CA MET C 51 15.90 15.54 10.14
C MET C 51 17.33 15.88 10.49
N ALA C 52 18.30 15.29 9.81
CA ALA C 52 19.70 15.67 9.99
C ALA C 52 20.07 16.93 9.21
N MET C 53 19.16 17.44 8.37
CA MET C 53 19.41 18.65 7.61
C MET C 53 19.20 19.87 8.49
N LYS C 54 19.35 21.05 7.90
CA LYS C 54 19.16 22.30 8.63
C LYS C 54 17.73 22.80 8.54
N TYR C 55 17.14 22.77 7.35
CA TYR C 55 15.79 23.29 7.12
C TYR C 55 14.99 22.22 6.36
N PRO C 56 14.50 21.20 7.04
CA PRO C 56 13.73 20.14 6.38
C PRO C 56 12.22 20.37 6.33
N ILE C 57 11.71 21.43 6.96
CA ILE C 57 10.29 21.70 7.01
C ILE C 57 9.96 22.82 6.04
N THR C 58 8.73 22.80 5.53
CA THR C 58 8.25 23.79 4.57
C THR C 58 7.12 24.59 5.22
N ALA C 59 7.38 25.87 5.49
CA ALA C 59 6.36 26.79 5.96
C ALA C 59 5.77 27.52 4.76
N ASP C 60 5.00 28.57 5.01
CA ASP C 60 4.42 29.39 3.96
C ASP C 60 5.09 30.75 3.92
N LYS C 61 4.62 31.60 3.00
CA LYS C 61 5.25 32.89 2.79
C LYS C 61 5.19 33.76 4.04
N ARG C 62 4.05 33.78 4.72
CA ARG C 62 3.81 34.74 5.79
C ARG C 62 4.64 34.47 7.04
N ILE C 63 5.28 33.30 7.15
CA ILE C 63 6.02 32.98 8.38
C ILE C 63 7.09 34.03 8.63
N MET C 64 7.70 34.56 7.57
CA MET C 64 8.77 35.53 7.73
C MET C 64 8.29 36.83 8.35
N GLU C 65 6.98 37.09 8.35
CA GLU C 65 6.45 38.30 8.98
C GLU C 65 6.29 38.16 10.48
N MET C 66 6.34 36.94 11.02
CA MET C 66 6.07 36.71 12.43
C MET C 66 7.24 36.07 13.15
N ILE C 67 7.81 35.01 12.61
CA ILE C 67 8.92 34.30 13.27
C ILE C 67 10.22 35.01 12.91
N PRO C 68 11.01 35.47 13.89
CA PRO C 68 12.28 36.14 13.56
C PRO C 68 13.27 35.18 12.92
N GLU C 69 14.21 35.77 12.17
CA GLU C 69 15.20 34.97 11.48
C GLU C 69 16.04 34.14 12.46
N ARG C 70 16.43 34.74 13.58
CA ARG C 70 17.28 34.09 14.56
C ARG C 70 16.68 34.25 15.95
N ASN C 71 17.01 33.30 16.82
CA ASN C 71 16.57 33.33 18.21
C ASN C 71 17.69 33.94 19.07
N GLU C 72 17.54 33.86 20.39
CA GLU C 72 18.51 34.48 21.27
C GLU C 72 19.91 33.89 21.05
N GLN C 73 19.99 32.58 20.89
CA GLN C 73 21.27 31.91 20.68
C GLN C 73 21.77 32.02 19.24
N ARG C 74 21.17 32.89 18.43
CA ARG C 74 21.60 33.15 17.06
C ARG C 74 21.42 31.96 16.13
N GLN C 75 20.58 31.00 16.50
CA GLN C 75 20.29 29.86 15.63
C GLN C 75 19.23 30.26 14.61
N THR C 76 19.53 30.03 13.33
CA THR C 76 18.61 30.43 12.28
C THR C 76 17.38 29.54 12.28
N LEU C 77 16.21 30.16 12.28
CA LEU C 77 14.94 29.43 12.30
C LEU C 77 14.46 29.07 10.91
N TRP C 78 14.40 30.05 10.01
CA TRP C 78 13.98 29.82 8.63
C TRP C 78 15.00 30.41 7.69
N SER C 79 15.05 29.86 6.48
CA SER C 79 16.01 30.25 5.45
C SER C 79 15.28 30.87 4.28
N LYS C 80 15.90 31.89 3.68
CA LYS C 80 15.33 32.57 2.51
C LYS C 80 15.51 31.67 1.29
N THR C 81 14.66 30.66 1.20
CA THR C 81 14.68 29.71 0.10
C THR C 81 13.24 29.37 -0.27
N ASN C 82 13.06 28.34 -1.09
CA ASN C 82 11.75 27.92 -1.53
C ASN C 82 11.72 26.41 -1.73
N ASP C 83 10.53 25.84 -1.64
CA ASP C 83 10.35 24.42 -1.91
C ASP C 83 10.44 24.16 -3.41
N ALA C 84 10.25 22.90 -3.79
CA ALA C 84 10.34 22.50 -5.19
C ALA C 84 8.96 22.48 -5.82
N GLY C 85 8.45 23.68 -6.10
CA GLY C 85 7.19 23.80 -6.81
C GLY C 85 6.29 24.94 -6.37
N SER C 86 6.63 25.63 -5.28
CA SER C 86 5.80 26.71 -4.78
C SER C 86 6.68 27.71 -4.04
N ASP C 87 6.04 28.71 -3.43
CA ASP C 87 6.71 29.73 -2.64
C ASP C 87 6.75 29.39 -1.16
N ARG C 88 6.70 28.11 -0.81
CA ARG C 88 6.77 27.68 0.59
C ARG C 88 8.22 27.75 1.05
N VAL C 89 8.49 28.64 2.01
CA VAL C 89 9.85 28.85 2.48
C VAL C 89 10.32 27.66 3.31
N MET C 90 11.64 27.50 3.37
CA MET C 90 12.26 26.44 4.16
C MET C 90 12.45 26.89 5.60
N VAL C 91 12.07 26.04 6.54
CA VAL C 91 12.18 26.33 7.96
C VAL C 91 12.72 25.10 8.67
N SER C 92 13.00 25.26 9.96
CA SER C 92 13.56 24.21 10.79
C SER C 92 12.66 23.95 11.99
N PRO C 93 12.80 22.78 12.63
CA PRO C 93 11.96 22.51 13.81
C PRO C 93 12.15 23.54 14.91
N LEU C 94 13.31 24.19 14.96
CA LEU C 94 13.50 25.29 15.88
C LEU C 94 12.41 26.34 15.70
N ALA C 95 12.00 26.58 14.45
CA ALA C 95 10.91 27.53 14.21
C ALA C 95 9.61 27.04 14.83
N VAL C 96 9.33 25.74 14.73
CA VAL C 96 8.11 25.18 15.31
C VAL C 96 8.13 25.39 16.83
N THR C 97 9.25 25.06 17.47
CA THR C 97 9.33 25.23 18.92
C THR C 97 9.24 26.70 19.30
N TRP C 98 9.87 27.58 18.50
CA TRP C 98 9.79 29.01 18.78
C TRP C 98 8.36 29.49 18.72
N TRP C 99 7.59 29.05 17.73
CA TRP C 99 6.18 29.42 17.67
C TRP C 99 5.43 28.87 18.87
N ASN C 100 5.71 27.62 19.25
CA ASN C 100 4.97 27.00 20.34
C ASN C 100 5.23 27.71 21.67
N ARG C 101 6.43 28.27 21.85
CA ARG C 101 6.79 28.91 23.11
C ARG C 101 6.63 30.43 23.10
N ASN C 102 6.51 31.06 21.93
CA ASN C 102 6.45 32.51 21.85
C ASN C 102 5.43 33.04 20.85
N GLY C 103 4.74 32.17 20.11
CA GLY C 103 3.83 32.62 19.08
C GLY C 103 2.58 33.25 19.65
N PRO C 104 1.79 33.90 18.80
CA PRO C 104 0.54 34.50 19.27
C PRO C 104 -0.41 33.45 19.85
N THR C 105 -1.11 33.84 20.90
CA THR C 105 -2.05 32.96 21.59
C THR C 105 -3.48 33.33 21.20
N THR C 106 -4.26 32.32 20.86
CA THR C 106 -5.67 32.49 20.50
C THR C 106 -6.54 31.75 21.51
N SER C 107 -7.85 31.77 21.27
CA SER C 107 -8.82 31.11 22.13
C SER C 107 -9.25 29.81 21.46
N THR C 108 -8.94 28.68 22.10
CA THR C 108 -9.27 27.36 21.57
C THR C 108 -10.58 26.89 22.21
N VAL C 109 -11.68 27.49 21.75
CA VAL C 109 -13.00 27.19 22.28
C VAL C 109 -13.70 26.21 21.35
N HIS C 110 -13.46 26.34 20.05
CA HIS C 110 -14.08 25.46 19.07
C HIS C 110 -13.42 24.09 19.00
N TYR C 111 -12.21 23.95 19.53
CA TYR C 111 -11.51 22.67 19.44
C TYR C 111 -12.27 21.55 20.12
N PRO C 112 -12.75 21.71 21.36
CA PRO C 112 -13.60 20.65 21.94
C PRO C 112 -14.84 20.36 21.11
N LYS C 113 -15.43 21.38 20.48
CA LYS C 113 -16.62 21.15 19.66
C LYS C 113 -16.28 20.40 18.38
N VAL C 114 -15.24 20.83 17.68
CA VAL C 114 -14.91 20.23 16.39
C VAL C 114 -14.38 18.81 16.59
N TYR C 115 -13.59 18.60 17.63
CA TYR C 115 -13.01 17.30 17.94
C TYR C 115 -13.79 16.58 19.03
N LYS C 116 -15.12 16.73 19.01
CA LYS C 116 -15.96 16.19 20.08
C LYS C 116 -15.72 14.70 20.30
N THR C 117 -15.48 13.95 19.23
CA THR C 117 -15.35 12.50 19.37
C THR C 117 -14.14 12.14 20.23
N TYR C 118 -13.00 12.80 20.00
CA TYR C 118 -11.81 12.48 20.75
C TYR C 118 -11.97 12.80 22.23
N PHE C 119 -12.56 13.96 22.54
CA PHE C 119 -12.73 14.31 23.94
C PHE C 119 -13.79 13.44 24.60
N GLU C 120 -14.77 12.96 23.84
CA GLU C 120 -15.69 11.96 24.37
C GLU C 120 -14.96 10.67 24.70
N LYS C 121 -14.03 10.24 23.85
CA LYS C 121 -13.18 9.11 24.17
C LYS C 121 -12.46 9.34 25.49
N VAL C 122 -11.87 10.52 25.64
CA VAL C 122 -11.11 10.84 26.85
C VAL C 122 -12.01 10.77 28.07
N GLU C 123 -13.21 11.35 27.98
CA GLU C 123 -14.13 11.33 29.13
C GLU C 123 -14.56 9.91 29.46
N ARG C 124 -14.84 9.10 28.44
CA ARG C 124 -15.23 7.72 28.69
C ARG C 124 -14.12 6.97 29.42
N LEU C 125 -12.87 7.16 29.01
CA LEU C 125 -11.77 6.48 29.69
C LEU C 125 -11.57 7.03 31.10
N LYS C 126 -11.79 8.34 31.29
CA LYS C 126 -11.52 8.95 32.59
C LYS C 126 -12.47 8.43 33.65
N HIS C 127 -13.73 8.24 33.31
CA HIS C 127 -14.77 7.88 34.28
C HIS C 127 -15.04 6.38 34.31
N GLY C 128 -14.20 5.58 33.69
CA GLY C 128 -14.40 4.14 33.70
C GLY C 128 -14.03 3.52 35.03
N THR C 129 -14.40 2.25 35.18
CA THR C 129 -14.08 1.47 36.36
C THR C 129 -13.39 0.18 35.93
N PHE C 130 -12.51 -0.32 36.80
CA PHE C 130 -11.67 -1.46 36.50
C PHE C 130 -11.97 -2.61 37.44
N GLY C 131 -12.02 -3.82 36.90
CA GLY C 131 -12.15 -5.01 37.69
C GLY C 131 -10.91 -5.88 37.57
N PRO C 132 -10.92 -7.04 38.24
CA PRO C 132 -9.76 -7.92 38.21
C PRO C 132 -9.59 -8.60 36.85
N VAL C 133 -8.38 -9.08 36.62
CA VAL C 133 -8.06 -9.83 35.40
C VAL C 133 -8.33 -11.31 35.64
N HIS C 134 -8.94 -11.97 34.66
CA HIS C 134 -9.20 -13.39 34.72
C HIS C 134 -8.38 -14.08 33.64
N PHE C 135 -7.53 -15.01 34.05
CA PHE C 135 -6.66 -15.75 33.15
C PHE C 135 -7.30 -17.10 32.85
N ARG C 136 -7.52 -17.38 31.56
CA ARG C 136 -8.17 -18.61 31.15
C ARG C 136 -8.14 -18.68 29.63
N ASN C 137 -8.53 -19.84 29.11
CA ASN C 137 -8.65 -19.98 27.66
C ASN C 137 -9.66 -18.97 27.15
N GLN C 138 -9.29 -18.27 26.07
CA GLN C 138 -10.12 -17.23 25.48
C GLN C 138 -10.62 -17.70 24.12
N VAL C 139 -11.93 -17.66 23.94
CA VAL C 139 -12.57 -18.06 22.68
C VAL C 139 -13.37 -16.86 22.21
N LYS C 140 -12.76 -16.03 21.37
CA LYS C 140 -13.42 -14.84 20.84
C LYS C 140 -14.12 -15.19 19.54
N ILE C 141 -15.41 -14.88 19.47
CA ILE C 141 -16.17 -15.05 18.24
C ILE C 141 -16.01 -13.79 17.41
N ARG C 142 -15.85 -13.95 16.10
CA ARG C 142 -15.56 -12.85 15.20
C ARG C 142 -16.86 -12.35 14.59
N ARG C 143 -17.14 -11.06 14.76
CA ARG C 143 -18.38 -10.48 14.26
C ARG C 143 -18.15 -9.03 13.88
N ARG C 144 -19.14 -8.45 13.20
CA ARG C 144 -19.08 -7.06 12.77
C ARG C 144 -19.57 -6.16 13.89
N VAL C 145 -18.75 -5.18 14.25
CA VAL C 145 -19.03 -4.28 15.37
C VAL C 145 -18.78 -2.85 14.94
N ASP C 146 -19.51 -1.92 15.55
CA ASP C 146 -19.35 -0.50 15.27
C ASP C 146 -18.06 0.02 15.87
N ILE C 147 -17.52 1.08 15.25
CA ILE C 147 -16.23 1.64 15.64
C ILE C 147 -16.39 2.92 16.44
N ASN C 148 -17.20 3.86 15.95
CA ASN C 148 -17.32 5.17 16.58
C ASN C 148 -18.65 5.29 17.30
N PRO C 149 -18.67 5.37 18.63
CA PRO C 149 -19.92 5.65 19.33
C PRO C 149 -20.28 7.14 19.27
N GLY C 150 -21.54 7.42 19.60
CA GLY C 150 -22.04 8.77 19.60
C GLY C 150 -22.43 9.30 18.24
N HIS C 151 -22.27 8.52 17.18
CA HIS C 151 -22.60 8.97 15.84
C HIS C 151 -24.12 9.09 15.67
N ALA C 152 -24.51 9.79 14.61
CA ALA C 152 -25.92 9.96 14.26
C ALA C 152 -26.42 8.90 13.30
N ASP C 153 -25.58 7.93 12.93
CA ASP C 153 -25.96 6.88 11.99
C ASP C 153 -26.46 7.47 10.68
N LEU C 154 -25.85 8.58 10.26
CA LEU C 154 -26.26 9.26 9.05
C LEU C 154 -25.63 8.58 7.83
N SER C 155 -26.41 8.49 6.76
CA SER C 155 -25.89 7.95 5.51
C SER C 155 -24.76 8.85 5.00
N ALA C 156 -23.77 8.22 4.36
CA ALA C 156 -22.65 8.98 3.81
C ALA C 156 -23.15 10.10 2.91
N LYS C 157 -24.16 9.81 2.09
CA LYS C 157 -24.75 10.84 1.25
C LYS C 157 -25.31 11.97 2.09
N GLU C 158 -26.13 11.65 3.09
CA GLU C 158 -26.74 12.69 3.91
C GLU C 158 -25.71 13.37 4.83
N ALA C 159 -24.73 12.61 5.31
CA ALA C 159 -23.66 13.22 6.09
C ALA C 159 -22.91 14.26 5.26
N GLN C 160 -22.59 13.91 4.00
CA GLN C 160 -21.96 14.87 3.11
C GLN C 160 -22.88 16.06 2.84
N ASP C 161 -24.18 15.81 2.74
CA ASP C 161 -25.14 16.89 2.59
C ASP C 161 -25.02 17.89 3.74
N VAL C 162 -25.05 17.38 4.97
CA VAL C 162 -24.95 18.25 6.15
C VAL C 162 -23.61 18.98 6.15
N ILE C 163 -22.54 18.27 5.82
CA ILE C 163 -21.21 18.88 5.85
C ILE C 163 -21.13 20.01 4.83
N MET C 164 -21.66 19.80 3.63
CA MET C 164 -21.67 20.87 2.63
C MET C 164 -22.52 22.04 3.09
N GLU C 165 -23.67 21.76 3.71
CA GLU C 165 -24.53 22.84 4.19
C GLU C 165 -23.83 23.67 5.26
N VAL C 166 -23.08 23.01 6.15
CA VAL C 166 -22.48 23.71 7.28
C VAL C 166 -21.18 24.39 6.89
N VAL C 167 -20.19 23.61 6.44
CA VAL C 167 -18.87 24.15 6.18
C VAL C 167 -18.87 25.04 4.94
N PHE C 168 -19.50 24.58 3.86
CA PHE C 168 -19.50 25.31 2.60
C PHE C 168 -20.92 25.77 2.27
N PRO C 169 -21.46 26.76 3.00
CA PRO C 169 -22.87 27.11 2.80
C PRO C 169 -23.20 27.57 1.39
N ASN C 170 -22.30 28.31 0.74
CA ASN C 170 -22.59 28.91 -0.56
C ASN C 170 -22.06 28.07 -1.72
N GLU C 171 -22.00 26.75 -1.55
CA GLU C 171 -21.65 25.84 -2.63
C GLU C 171 -22.58 24.64 -2.67
N VAL C 172 -23.73 24.73 -1.99
CA VAL C 172 -24.69 23.64 -2.00
C VAL C 172 -25.27 23.48 -3.40
N GLY C 173 -25.46 22.23 -3.82
CA GLY C 173 -25.97 21.95 -5.14
C GLY C 173 -27.46 22.18 -5.25
N ALA C 174 -28.01 21.82 -6.41
CA ALA C 174 -29.43 22.03 -6.65
C ALA C 174 -30.29 21.23 -5.69
N ARG C 175 -29.81 20.06 -5.27
CA ARG C 175 -30.62 19.21 -4.39
C ARG C 175 -30.91 19.90 -3.07
N ILE C 176 -29.90 20.55 -2.48
CA ILE C 176 -30.10 21.23 -1.20
C ILE C 176 -31.04 22.41 -1.36
N LEU C 177 -30.79 23.26 -2.36
CA LEU C 177 -31.61 24.45 -2.54
C LEU C 177 -33.05 24.09 -2.88
N THR C 178 -33.27 22.96 -3.54
CA THR C 178 -34.60 22.56 -3.97
C THR C 178 -35.36 21.79 -2.90
N SER C 179 -34.71 21.41 -1.80
CA SER C 179 -35.37 20.68 -0.74
C SER C 179 -36.35 21.59 0.01
N GLU C 180 -37.27 20.96 0.73
CA GLU C 180 -38.31 21.67 1.45
C GLU C 180 -37.96 21.95 2.91
N SER C 181 -37.31 21.01 3.59
CA SER C 181 -37.01 21.13 5.00
C SER C 181 -35.52 20.97 5.25
N GLN C 182 -35.05 21.58 6.32
CA GLN C 182 -33.64 21.53 6.73
C GLN C 182 -33.52 20.68 7.98
N LEU C 183 -32.57 19.74 7.97
CA LEU C 183 -32.36 18.89 9.14
C LEU C 183 -31.93 19.74 10.33
N THR C 184 -32.40 19.35 11.52
CA THR C 184 -32.09 20.12 12.72
C THR C 184 -30.60 20.03 13.07
N ILE C 185 -29.95 18.90 12.79
CA ILE C 185 -28.53 18.77 13.06
C ILE C 185 -27.75 19.82 12.29
N THR C 186 -28.18 20.08 11.05
CA THR C 186 -27.49 21.08 10.24
C THR C 186 -27.54 22.45 10.90
N LYS C 187 -28.73 22.86 11.36
CA LYS C 187 -28.86 24.16 12.01
C LYS C 187 -28.04 24.20 13.31
N GLU C 188 -28.08 23.11 14.08
CA GLU C 188 -27.33 23.08 15.32
C GLU C 188 -25.84 23.25 15.06
N LYS C 189 -25.31 22.54 14.06
CA LYS C 189 -23.88 22.66 13.76
C LYS C 189 -23.55 24.03 13.19
N LYS C 190 -24.45 24.61 12.40
CA LYS C 190 -24.22 25.95 11.88
C LYS C 190 -24.12 26.95 13.02
N LYS C 191 -25.01 26.85 14.00
CA LYS C 191 -24.94 27.75 15.15
C LYS C 191 -23.69 27.48 15.98
N GLU C 192 -23.30 26.21 16.12
CA GLU C 192 -22.17 25.87 16.96
C GLU C 192 -20.85 26.37 16.40
N LEU C 193 -20.70 26.39 15.07
CA LEU C 193 -19.43 26.70 14.42
C LEU C 193 -19.51 28.02 13.66
N GLN C 194 -20.15 29.03 14.25
CA GLN C 194 -20.28 30.32 13.57
C GLN C 194 -18.91 30.94 13.31
N ASP C 195 -18.20 31.29 14.37
CA ASP C 195 -16.88 31.91 14.25
C ASP C 195 -15.83 30.85 14.58
N CYS C 196 -15.49 30.05 13.56
CA CYS C 196 -14.52 28.97 13.70
C CYS C 196 -13.42 29.19 12.67
N LYS C 197 -12.21 29.44 13.15
CA LYS C 197 -11.07 29.68 12.27
C LYS C 197 -10.34 28.40 11.88
N ILE C 198 -10.73 27.25 12.44
CA ILE C 198 -10.12 25.99 12.05
C ILE C 198 -10.35 25.78 10.56
N ALA C 199 -9.42 25.10 9.92
CA ALA C 199 -9.49 24.92 8.48
C ALA C 199 -10.81 24.25 8.12
N PRO C 200 -11.57 24.78 7.16
CA PRO C 200 -12.87 24.15 6.84
C PRO C 200 -12.75 22.70 6.42
N LEU C 201 -11.64 22.31 5.79
CA LEU C 201 -11.45 20.91 5.42
C LEU C 201 -11.34 20.04 6.67
N MET C 202 -10.62 20.51 7.69
CA MET C 202 -10.54 19.76 8.94
C MET C 202 -11.90 19.64 9.60
N VAL C 203 -12.67 20.73 9.60
CA VAL C 203 -14.01 20.68 10.19
C VAL C 203 -14.89 19.69 9.45
N ALA C 204 -14.82 19.69 8.13
CA ALA C 204 -15.60 18.74 7.34
C ALA C 204 -15.19 17.31 7.64
N TYR C 205 -13.88 17.05 7.72
CA TYR C 205 -13.41 15.70 8.01
C TYR C 205 -13.89 15.24 9.38
N MET C 206 -13.80 16.11 10.38
CA MET C 206 -14.24 15.73 11.72
C MET C 206 -15.74 15.52 11.77
N LEU C 207 -16.51 16.35 11.06
CA LEU C 207 -17.95 16.15 11.02
C LEU C 207 -18.30 14.83 10.37
N GLU C 208 -17.63 14.50 9.27
CA GLU C 208 -17.89 13.21 8.61
C GLU C 208 -17.52 12.05 9.52
N ARG C 209 -16.42 12.19 10.26
CA ARG C 209 -16.05 11.15 11.22
C ARG C 209 -17.11 10.99 12.30
N GLU C 210 -17.66 12.10 12.78
CA GLU C 210 -18.59 12.08 13.90
C GLU C 210 -20.01 11.71 13.50
N LEU C 211 -20.35 11.82 12.22
CA LEU C 211 -21.73 11.57 11.78
C LEU C 211 -21.92 10.26 11.04
N VAL C 212 -20.88 9.70 10.45
CA VAL C 212 -21.00 8.48 9.68
C VAL C 212 -20.82 7.28 10.60
N ARG C 213 -21.46 6.17 10.23
CA ARG C 213 -21.35 4.91 10.96
C ARG C 213 -20.32 4.03 10.28
N LYS C 214 -19.40 3.49 11.07
CA LYS C 214 -18.33 2.62 10.57
C LYS C 214 -18.34 1.30 11.33
N THR C 215 -18.07 0.21 10.61
CA THR C 215 -18.12 -1.11 11.18
C THR C 215 -16.88 -1.90 10.74
N ARG C 216 -16.42 -2.79 11.60
CA ARG C 216 -15.27 -3.63 11.31
C ARG C 216 -15.53 -5.05 11.80
N PHE C 217 -14.87 -6.00 11.15
CA PHE C 217 -14.98 -7.42 11.48
C PHE C 217 -13.89 -7.73 12.52
N LEU C 218 -14.29 -7.84 13.79
CA LEU C 218 -13.34 -8.00 14.87
C LEU C 218 -13.68 -9.21 15.73
N PRO C 219 -12.68 -9.85 16.34
CA PRO C 219 -12.98 -10.82 17.39
C PRO C 219 -13.42 -10.13 18.67
N VAL C 220 -14.36 -10.77 19.37
CA VAL C 220 -14.87 -10.26 20.63
C VAL C 220 -15.09 -11.43 21.58
N ALA C 221 -14.75 -11.23 22.85
CA ALA C 221 -14.97 -12.21 23.89
C ALA C 221 -15.87 -11.71 25.01
N GLY C 222 -16.27 -10.44 24.97
CA GLY C 222 -17.17 -9.89 25.97
C GLY C 222 -18.27 -9.07 25.34
N GLY C 223 -18.42 -7.83 25.80
CA GLY C 223 -19.46 -6.97 25.26
C GLY C 223 -19.20 -6.60 23.81
N THR C 224 -20.29 -6.26 23.12
CA THR C 224 -20.23 -5.91 21.71
C THR C 224 -20.58 -4.44 21.44
N SER C 225 -21.11 -3.73 22.43
CA SER C 225 -21.48 -2.33 22.25
C SER C 225 -20.27 -1.52 21.77
N SER C 226 -20.53 -0.37 21.14
CA SER C 226 -19.44 0.41 20.55
C SER C 226 -18.46 0.88 21.61
N VAL C 227 -18.96 1.33 22.77
CA VAL C 227 -18.08 1.80 23.82
C VAL C 227 -17.14 0.70 24.30
N TYR C 228 -17.53 -0.57 24.13
CA TYR C 228 -16.67 -1.69 24.49
C TYR C 228 -15.72 -2.10 23.37
N ILE C 229 -15.86 -1.52 22.18
CA ILE C 229 -14.95 -1.86 21.09
C ILE C 229 -13.73 -0.95 21.07
N GLU C 230 -13.87 0.31 21.50
CA GLU C 230 -12.72 1.21 21.48
C GLU C 230 -11.63 0.76 22.45
N VAL C 231 -12.02 0.10 23.54
CA VAL C 231 -11.07 -0.38 24.53
C VAL C 231 -10.83 -1.89 24.37
N LEU C 232 -11.09 -2.44 23.18
CA LEU C 232 -10.88 -3.87 22.98
C LEU C 232 -9.45 -4.27 23.29
N HIS C 233 -8.49 -3.40 22.98
CA HIS C 233 -7.09 -3.69 23.26
C HIS C 233 -6.85 -3.86 24.75
N LEU C 234 -7.54 -3.08 25.58
CA LEU C 234 -7.31 -3.07 27.02
C LEU C 234 -8.12 -4.15 27.74
N THR C 235 -9.24 -4.60 27.17
CA THR C 235 -10.14 -5.49 27.89
C THR C 235 -9.86 -6.96 27.62
N GLN C 236 -9.57 -7.33 26.37
CA GLN C 236 -9.42 -8.74 26.00
C GLN C 236 -8.04 -8.98 25.42
N GLY C 237 -7.56 -10.21 25.60
CA GLY C 237 -6.27 -10.61 25.08
C GLY C 237 -6.24 -12.06 24.66
N THR C 238 -5.05 -12.59 24.36
CA THR C 238 -4.94 -13.97 23.89
C THR C 238 -5.33 -14.95 24.99
N CYS C 239 -4.96 -14.66 26.24
CA CYS C 239 -5.24 -15.58 27.34
C CYS C 239 -5.69 -14.87 28.61
N TRP C 240 -6.25 -13.67 28.50
CA TRP C 240 -6.69 -12.93 29.68
C TRP C 240 -7.89 -12.08 29.32
N GLU C 241 -8.69 -11.77 30.33
CA GLU C 241 -9.83 -10.88 30.19
C GLU C 241 -9.79 -9.86 31.30
N GLN C 242 -9.82 -8.58 30.93
CA GLN C 242 -9.80 -7.48 31.89
C GLN C 242 -11.21 -6.90 31.97
N MET C 243 -11.76 -6.84 33.18
CA MET C 243 -13.12 -6.36 33.39
C MET C 243 -13.09 -4.84 33.47
N TYR C 244 -13.70 -4.18 32.48
CA TYR C 244 -13.72 -2.73 32.40
C TYR C 244 -15.12 -2.26 32.06
N THR C 245 -15.60 -1.24 32.78
CA THR C 245 -16.89 -0.63 32.52
C THR C 245 -16.68 0.78 31.98
N PRO C 246 -17.05 1.07 30.74
CA PRO C 246 -16.82 2.43 30.22
C PRO C 246 -17.55 3.47 31.04
N GLY C 247 -16.96 4.67 31.09
CA GLY C 247 -17.53 5.75 31.85
C GLY C 247 -18.64 6.51 31.17
N GLY C 248 -19.01 6.12 29.95
CA GLY C 248 -20.08 6.79 29.22
C GLY C 248 -20.94 5.83 28.45
N ALA C 689 -30.65 32.63 6.76
CA ALA C 689 -32.07 32.32 6.70
C ALA C 689 -32.30 30.93 6.14
N VAL C 690 -33.57 30.58 5.93
CA VAL C 690 -33.94 29.28 5.38
C VAL C 690 -33.78 29.37 3.86
N LEU C 691 -32.64 28.92 3.36
CA LEU C 691 -32.36 28.95 1.92
C LEU C 691 -32.75 27.62 1.28
N ARG C 692 -34.04 27.33 1.35
CA ARG C 692 -34.60 26.09 0.81
C ARG C 692 -35.90 26.40 0.09
N GLY C 693 -36.27 25.51 -0.83
CA GLY C 693 -37.51 25.66 -1.57
C GLY C 693 -37.40 26.59 -2.75
N PHE C 694 -36.47 26.29 -3.66
CA PHE C 694 -36.25 27.09 -4.86
C PHE C 694 -36.40 26.22 -6.09
N LEU C 695 -37.03 26.76 -7.12
CA LEU C 695 -37.27 26.07 -8.37
C LEU C 695 -36.39 26.66 -9.46
N ILE C 696 -35.72 25.79 -10.21
CA ILE C 696 -34.87 26.23 -11.32
C ILE C 696 -35.74 26.49 -12.54
N LEU C 697 -35.47 27.61 -13.21
CA LEU C 697 -36.24 28.04 -14.36
C LEU C 697 -35.44 27.99 -15.66
N GLY C 698 -34.33 27.25 -15.68
CA GLY C 698 -33.51 27.13 -16.86
C GLY C 698 -32.10 27.64 -16.62
N LYS C 699 -31.45 28.05 -17.71
CA LYS C 699 -30.08 28.53 -17.65
C LYS C 699 -30.04 30.02 -17.31
N GLU C 700 -28.84 30.57 -17.29
CA GLU C 700 -28.66 31.98 -16.96
C GLU C 700 -29.41 32.86 -17.95
N ASN C 701 -30.14 33.84 -17.43
CA ASN C 701 -30.89 34.80 -18.23
C ASN C 701 -30.37 36.20 -17.89
N LYS C 702 -29.61 36.79 -18.81
CA LYS C 702 -28.97 38.07 -18.53
C LYS C 702 -29.97 39.19 -18.33
N ARG C 703 -31.20 39.03 -18.82
CA ARG C 703 -32.20 40.08 -18.65
C ARG C 703 -32.62 40.24 -17.18
N TYR C 704 -32.33 39.25 -16.33
CA TYR C 704 -32.74 39.28 -14.94
C TYR C 704 -31.63 39.74 -14.00
N GLY C 705 -30.51 40.22 -14.54
CA GLY C 705 -29.47 40.80 -13.72
C GLY C 705 -28.30 39.85 -13.49
N PRO C 706 -27.24 40.36 -12.87
CA PRO C 706 -26.04 39.54 -12.65
C PRO C 706 -26.31 38.39 -11.69
N ALA C 707 -25.53 37.33 -11.86
CA ALA C 707 -25.67 36.16 -11.01
C ALA C 707 -25.35 36.50 -9.56
N LEU C 708 -26.17 35.99 -8.66
CA LEU C 708 -25.98 36.17 -7.23
C LEU C 708 -25.22 34.99 -6.65
N SER C 709 -25.10 34.96 -5.33
CA SER C 709 -24.57 33.81 -4.60
C SER C 709 -25.68 33.23 -3.73
N ILE C 710 -25.48 31.98 -3.30
CA ILE C 710 -26.48 31.32 -2.48
C ILE C 710 -26.70 32.09 -1.18
N ASN C 711 -25.61 32.54 -0.55
CA ASN C 711 -25.71 33.16 0.77
C ASN C 711 -26.62 34.38 0.75
N GLU C 712 -26.75 35.04 -0.39
CA GLU C 712 -27.56 36.25 -0.50
C GLU C 712 -28.92 36.00 -1.13
N LEU C 713 -29.32 34.74 -1.29
CA LEU C 713 -30.64 34.45 -1.84
C LEU C 713 -31.77 34.81 -0.89
N SER C 714 -31.46 35.09 0.38
CA SER C 714 -32.52 35.37 1.35
C SER C 714 -33.19 36.72 1.09
N ASN C 715 -32.48 37.65 0.46
CA ASN C 715 -33.00 38.98 0.24
C ASN C 715 -34.05 39.04 -0.88
N LEU C 716 -34.25 37.95 -1.62
CA LEU C 716 -35.23 37.95 -2.69
C LEU C 716 -36.63 38.14 -2.14
N ALA C 717 -37.57 38.44 -3.04
CA ALA C 717 -38.95 38.66 -2.67
C ALA C 717 -39.73 37.36 -2.73
N LYS C 718 -41.05 37.44 -2.60
CA LYS C 718 -41.88 36.24 -2.55
C LYS C 718 -41.82 35.48 -3.87
N GLY C 719 -41.86 36.18 -4.99
CA GLY C 719 -41.88 35.53 -6.29
C GLY C 719 -40.84 36.06 -7.26
N GLU C 720 -39.85 36.79 -6.75
CA GLU C 720 -38.81 37.32 -7.62
C GLU C 720 -37.96 36.19 -8.19
N LYS C 721 -37.61 36.31 -9.47
CA LYS C 721 -36.78 35.35 -10.16
C LYS C 721 -35.41 35.97 -10.39
N ALA C 722 -34.36 35.26 -10.01
CA ALA C 722 -33.00 35.80 -10.07
C ALA C 722 -32.06 34.76 -10.68
N ASN C 723 -30.79 35.13 -10.81
CA ASN C 723 -29.74 34.25 -11.29
C ASN C 723 -28.80 33.94 -10.15
N VAL C 724 -28.56 32.65 -9.88
CA VAL C 724 -27.73 32.23 -8.77
C VAL C 724 -26.72 31.22 -9.27
N LEU C 725 -25.50 31.28 -8.73
CA LEU C 725 -24.45 30.32 -9.03
C LEU C 725 -24.51 29.21 -7.99
N ILE C 726 -25.10 28.08 -8.37
CA ILE C 726 -25.22 26.94 -7.48
C ILE C 726 -24.11 25.95 -7.79
N GLY C 727 -23.91 25.02 -6.86
CA GLY C 727 -22.93 23.98 -7.04
C GLY C 727 -21.53 24.55 -7.20
N GLN C 728 -20.70 23.83 -7.95
CA GLN C 728 -19.36 24.28 -8.25
C GLN C 728 -19.36 25.00 -9.60
N GLY C 729 -20.01 26.16 -9.60
CA GLY C 729 -20.04 27.02 -10.76
C GLY C 729 -21.04 26.64 -11.81
N ASP C 730 -22.33 26.69 -11.48
CA ASP C 730 -23.40 26.53 -12.46
C ASP C 730 -24.41 27.64 -12.23
N VAL C 731 -24.49 28.58 -13.16
CA VAL C 731 -25.41 29.71 -13.05
C VAL C 731 -26.76 29.28 -13.59
N VAL C 732 -27.81 29.43 -12.78
CA VAL C 732 -29.15 29.04 -13.17
C VAL C 732 -30.13 30.11 -12.72
N LEU C 733 -31.26 30.18 -13.41
CA LEU C 733 -32.34 31.07 -13.04
C LEU C 733 -33.24 30.35 -12.03
N VAL C 734 -33.46 30.97 -10.88
CA VAL C 734 -34.19 30.34 -9.79
C VAL C 734 -35.30 31.29 -9.32
N MET C 735 -36.33 30.68 -8.75
CA MET C 735 -37.46 31.39 -8.18
C MET C 735 -37.82 30.74 -6.86
N LYS C 736 -38.46 31.51 -5.98
CA LYS C 736 -38.95 30.96 -4.72
C LYS C 736 -40.20 30.12 -4.96
N ARG C 737 -40.37 29.09 -4.12
CA ARG C 737 -41.47 28.16 -4.28
C ARG C 737 -42.78 28.80 -3.86
N LYS C 738 -43.43 29.50 -4.78
CA LYS C 738 -44.74 30.07 -4.50
C LYS C 738 -45.83 29.04 -4.74
N ARG C 739 -46.91 29.14 -3.95
CA ARG C 739 -48.02 28.21 -4.02
C ARG C 739 -47.56 26.77 -3.76
N ASP C 740 -47.07 26.55 -2.55
CA ASP C 740 -46.64 25.23 -2.12
C ASP C 740 -47.78 24.23 -2.28
MG MG D . 2.36 -23.81 2.37
#